data_2HYJ
# 
_entry.id   2HYJ 
# 
_audit_conform.dict_name       mmcif_pdbx.dic 
_audit_conform.dict_version    5.399 
_audit_conform.dict_location   http://mmcif.pdb.org/dictionaries/ascii/mmcif_pdbx.dic 
# 
loop_
_database_2.database_id 
_database_2.database_code 
_database_2.pdbx_database_accession 
_database_2.pdbx_DOI 
PDB   2HYJ         pdb_00002hyj 10.2210/pdb2hyj/pdb 
RCSB  RCSB038912   ?            ?                   
WWPDB D_1000038912 ?            ?                   
# 
loop_
_pdbx_audit_revision_history.ordinal 
_pdbx_audit_revision_history.data_content_type 
_pdbx_audit_revision_history.major_revision 
_pdbx_audit_revision_history.minor_revision 
_pdbx_audit_revision_history.revision_date 
1 'Structure model' 1 0 2006-09-05 
2 'Structure model' 1 1 2008-05-01 
3 'Structure model' 1 2 2011-07-13 
4 'Structure model' 1 3 2024-12-25 
# 
_pdbx_audit_revision_details.ordinal             1 
_pdbx_audit_revision_details.revision_ordinal    1 
_pdbx_audit_revision_details.data_content_type   'Structure model' 
_pdbx_audit_revision_details.provider            repository 
_pdbx_audit_revision_details.type                'Initial release' 
_pdbx_audit_revision_details.description         ? 
_pdbx_audit_revision_details.details             ? 
# 
loop_
_pdbx_audit_revision_group.ordinal 
_pdbx_audit_revision_group.revision_ordinal 
_pdbx_audit_revision_group.data_content_type 
_pdbx_audit_revision_group.group 
1  2 'Structure model' 'Version format compliance' 
2  3 'Structure model' Advisory                    
3  3 'Structure model' 'Derived calculations'      
4  3 'Structure model' 'Source and taxonomy'       
5  3 'Structure model' 'Version format compliance' 
6  4 'Structure model' Advisory                    
7  4 'Structure model' 'Data collection'           
8  4 'Structure model' 'Database references'       
9  4 'Structure model' 'Derived calculations'      
10 4 'Structure model' 'Structure summary'         
# 
loop_
_pdbx_audit_revision_category.ordinal 
_pdbx_audit_revision_category.revision_ordinal 
_pdbx_audit_revision_category.data_content_type 
_pdbx_audit_revision_category.category 
1 4 'Structure model' chem_comp_atom              
2 4 'Structure model' chem_comp_bond              
3 4 'Structure model' database_2                  
4 4 'Structure model' pdbx_entry_details          
5 4 'Structure model' pdbx_struct_conn_angle      
6 4 'Structure model' pdbx_validate_close_contact 
7 4 'Structure model' struct_conn                 
8 4 'Structure model' struct_conn_type            
9 4 'Structure model' struct_site                 
# 
loop_
_pdbx_audit_revision_item.ordinal 
_pdbx_audit_revision_item.revision_ordinal 
_pdbx_audit_revision_item.data_content_type 
_pdbx_audit_revision_item.item 
1  4 'Structure model' '_database_2.pdbx_DOI'                      
2  4 'Structure model' '_database_2.pdbx_database_accession'       
3  4 'Structure model' '_pdbx_struct_conn_angle.ptnr1_auth_seq_id' 
4  4 'Structure model' '_pdbx_struct_conn_angle.ptnr1_symmetry'    
5  4 'Structure model' '_pdbx_struct_conn_angle.ptnr3_auth_seq_id' 
6  4 'Structure model' '_pdbx_struct_conn_angle.ptnr3_symmetry'    
7  4 'Structure model' '_pdbx_struct_conn_angle.value'             
8  4 'Structure model' '_struct_site.pdbx_auth_asym_id'            
9  4 'Structure model' '_struct_site.pdbx_auth_comp_id'            
10 4 'Structure model' '_struct_site.pdbx_auth_seq_id'             
# 
_pdbx_database_status.status_code                     REL 
_pdbx_database_status.entry_id                        2HYJ 
_pdbx_database_status.recvd_initial_deposition_date   2006-08-06 
_pdbx_database_status.deposit_site                    RCSB 
_pdbx_database_status.process_site                    RCSB 
_pdbx_database_status.status_code_sf                  REL 
_pdbx_database_status.status_code_mr                  ? 
_pdbx_database_status.SG_entry                        Y 
_pdbx_database_status.pdb_format_compatible           Y 
_pdbx_database_status.status_code_cs                  ? 
_pdbx_database_status.status_code_nmr_data            ? 
_pdbx_database_status.methods_development_category    ? 
# 
_pdbx_database_related.db_name        TargetDB 
_pdbx_database_related.db_id          APC6243 
_pdbx_database_related.details        . 
_pdbx_database_related.content_type   unspecified 
# 
loop_
_audit_author.name 
_audit_author.pdbx_ordinal 
'Zhang, R.'                                     1 
'Xu, X.'                                        2 
'Zheng, H.'                                     3 
'Savchenko, A.'                                 4 
'Edwards, A.'                                   5 
'Joachimiak, A.'                                6 
'Midwest Center for Structural Genomics (MCSG)' 7 
# 
_citation.id                        primary 
_citation.title                     'The crystal structure of a tetR-family transcriptional regulator from Streptomyces coelicolor' 
_citation.journal_abbrev            'To be Published' 
_citation.journal_volume            ? 
_citation.page_first                ? 
_citation.page_last                 ? 
_citation.year                      2006 
_citation.journal_id_ASTM           ? 
_citation.country                   ? 
_citation.journal_id_ISSN           ? 
_citation.journal_id_CSD            0353 
_citation.book_publisher            ? 
_citation.pdbx_database_id_PubMed   ? 
_citation.pdbx_database_id_DOI      ? 
# 
loop_
_citation_author.citation_id 
_citation_author.name 
_citation_author.ordinal 
_citation_author.identifier_ORCID 
primary 'Zhang, R.'      1 ? 
primary 'Xu, X.'         2 ? 
primary 'Zheng, H.'      3 ? 
primary 'Savchenko, A.'  4 ? 
primary 'Edwards, A.'    5 ? 
primary 'Joachimiak, A.' 6 ? 
# 
loop_
_entity.id 
_entity.type 
_entity.src_method 
_entity.pdbx_description 
_entity.formula_weight 
_entity.pdbx_number_of_molecules 
_entity.pdbx_ec 
_entity.pdbx_mutation 
_entity.pdbx_fragment 
_entity.details 
1 polymer     man 'Putative tetR-family transcriptional regulator' 21766.691 1   ? ? 'HTH DNA binding motif' ? 
2 non-polymer syn 'CALCIUM ION'                                    40.078    1   ? ? ?                       ? 
3 non-polymer syn 'SULFATE ION'                                    96.063    1   ? ? ?                       ? 
4 water       nat water                                            18.015    127 ? ? ?                       ? 
# 
_entity_poly.entity_id                      1 
_entity_poly.type                           'polypeptide(L)' 
_entity_poly.nstd_linkage                   no 
_entity_poly.nstd_monomer                   no 
_entity_poly.pdbx_seq_one_letter_code       
;MSPRRSAAEAQATRGRILGRAAEIASEEGLDGITIGRLAEELEMSKSGVHKHFGTKETLQISTLDKAFVDFWHRVVEPAL
AEPPGLRRLRAVCANSVGYLEEPLLPGGCLLTAALSEYDGRPGRVRDAVAEVWSRWREQLRADLTAAVDKGELPAGFDVE
QALFEIVAAGLALNAAMQLQHDRTAADRARRAIERALAQS
;
_entity_poly.pdbx_seq_one_letter_code_can   
;MSPRRSAAEAQATRGRILGRAAEIASEEGLDGITIGRLAEELEMSKSGVHKHFGTKETLQISTLDKAFVDFWHRVVEPAL
AEPPGLRRLRAVCANSVGYLEEPLLPGGCLLTAALSEYDGRPGRVRDAVAEVWSRWREQLRADLTAAVDKGELPAGFDVE
QALFEIVAAGLALNAAMQLQHDRTAADRARRAIERALAQS
;
_entity_poly.pdbx_strand_id                 A 
_entity_poly.pdbx_target_identifier         APC6243 
# 
loop_
_pdbx_entity_nonpoly.entity_id 
_pdbx_entity_nonpoly.name 
_pdbx_entity_nonpoly.comp_id 
2 'CALCIUM ION' CA  
3 'SULFATE ION' SO4 
4 water         HOH 
# 
loop_
_entity_poly_seq.entity_id 
_entity_poly_seq.num 
_entity_poly_seq.mon_id 
_entity_poly_seq.hetero 
1 1   MET n 
1 2   SER n 
1 3   PRO n 
1 4   ARG n 
1 5   ARG n 
1 6   SER n 
1 7   ALA n 
1 8   ALA n 
1 9   GLU n 
1 10  ALA n 
1 11  GLN n 
1 12  ALA n 
1 13  THR n 
1 14  ARG n 
1 15  GLY n 
1 16  ARG n 
1 17  ILE n 
1 18  LEU n 
1 19  GLY n 
1 20  ARG n 
1 21  ALA n 
1 22  ALA n 
1 23  GLU n 
1 24  ILE n 
1 25  ALA n 
1 26  SER n 
1 27  GLU n 
1 28  GLU n 
1 29  GLY n 
1 30  LEU n 
1 31  ASP n 
1 32  GLY n 
1 33  ILE n 
1 34  THR n 
1 35  ILE n 
1 36  GLY n 
1 37  ARG n 
1 38  LEU n 
1 39  ALA n 
1 40  GLU n 
1 41  GLU n 
1 42  LEU n 
1 43  GLU n 
1 44  MET n 
1 45  SER n 
1 46  LYS n 
1 47  SER n 
1 48  GLY n 
1 49  VAL n 
1 50  HIS n 
1 51  LYS n 
1 52  HIS n 
1 53  PHE n 
1 54  GLY n 
1 55  THR n 
1 56  LYS n 
1 57  GLU n 
1 58  THR n 
1 59  LEU n 
1 60  GLN n 
1 61  ILE n 
1 62  SER n 
1 63  THR n 
1 64  LEU n 
1 65  ASP n 
1 66  LYS n 
1 67  ALA n 
1 68  PHE n 
1 69  VAL n 
1 70  ASP n 
1 71  PHE n 
1 72  TRP n 
1 73  HIS n 
1 74  ARG n 
1 75  VAL n 
1 76  VAL n 
1 77  GLU n 
1 78  PRO n 
1 79  ALA n 
1 80  LEU n 
1 81  ALA n 
1 82  GLU n 
1 83  PRO n 
1 84  PRO n 
1 85  GLY n 
1 86  LEU n 
1 87  ARG n 
1 88  ARG n 
1 89  LEU n 
1 90  ARG n 
1 91  ALA n 
1 92  VAL n 
1 93  CYS n 
1 94  ALA n 
1 95  ASN n 
1 96  SER n 
1 97  VAL n 
1 98  GLY n 
1 99  TYR n 
1 100 LEU n 
1 101 GLU n 
1 102 GLU n 
1 103 PRO n 
1 104 LEU n 
1 105 LEU n 
1 106 PRO n 
1 107 GLY n 
1 108 GLY n 
1 109 CYS n 
1 110 LEU n 
1 111 LEU n 
1 112 THR n 
1 113 ALA n 
1 114 ALA n 
1 115 LEU n 
1 116 SER n 
1 117 GLU n 
1 118 TYR n 
1 119 ASP n 
1 120 GLY n 
1 121 ARG n 
1 122 PRO n 
1 123 GLY n 
1 124 ARG n 
1 125 VAL n 
1 126 ARG n 
1 127 ASP n 
1 128 ALA n 
1 129 VAL n 
1 130 ALA n 
1 131 GLU n 
1 132 VAL n 
1 133 TRP n 
1 134 SER n 
1 135 ARG n 
1 136 TRP n 
1 137 ARG n 
1 138 GLU n 
1 139 GLN n 
1 140 LEU n 
1 141 ARG n 
1 142 ALA n 
1 143 ASP n 
1 144 LEU n 
1 145 THR n 
1 146 ALA n 
1 147 ALA n 
1 148 VAL n 
1 149 ASP n 
1 150 LYS n 
1 151 GLY n 
1 152 GLU n 
1 153 LEU n 
1 154 PRO n 
1 155 ALA n 
1 156 GLY n 
1 157 PHE n 
1 158 ASP n 
1 159 VAL n 
1 160 GLU n 
1 161 GLN n 
1 162 ALA n 
1 163 LEU n 
1 164 PHE n 
1 165 GLU n 
1 166 ILE n 
1 167 VAL n 
1 168 ALA n 
1 169 ALA n 
1 170 GLY n 
1 171 LEU n 
1 172 ALA n 
1 173 LEU n 
1 174 ASN n 
1 175 ALA n 
1 176 ALA n 
1 177 MET n 
1 178 GLN n 
1 179 LEU n 
1 180 GLN n 
1 181 HIS n 
1 182 ASP n 
1 183 ARG n 
1 184 THR n 
1 185 ALA n 
1 186 ALA n 
1 187 ASP n 
1 188 ARG n 
1 189 ALA n 
1 190 ARG n 
1 191 ARG n 
1 192 ALA n 
1 193 ILE n 
1 194 GLU n 
1 195 ARG n 
1 196 ALA n 
1 197 LEU n 
1 198 ALA n 
1 199 GLN n 
1 200 SER n 
# 
_entity_src_gen.entity_id                          1 
_entity_src_gen.pdbx_src_id                        1 
_entity_src_gen.pdbx_alt_source_flag               sample 
_entity_src_gen.pdbx_seq_type                      ? 
_entity_src_gen.pdbx_beg_seq_num                   ? 
_entity_src_gen.pdbx_end_seq_num                   ? 
_entity_src_gen.gene_src_common_name               ? 
_entity_src_gen.gene_src_genus                     Streptomyces 
_entity_src_gen.pdbx_gene_src_gene                 GI:32141251 
_entity_src_gen.gene_src_species                   'Streptomyces coelicolor' 
_entity_src_gen.gene_src_strain                    'A3(2)' 
_entity_src_gen.gene_src_tissue                    ? 
_entity_src_gen.gene_src_tissue_fraction           ? 
_entity_src_gen.gene_src_details                   ? 
_entity_src_gen.pdbx_gene_src_fragment             ? 
_entity_src_gen.pdbx_gene_src_scientific_name      'Streptomyces coelicolor' 
_entity_src_gen.pdbx_gene_src_ncbi_taxonomy_id     100226 
_entity_src_gen.pdbx_gene_src_variant              ? 
_entity_src_gen.pdbx_gene_src_cell_line            ? 
_entity_src_gen.pdbx_gene_src_atcc                 ? 
_entity_src_gen.pdbx_gene_src_organ                ? 
_entity_src_gen.pdbx_gene_src_organelle            ? 
_entity_src_gen.pdbx_gene_src_cell                 ? 
_entity_src_gen.pdbx_gene_src_cellular_location    ? 
_entity_src_gen.host_org_common_name               ? 
_entity_src_gen.pdbx_host_org_scientific_name      'Escherichia coli BL21(DE3)' 
_entity_src_gen.pdbx_host_org_ncbi_taxonomy_id     469008 
_entity_src_gen.host_org_genus                     Escherichia 
_entity_src_gen.pdbx_host_org_gene                 ? 
_entity_src_gen.pdbx_host_org_organ                ? 
_entity_src_gen.host_org_species                   'Escherichia coli' 
_entity_src_gen.pdbx_host_org_tissue               ? 
_entity_src_gen.pdbx_host_org_tissue_fraction      ? 
_entity_src_gen.pdbx_host_org_strain               'BL21(DE3)' 
_entity_src_gen.pdbx_host_org_variant              ? 
_entity_src_gen.pdbx_host_org_cell_line            ? 
_entity_src_gen.pdbx_host_org_atcc                 ? 
_entity_src_gen.pdbx_host_org_culture_collection   ? 
_entity_src_gen.pdbx_host_org_cell                 ? 
_entity_src_gen.pdbx_host_org_organelle            ? 
_entity_src_gen.pdbx_host_org_cellular_location    ? 
_entity_src_gen.pdbx_host_org_vector_type          Plasmid 
_entity_src_gen.pdbx_host_org_vector               ? 
_entity_src_gen.host_org_details                   ? 
_entity_src_gen.expression_system_id               ? 
_entity_src_gen.plasmid_name                       pET15b 
_entity_src_gen.plasmid_details                    ? 
_entity_src_gen.pdbx_description                   ? 
# 
loop_
_chem_comp.id 
_chem_comp.type 
_chem_comp.mon_nstd_flag 
_chem_comp.name 
_chem_comp.pdbx_synonyms 
_chem_comp.formula 
_chem_comp.formula_weight 
ALA 'L-peptide linking' y ALANINE         ? 'C3 H7 N O2'     89.093  
ARG 'L-peptide linking' y ARGININE        ? 'C6 H15 N4 O2 1' 175.209 
ASN 'L-peptide linking' y ASPARAGINE      ? 'C4 H8 N2 O3'    132.118 
ASP 'L-peptide linking' y 'ASPARTIC ACID' ? 'C4 H7 N O4'     133.103 
CA  non-polymer         . 'CALCIUM ION'   ? 'Ca 2'           40.078  
CYS 'L-peptide linking' y CYSTEINE        ? 'C3 H7 N O2 S'   121.158 
GLN 'L-peptide linking' y GLUTAMINE       ? 'C5 H10 N2 O3'   146.144 
GLU 'L-peptide linking' y 'GLUTAMIC ACID' ? 'C5 H9 N O4'     147.129 
GLY 'peptide linking'   y GLYCINE         ? 'C2 H5 N O2'     75.067  
HIS 'L-peptide linking' y HISTIDINE       ? 'C6 H10 N3 O2 1' 156.162 
HOH non-polymer         . WATER           ? 'H2 O'           18.015  
ILE 'L-peptide linking' y ISOLEUCINE      ? 'C6 H13 N O2'    131.173 
LEU 'L-peptide linking' y LEUCINE         ? 'C6 H13 N O2'    131.173 
LYS 'L-peptide linking' y LYSINE          ? 'C6 H15 N2 O2 1' 147.195 
MET 'L-peptide linking' y METHIONINE      ? 'C5 H11 N O2 S'  149.211 
PHE 'L-peptide linking' y PHENYLALANINE   ? 'C9 H11 N O2'    165.189 
PRO 'L-peptide linking' y PROLINE         ? 'C5 H9 N O2'     115.130 
SER 'L-peptide linking' y SERINE          ? 'C3 H7 N O3'     105.093 
SO4 non-polymer         . 'SULFATE ION'   ? 'O4 S -2'        96.063  
THR 'L-peptide linking' y THREONINE       ? 'C4 H9 N O3'     119.119 
TRP 'L-peptide linking' y TRYPTOPHAN      ? 'C11 H12 N2 O2'  204.225 
TYR 'L-peptide linking' y TYROSINE        ? 'C9 H11 N O3'    181.189 
VAL 'L-peptide linking' y VALINE          ? 'C5 H11 N O2'    117.146 
# 
loop_
_pdbx_poly_seq_scheme.asym_id 
_pdbx_poly_seq_scheme.entity_id 
_pdbx_poly_seq_scheme.seq_id 
_pdbx_poly_seq_scheme.mon_id 
_pdbx_poly_seq_scheme.ndb_seq_num 
_pdbx_poly_seq_scheme.pdb_seq_num 
_pdbx_poly_seq_scheme.auth_seq_num 
_pdbx_poly_seq_scheme.pdb_mon_id 
_pdbx_poly_seq_scheme.auth_mon_id 
_pdbx_poly_seq_scheme.pdb_strand_id 
_pdbx_poly_seq_scheme.pdb_ins_code 
_pdbx_poly_seq_scheme.hetero 
A 1 1   MET 1   1   ?   ?   ?   A . n 
A 1 2   SER 2   2   ?   ?   ?   A . n 
A 1 3   PRO 3   3   ?   ?   ?   A . n 
A 1 4   ARG 4   4   ?   ?   ?   A . n 
A 1 5   ARG 5   5   ?   ?   ?   A . n 
A 1 6   SER 6   6   ?   ?   ?   A . n 
A 1 7   ALA 7   7   ?   ?   ?   A . n 
A 1 8   ALA 8   8   8   ALA ALA A . n 
A 1 9   GLU 9   9   9   GLU GLU A . n 
A 1 10  ALA 10  10  10  ALA ALA A . n 
A 1 11  GLN 11  11  11  GLN GLN A . n 
A 1 12  ALA 12  12  12  ALA ALA A . n 
A 1 13  THR 13  13  13  THR THR A . n 
A 1 14  ARG 14  14  14  ARG ARG A . n 
A 1 15  GLY 15  15  15  GLY GLY A . n 
A 1 16  ARG 16  16  16  ARG ARG A . n 
A 1 17  ILE 17  17  17  ILE ILE A . n 
A 1 18  LEU 18  18  18  LEU LEU A . n 
A 1 19  GLY 19  19  19  GLY GLY A . n 
A 1 20  ARG 20  20  20  ARG ARG A . n 
A 1 21  ALA 21  21  21  ALA ALA A . n 
A 1 22  ALA 22  22  22  ALA ALA A . n 
A 1 23  GLU 23  23  23  GLU GLU A . n 
A 1 24  ILE 24  24  24  ILE ILE A . n 
A 1 25  ALA 25  25  25  ALA ALA A . n 
A 1 26  SER 26  26  26  SER SER A . n 
A 1 27  GLU 27  27  27  GLU GLU A . n 
A 1 28  GLU 28  28  28  GLU GLU A . n 
A 1 29  GLY 29  29  29  GLY GLY A . n 
A 1 30  LEU 30  30  30  LEU LEU A . n 
A 1 31  ASP 31  31  31  ASP ASP A . n 
A 1 32  GLY 32  32  32  GLY GLY A . n 
A 1 33  ILE 33  33  33  ILE ILE A . n 
A 1 34  THR 34  34  34  THR THR A . n 
A 1 35  ILE 35  35  35  ILE ILE A . n 
A 1 36  GLY 36  36  36  GLY GLY A . n 
A 1 37  ARG 37  37  37  ARG ARG A . n 
A 1 38  LEU 38  38  38  LEU LEU A . n 
A 1 39  ALA 39  39  39  ALA ALA A . n 
A 1 40  GLU 40  40  40  GLU GLU A . n 
A 1 41  GLU 41  41  41  GLU GLU A . n 
A 1 42  LEU 42  42  42  LEU LEU A . n 
A 1 43  GLU 43  43  43  GLU GLU A . n 
A 1 44  MET 44  44  44  MET MET A . n 
A 1 45  SER 45  45  45  SER SER A . n 
A 1 46  LYS 46  46  46  LYS LYS A . n 
A 1 47  SER 47  47  47  SER SER A . n 
A 1 48  GLY 48  48  48  GLY GLY A . n 
A 1 49  VAL 49  49  49  VAL VAL A . n 
A 1 50  HIS 50  50  50  HIS HIS A . n 
A 1 51  LYS 51  51  51  LYS LYS A . n 
A 1 52  HIS 52  52  52  HIS HIS A . n 
A 1 53  PHE 53  53  53  PHE PHE A . n 
A 1 54  GLY 54  54  54  GLY GLY A . n 
A 1 55  THR 55  55  55  THR THR A . n 
A 1 56  LYS 56  56  56  LYS LYS A . n 
A 1 57  GLU 57  57  57  GLU GLU A . n 
A 1 58  THR 58  58  58  THR THR A . n 
A 1 59  LEU 59  59  59  LEU LEU A . n 
A 1 60  GLN 60  60  60  GLN GLN A . n 
A 1 61  ILE 61  61  61  ILE ILE A . n 
A 1 62  SER 62  62  62  SER SER A . n 
A 1 63  THR 63  63  63  THR THR A . n 
A 1 64  LEU 64  64  64  LEU LEU A . n 
A 1 65  ASP 65  65  65  ASP ASP A . n 
A 1 66  LYS 66  66  66  LYS LYS A . n 
A 1 67  ALA 67  67  67  ALA ALA A . n 
A 1 68  PHE 68  68  68  PHE PHE A . n 
A 1 69  VAL 69  69  69  VAL VAL A . n 
A 1 70  ASP 70  70  70  ASP ASP A . n 
A 1 71  PHE 71  71  71  PHE PHE A . n 
A 1 72  TRP 72  72  72  TRP TRP A . n 
A 1 73  HIS 73  73  73  HIS HIS A . n 
A 1 74  ARG 74  74  74  ARG ARG A . n 
A 1 75  VAL 75  75  75  VAL VAL A . n 
A 1 76  VAL 76  76  76  VAL VAL A . n 
A 1 77  GLU 77  77  77  GLU GLU A . n 
A 1 78  PRO 78  78  78  PRO PRO A . n 
A 1 79  ALA 79  79  79  ALA ALA A . n 
A 1 80  LEU 80  80  80  LEU LEU A . n 
A 1 81  ALA 81  81  81  ALA ALA A . n 
A 1 82  GLU 82  82  82  GLU GLU A . n 
A 1 83  PRO 83  83  83  PRO PRO A . n 
A 1 84  PRO 84  84  84  PRO PRO A . n 
A 1 85  GLY 85  85  85  GLY GLY A . n 
A 1 86  LEU 86  86  86  LEU LEU A . n 
A 1 87  ARG 87  87  87  ARG ARG A . n 
A 1 88  ARG 88  88  88  ARG ARG A . n 
A 1 89  LEU 89  89  89  LEU LEU A . n 
A 1 90  ARG 90  90  90  ARG ARG A . n 
A 1 91  ALA 91  91  91  ALA ALA A . n 
A 1 92  VAL 92  92  92  VAL VAL A . n 
A 1 93  CYS 93  93  93  CYS CYS A . n 
A 1 94  ALA 94  94  94  ALA ALA A . n 
A 1 95  ASN 95  95  95  ASN ASN A . n 
A 1 96  SER 96  96  96  SER SER A . n 
A 1 97  VAL 97  97  97  VAL VAL A . n 
A 1 98  GLY 98  98  98  GLY GLY A . n 
A 1 99  TYR 99  99  99  TYR TYR A . n 
A 1 100 LEU 100 100 100 LEU LEU A . n 
A 1 101 GLU 101 101 101 GLU GLU A . n 
A 1 102 GLU 102 102 102 GLU GLU A . n 
A 1 103 PRO 103 103 103 PRO PRO A . n 
A 1 104 LEU 104 104 104 LEU LEU A . n 
A 1 105 LEU 105 105 105 LEU LEU A . n 
A 1 106 PRO 106 106 106 PRO PRO A . n 
A 1 107 GLY 107 107 107 GLY GLY A . n 
A 1 108 GLY 108 108 108 GLY GLY A . n 
A 1 109 CYS 109 109 109 CYS CYS A . n 
A 1 110 LEU 110 110 110 LEU LEU A . n 
A 1 111 LEU 111 111 111 LEU LEU A . n 
A 1 112 THR 112 112 112 THR THR A . n 
A 1 113 ALA 113 113 113 ALA ALA A . n 
A 1 114 ALA 114 114 114 ALA ALA A . n 
A 1 115 LEU 115 115 115 LEU LEU A . n 
A 1 116 SER 116 116 116 SER SER A . n 
A 1 117 GLU 117 117 117 GLU GLU A . n 
A 1 118 TYR 118 118 118 TYR TYR A . n 
A 1 119 ASP 119 119 119 ASP ASP A . n 
A 1 120 GLY 120 120 120 GLY GLY A . n 
A 1 121 ARG 121 121 121 ARG ARG A . n 
A 1 122 PRO 122 122 122 PRO PRO A . n 
A 1 123 GLY 123 123 123 GLY GLY A . n 
A 1 124 ARG 124 124 124 ARG ARG A . n 
A 1 125 VAL 125 125 125 VAL VAL A . n 
A 1 126 ARG 126 126 126 ARG ARG A . n 
A 1 127 ASP 127 127 127 ASP ASP A . n 
A 1 128 ALA 128 128 128 ALA ALA A . n 
A 1 129 VAL 129 129 129 VAL VAL A . n 
A 1 130 ALA 130 130 130 ALA ALA A . n 
A 1 131 GLU 131 131 131 GLU GLU A . n 
A 1 132 VAL 132 132 132 VAL VAL A . n 
A 1 133 TRP 133 133 133 TRP TRP A . n 
A 1 134 SER 134 134 134 SER SER A . n 
A 1 135 ARG 135 135 135 ARG ARG A . n 
A 1 136 TRP 136 136 136 TRP TRP A . n 
A 1 137 ARG 137 137 137 ARG ARG A . n 
A 1 138 GLU 138 138 138 GLU GLU A . n 
A 1 139 GLN 139 139 139 GLN GLN A . n 
A 1 140 LEU 140 140 140 LEU LEU A . n 
A 1 141 ARG 141 141 141 ARG ARG A . n 
A 1 142 ALA 142 142 142 ALA ALA A . n 
A 1 143 ASP 143 143 143 ASP ASP A . n 
A 1 144 LEU 144 144 144 LEU LEU A . n 
A 1 145 THR 145 145 145 THR THR A . n 
A 1 146 ALA 146 146 146 ALA ALA A . n 
A 1 147 ALA 147 147 147 ALA ALA A . n 
A 1 148 VAL 148 148 148 VAL VAL A . n 
A 1 149 ASP 149 149 149 ASP ASP A . n 
A 1 150 LYS 150 150 150 LYS LYS A . n 
A 1 151 GLY 151 151 151 GLY GLY A . n 
A 1 152 GLU 152 152 152 GLU GLU A . n 
A 1 153 LEU 153 153 153 LEU LEU A . n 
A 1 154 PRO 154 154 154 PRO PRO A . n 
A 1 155 ALA 155 155 155 ALA ALA A . n 
A 1 156 GLY 156 156 156 GLY GLY A . n 
A 1 157 PHE 157 157 157 PHE PHE A . n 
A 1 158 ASP 158 158 158 ASP ASP A . n 
A 1 159 VAL 159 159 159 VAL VAL A . n 
A 1 160 GLU 160 160 160 GLU GLU A . n 
A 1 161 GLN 161 161 161 GLN GLN A . n 
A 1 162 ALA 162 162 162 ALA ALA A . n 
A 1 163 LEU 163 163 163 LEU LEU A . n 
A 1 164 PHE 164 164 164 PHE PHE A . n 
A 1 165 GLU 165 165 165 GLU GLU A . n 
A 1 166 ILE 166 166 166 ILE ILE A . n 
A 1 167 VAL 167 167 167 VAL VAL A . n 
A 1 168 ALA 168 168 168 ALA ALA A . n 
A 1 169 ALA 169 169 169 ALA ALA A . n 
A 1 170 GLY 170 170 170 GLY GLY A . n 
A 1 171 LEU 171 171 171 LEU LEU A . n 
A 1 172 ALA 172 172 172 ALA ALA A . n 
A 1 173 LEU 173 173 173 LEU LEU A . n 
A 1 174 ASN 174 174 174 ASN ASN A . n 
A 1 175 ALA 175 175 175 ALA ALA A . n 
A 1 176 ALA 176 176 176 ALA ALA A . n 
A 1 177 MET 177 177 177 MET MET A . n 
A 1 178 GLN 178 178 178 GLN GLN A . n 
A 1 179 LEU 179 179 179 LEU LEU A . n 
A 1 180 GLN 180 180 180 GLN GLN A . n 
A 1 181 HIS 181 181 181 HIS HIS A . n 
A 1 182 ASP 182 182 182 ASP ASP A . n 
A 1 183 ARG 183 183 183 ARG ARG A . n 
A 1 184 THR 184 184 184 THR THR A . n 
A 1 185 ALA 185 185 185 ALA ALA A . n 
A 1 186 ALA 186 186 186 ALA ALA A . n 
A 1 187 ASP 187 187 187 ASP ASP A . n 
A 1 188 ARG 188 188 188 ARG ARG A . n 
A 1 189 ALA 189 189 189 ALA ALA A . n 
A 1 190 ARG 190 190 190 ARG ARG A . n 
A 1 191 ARG 191 191 191 ARG ARG A . n 
A 1 192 ALA 192 192 192 ALA ALA A . n 
A 1 193 ILE 193 193 193 ILE ILE A . n 
A 1 194 GLU 194 194 194 GLU GLU A . n 
A 1 195 ARG 195 195 195 ARG ARG A . n 
A 1 196 ALA 196 196 196 ALA ALA A . n 
A 1 197 LEU 197 197 197 LEU LEU A . n 
A 1 198 ALA 198 198 198 ALA ALA A . n 
A 1 199 GLN 199 199 199 GLN GLN A . n 
A 1 200 SER 200 200 200 SER SER A . n 
# 
loop_
_pdbx_nonpoly_scheme.asym_id 
_pdbx_nonpoly_scheme.entity_id 
_pdbx_nonpoly_scheme.mon_id 
_pdbx_nonpoly_scheme.ndb_seq_num 
_pdbx_nonpoly_scheme.pdb_seq_num 
_pdbx_nonpoly_scheme.auth_seq_num 
_pdbx_nonpoly_scheme.pdb_mon_id 
_pdbx_nonpoly_scheme.auth_mon_id 
_pdbx_nonpoly_scheme.pdb_strand_id 
_pdbx_nonpoly_scheme.pdb_ins_code 
B 2 CA  1   201 1   CA  CA  A . 
C 3 SO4 1   202 1   SO4 SO4 A . 
D 4 HOH 1   203 1   HOH HOH A . 
D 4 HOH 2   204 2   HOH HOH A . 
D 4 HOH 3   205 3   HOH HOH A . 
D 4 HOH 4   206 4   HOH HOH A . 
D 4 HOH 5   207 5   HOH HOH A . 
D 4 HOH 6   208 6   HOH HOH A . 
D 4 HOH 7   209 7   HOH HOH A . 
D 4 HOH 8   210 8   HOH HOH A . 
D 4 HOH 9   211 9   HOH HOH A . 
D 4 HOH 10  212 10  HOH HOH A . 
D 4 HOH 11  213 11  HOH HOH A . 
D 4 HOH 12  214 12  HOH HOH A . 
D 4 HOH 13  215 13  HOH HOH A . 
D 4 HOH 14  216 14  HOH HOH A . 
D 4 HOH 15  217 15  HOH HOH A . 
D 4 HOH 16  218 16  HOH HOH A . 
D 4 HOH 17  219 17  HOH HOH A . 
D 4 HOH 18  220 4   HOH HOH A . 
D 4 HOH 19  221 19  HOH HOH A . 
D 4 HOH 20  222 20  HOH HOH A . 
D 4 HOH 21  223 21  HOH HOH A . 
D 4 HOH 22  224 22  HOH HOH A . 
D 4 HOH 23  225 23  HOH HOH A . 
D 4 HOH 24  226 24  HOH HOH A . 
D 4 HOH 25  227 25  HOH HOH A . 
D 4 HOH 26  228 26  HOH HOH A . 
D 4 HOH 27  229 27  HOH HOH A . 
D 4 HOH 28  230 28  HOH HOH A . 
D 4 HOH 29  231 29  HOH HOH A . 
D 4 HOH 30  232 30  HOH HOH A . 
D 4 HOH 31  233 31  HOH HOH A . 
D 4 HOH 32  234 32  HOH HOH A . 
D 4 HOH 33  235 33  HOH HOH A . 
D 4 HOH 34  236 34  HOH HOH A . 
D 4 HOH 35  237 5   HOH HOH A . 
D 4 HOH 36  238 36  HOH HOH A . 
D 4 HOH 37  239 37  HOH HOH A . 
D 4 HOH 38  240 38  HOH HOH A . 
D 4 HOH 39  241 39  HOH HOH A . 
D 4 HOH 40  242 40  HOH HOH A . 
D 4 HOH 41  243 6   HOH HOH A . 
D 4 HOH 42  244 42  HOH HOH A . 
D 4 HOH 43  245 43  HOH HOH A . 
D 4 HOH 44  246 44  HOH HOH A . 
D 4 HOH 45  247 45  HOH HOH A . 
D 4 HOH 46  248 7   HOH HOH A . 
D 4 HOH 47  249 47  HOH HOH A . 
D 4 HOH 48  250 48  HOH HOH A . 
D 4 HOH 49  251 49  HOH HOH A . 
D 4 HOH 50  252 9   HOH HOH A . 
D 4 HOH 51  253 51  HOH HOH A . 
D 4 HOH 52  254 52  HOH HOH A . 
D 4 HOH 53  255 53  HOH HOH A . 
D 4 HOH 54  256 54  HOH HOH A . 
D 4 HOH 55  257 55  HOH HOH A . 
D 4 HOH 56  258 56  HOH HOH A . 
D 4 HOH 57  259 57  HOH HOH A . 
D 4 HOH 58  260 58  HOH HOH A . 
D 4 HOH 59  261 59  HOH HOH A . 
D 4 HOH 60  262 60  HOH HOH A . 
D 4 HOH 61  263 11  HOH HOH A . 
D 4 HOH 62  264 62  HOH HOH A . 
D 4 HOH 63  265 63  HOH HOH A . 
D 4 HOH 64  266 64  HOH HOH A . 
D 4 HOH 65  267 65  HOH HOH A . 
D 4 HOH 66  268 66  HOH HOH A . 
D 4 HOH 67  269 67  HOH HOH A . 
D 4 HOH 68  270 68  HOH HOH A . 
D 4 HOH 69  271 69  HOH HOH A . 
D 4 HOH 70  272 70  HOH HOH A . 
D 4 HOH 71  273 71  HOH HOH A . 
D 4 HOH 72  274 72  HOH HOH A . 
D 4 HOH 73  275 73  HOH HOH A . 
D 4 HOH 74  276 74  HOH HOH A . 
D 4 HOH 75  277 75  HOH HOH A . 
D 4 HOH 76  278 76  HOH HOH A . 
D 4 HOH 77  279 77  HOH HOH A . 
D 4 HOH 78  280 78  HOH HOH A . 
D 4 HOH 79  281 79  HOH HOH A . 
D 4 HOH 80  282 80  HOH HOH A . 
D 4 HOH 81  283 12  HOH HOH A . 
D 4 HOH 82  284 82  HOH HOH A . 
D 4 HOH 83  285 83  HOH HOH A . 
D 4 HOH 84  286 84  HOH HOH A . 
D 4 HOH 85  287 85  HOH HOH A . 
D 4 HOH 86  288 86  HOH HOH A . 
D 4 HOH 87  289 87  HOH HOH A . 
D 4 HOH 88  290 88  HOH HOH A . 
D 4 HOH 89  291 89  HOH HOH A . 
D 4 HOH 90  292 90  HOH HOH A . 
D 4 HOH 91  293 91  HOH HOH A . 
D 4 HOH 92  294 92  HOH HOH A . 
D 4 HOH 93  295 13  HOH HOH A . 
D 4 HOH 94  296 14  HOH HOH A . 
D 4 HOH 95  297 95  HOH HOH A . 
D 4 HOH 96  298 96  HOH HOH A . 
D 4 HOH 97  299 97  HOH HOH A . 
D 4 HOH 98  300 98  HOH HOH A . 
D 4 HOH 99  301 99  HOH HOH A . 
D 4 HOH 100 302 100 HOH HOH A . 
D 4 HOH 101 303 101 HOH HOH A . 
D 4 HOH 102 304 102 HOH HOH A . 
D 4 HOH 103 305 103 HOH HOH A . 
D 4 HOH 104 306 104 HOH HOH A . 
D 4 HOH 105 307 105 HOH HOH A . 
D 4 HOH 106 308 106 HOH HOH A . 
D 4 HOH 107 309 107 HOH HOH A . 
D 4 HOH 108 310 16  HOH HOH A . 
D 4 HOH 109 311 109 HOH HOH A . 
D 4 HOH 110 312 17  HOH HOH A . 
D 4 HOH 111 313 111 HOH HOH A . 
D 4 HOH 112 314 112 HOH HOH A . 
D 4 HOH 113 315 20  HOH HOH A . 
D 4 HOH 114 316 114 HOH HOH A . 
D 4 HOH 115 317 115 HOH HOH A . 
D 4 HOH 116 318 116 HOH HOH A . 
D 4 HOH 117 319 117 HOH HOH A . 
D 4 HOH 118 320 21  HOH HOH A . 
D 4 HOH 119 321 119 HOH HOH A . 
D 4 HOH 120 322 22  HOH HOH A . 
D 4 HOH 121 323 121 HOH HOH A . 
D 4 HOH 122 324 23  HOH HOH A . 
D 4 HOH 123 325 24  HOH HOH A . 
D 4 HOH 124 326 25  HOH HOH A . 
D 4 HOH 125 327 27  HOH HOH A . 
D 4 HOH 126 328 28  HOH HOH A . 
D 4 HOH 127 329 32  HOH HOH A . 
# 
loop_
_software.name 
_software.classification 
_software.version 
_software.citation_id 
_software.pdbx_ordinal 
REFMAC      refinement        5.2.0019 ? 1 
SBC-Collect 'data collection' .        ? 2 
HKL-2000    'data reduction'  .        ? 3 
HKL-2000    'data scaling'    .        ? 4 
HKL-3000    phasing           .        ? 5 
SHELXE      'model building'  .        ? 6 
SOLVE       phasing           .        ? 7 
RESOLVE     phasing           .        ? 8 
ARP/wARP    'model building'  .        ? 9 
# 
_cell.entry_id           2HYJ 
_cell.length_a           32.864 
_cell.length_b           82.678 
_cell.length_c           178.933 
_cell.angle_alpha        90.00 
_cell.angle_beta         90.00 
_cell.angle_gamma        90.00 
_cell.Z_PDB              8 
_cell.pdbx_unique_axis   ? 
_cell.length_a_esd       ? 
_cell.length_b_esd       ? 
_cell.length_c_esd       ? 
_cell.angle_alpha_esd    ? 
_cell.angle_beta_esd     ? 
_cell.angle_gamma_esd    ? 
# 
_symmetry.entry_id                         2HYJ 
_symmetry.space_group_name_H-M             'I 2 2 2' 
_symmetry.pdbx_full_space_group_name_H-M   ? 
_symmetry.cell_setting                     ? 
_symmetry.Int_Tables_number                23 
_symmetry.space_group_name_Hall            ? 
# 
_exptl.entry_id          2HYJ 
_exptl.method            'X-RAY DIFFRACTION' 
_exptl.crystals_number   1 
# 
_exptl_crystal.id                    1 
_exptl_crystal.density_meas          ? 
_exptl_crystal.density_Matthews      2.79 
_exptl_crystal.density_percent_sol   55.93 
_exptl_crystal.description           ? 
_exptl_crystal.F_000                 ? 
_exptl_crystal.preparation           ? 
# 
_exptl_crystal_grow.crystal_id      1 
_exptl_crystal_grow.method          'VAPOR DIFFUSION, HANGING DROP' 
_exptl_crystal_grow.temp            298 
_exptl_crystal_grow.temp_details    ? 
_exptl_crystal_grow.pH              7.5 
_exptl_crystal_grow.pdbx_details    
'0.1M Na Hepes, 0.2M Calcium chloride, 28% PEG400, pH 7.5, VAPOR DIFFUSION, HANGING DROP, temperature 298K' 
_exptl_crystal_grow.pdbx_pH_range   . 
# 
_diffrn.id                     1 
_diffrn.ambient_temp           100 
_diffrn.ambient_temp_details   ? 
_diffrn.crystal_id             1 
# 
_diffrn_detector.diffrn_id              1 
_diffrn_detector.detector               CCD 
_diffrn_detector.type                   'ADSC QUANTUM 315' 
_diffrn_detector.pdbx_collection_date   2006-08-04 
_diffrn_detector.details                mirrors 
# 
_diffrn_radiation.diffrn_id                        1 
_diffrn_radiation.wavelength_id                    1 
_diffrn_radiation.pdbx_monochromatic_or_laue_m_l   M 
_diffrn_radiation.monochromator                    'Si 111 channel' 
_diffrn_radiation.pdbx_diffrn_protocol             'SINGLE WAVELENGTH' 
_diffrn_radiation.pdbx_scattering_type             x-ray 
# 
_diffrn_radiation_wavelength.id           1 
_diffrn_radiation_wavelength.wavelength   0.97980 
_diffrn_radiation_wavelength.wt           1.0 
# 
_diffrn_source.diffrn_id                   1 
_diffrn_source.source                      SYNCHROTRON 
_diffrn_source.type                        'APS BEAMLINE 19-ID' 
_diffrn_source.pdbx_synchrotron_site       APS 
_diffrn_source.pdbx_synchrotron_beamline   19-ID 
_diffrn_source.pdbx_wavelength             ? 
_diffrn_source.pdbx_wavelength_list        0.97980 
# 
_reflns.entry_id                     2HYJ 
_reflns.observed_criterion_sigma_F   ? 
_reflns.observed_criterion_sigma_I   2.0 
_reflns.d_resolution_high            2.19 
_reflns.d_resolution_low             89.4 
_reflns.number_all                   12463 
_reflns.number_obs                   12388 
_reflns.percent_possible_obs         99.43 
_reflns.pdbx_Rmerge_I_obs            0.122 
_reflns.pdbx_Rsym_value              ? 
_reflns.pdbx_netI_over_sigmaI        18.04 
_reflns.B_iso_Wilson_estimate        38 
_reflns.pdbx_redundancy              8.9 
_reflns.R_free_details               ? 
_reflns.limit_h_max                  ? 
_reflns.limit_h_min                  ? 
_reflns.limit_k_max                  ? 
_reflns.limit_k_min                  ? 
_reflns.limit_l_max                  ? 
_reflns.limit_l_min                  ? 
_reflns.observed_criterion_F_max     ? 
_reflns.observed_criterion_F_min     ? 
_reflns.pdbx_chi_squared             ? 
_reflns.pdbx_scaling_rejects         ? 
_reflns.pdbx_ordinal                 1 
_reflns.pdbx_diffrn_id               1 
# 
_reflns_shell.d_res_high             2.19 
_reflns_shell.d_res_low              2.25 
_reflns_shell.percent_possible_all   99.7 
_reflns_shell.Rmerge_I_obs           0.56 
_reflns_shell.pdbx_Rsym_value        ? 
_reflns_shell.meanI_over_sigI_obs    2.2 
_reflns_shell.pdbx_redundancy        7.0 
_reflns_shell.percent_possible_obs   ? 
_reflns_shell.number_unique_all      924 
_reflns_shell.number_measured_all    ? 
_reflns_shell.number_measured_obs    ? 
_reflns_shell.number_unique_obs      ? 
_reflns_shell.pdbx_chi_squared       ? 
_reflns_shell.pdbx_ordinal           1 
_reflns_shell.pdbx_diffrn_id         1 
# 
_refine.entry_id                                 2HYJ 
_refine.ls_number_reflns_obs                     12388 
_refine.ls_number_reflns_all                     12463 
_refine.pdbx_ls_sigma_I                          2 
_refine.pdbx_ls_sigma_F                          0 
_refine.pdbx_data_cutoff_high_absF               ? 
_refine.pdbx_data_cutoff_low_absF                ? 
_refine.pdbx_data_cutoff_high_rms_absF           ? 
_refine.ls_d_res_low                             44.7 
_refine.ls_d_res_high                            2.19 
_refine.ls_percent_reflns_obs                    99.43 
_refine.ls_R_factor_obs                          0.1939 
_refine.ls_R_factor_all                          ? 
_refine.ls_R_factor_R_work                       0.1913 
_refine.ls_R_factor_R_free                       0.2469 
_refine.ls_R_factor_R_free_error                 ? 
_refine.ls_R_factor_R_free_error_details         ? 
_refine.ls_percent_reflns_R_free                 4.9 
_refine.ls_number_reflns_R_free                  635 
_refine.ls_number_parameters                     ? 
_refine.ls_number_restraints                     ? 
_refine.occupancy_min                            ? 
_refine.occupancy_max                            ? 
_refine.correlation_coeff_Fo_to_Fc               0.948 
_refine.correlation_coeff_Fo_to_Fc_free          0.913 
_refine.B_iso_mean                               37.136 
_refine.aniso_B[1][1]                            1.18 
_refine.aniso_B[2][2]                            -0.34 
_refine.aniso_B[3][3]                            -0.84 
_refine.aniso_B[1][2]                            0.00 
_refine.aniso_B[1][3]                            0.00 
_refine.aniso_B[2][3]                            0.00 
_refine.solvent_model_details                    MASK 
_refine.solvent_model_param_ksol                 ? 
_refine.solvent_model_param_bsol                 ? 
_refine.pdbx_solvent_vdw_probe_radii             1.20 
_refine.pdbx_solvent_ion_probe_radii             0.80 
_refine.pdbx_solvent_shrinkage_radii             0.80 
_refine.pdbx_ls_cross_valid_method               THROUGHOUT 
_refine.details                                  'HYDROGENS HAVE BEEN ADDED IN THE RIDING POSITIONS' 
_refine.pdbx_starting_model                      ? 
_refine.pdbx_method_to_determine_struct          SAD 
_refine.pdbx_isotropic_thermal_model             ? 
_refine.pdbx_stereochemistry_target_values       'MAXIMUM LIKELIHOOD' 
_refine.pdbx_stereochem_target_val_spec_case     ? 
_refine.pdbx_R_Free_selection_details            RANDOM 
_refine.pdbx_overall_ESU_R                       0.222 
_refine.pdbx_overall_ESU_R_Free                  0.198 
_refine.overall_SU_ML                            0.129 
_refine.overall_SU_B                             9.673 
_refine.ls_redundancy_reflns_obs                 ? 
_refine.B_iso_min                                ? 
_refine.B_iso_max                                ? 
_refine.overall_SU_R_Cruickshank_DPI             ? 
_refine.overall_SU_R_free                        ? 
_refine.ls_wR_factor_R_free                      ? 
_refine.ls_wR_factor_R_work                      ? 
_refine.overall_FOM_free_R_set                   ? 
_refine.overall_FOM_work_R_set                   ? 
_refine.pdbx_refine_id                           'X-RAY DIFFRACTION' 
_refine.pdbx_TLS_residual_ADP_flag               'LIKELY RESIDUAL' 
_refine.pdbx_diffrn_id                           1 
_refine.pdbx_overall_phase_error                 ? 
_refine.pdbx_overall_SU_R_free_Cruickshank_DPI   ? 
_refine.pdbx_overall_SU_R_Blow_DPI               ? 
_refine.pdbx_overall_SU_R_free_Blow_DPI          ? 
# 
_refine_analyze.entry_id                        2HYJ 
_refine_analyze.Luzzati_coordinate_error_obs    0.035 
_refine_analyze.Luzzati_sigma_a_obs             0.32 
_refine_analyze.Luzzati_d_res_low_obs           6.0 
_refine_analyze.Luzzati_coordinate_error_free   0.042 
_refine_analyze.Luzzati_sigma_a_free            0.5 
_refine_analyze.Luzzati_d_res_low_free          ? 
_refine_analyze.number_disordered_residues      ? 
_refine_analyze.occupancy_sum_non_hydrogen      ? 
_refine_analyze.occupancy_sum_hydrogen          ? 
_refine_analyze.pdbx_Luzzati_d_res_high_obs     ? 
_refine_analyze.pdbx_refine_id                  'X-RAY DIFFRACTION' 
# 
_refine_hist.pdbx_refine_id                   'X-RAY DIFFRACTION' 
_refine_hist.cycle_id                         LAST 
_refine_hist.pdbx_number_atoms_protein        1474 
_refine_hist.pdbx_number_atoms_nucleic_acid   0 
_refine_hist.pdbx_number_atoms_ligand         6 
_refine_hist.number_atoms_solvent             127 
_refine_hist.number_atoms_total               1607 
_refine_hist.d_res_high                       2.19 
_refine_hist.d_res_low                        44.7 
# 
loop_
_refine_ls_restr.type 
_refine_ls_restr.dev_ideal 
_refine_ls_restr.dev_ideal_target 
_refine_ls_restr.weight 
_refine_ls_restr.number 
_refine_ls_restr.pdbx_refine_id 
_refine_ls_restr.pdbx_restraint_function 
r_bond_refined_d             0.011  0.021  ? 1501 'X-RAY DIFFRACTION' ? 
r_angle_refined_deg          1.289  1.969  ? 2031 'X-RAY DIFFRACTION' ? 
r_dihedral_angle_1_deg       4.972  5.000  ? 192  'X-RAY DIFFRACTION' ? 
r_dihedral_angle_2_deg       33.138 22.676 ? 71   'X-RAY DIFFRACTION' ? 
r_dihedral_angle_3_deg       15.561 15.000 ? 251  'X-RAY DIFFRACTION' ? 
r_dihedral_angle_4_deg       18.117 15.000 ? 19   'X-RAY DIFFRACTION' ? 
r_chiral_restr               0.094  0.200  ? 227  'X-RAY DIFFRACTION' ? 
r_gen_planes_refined         0.004  0.020  ? 1148 'X-RAY DIFFRACTION' ? 
r_nbd_refined                0.216  0.200  ? 722  'X-RAY DIFFRACTION' ? 
r_nbtor_refined              0.296  0.200  ? 1043 'X-RAY DIFFRACTION' ? 
r_xyhbond_nbd_refined        0.178  0.200  ? 107  'X-RAY DIFFRACTION' ? 
r_metal_ion_refined          0.020  0.200  ? 1    'X-RAY DIFFRACTION' ? 
r_symmetry_vdw_refined       0.171  0.200  ? 67   'X-RAY DIFFRACTION' ? 
r_symmetry_hbond_refined     0.181  0.200  ? 26   'X-RAY DIFFRACTION' ? 
r_symmetry_metal_ion_refined 0.479  0.200  ? 2    'X-RAY DIFFRACTION' ? 
r_mcbond_it                  0.717  1.500  ? 986  'X-RAY DIFFRACTION' ? 
r_mcangle_it                 1.219  2.000  ? 1509 'X-RAY DIFFRACTION' ? 
r_scbond_it                  2.351  3.000  ? 578  'X-RAY DIFFRACTION' ? 
r_scangle_it                 3.836  4.500  ? 522  'X-RAY DIFFRACTION' ? 
# 
_refine_ls_shell.pdbx_total_number_of_bins_used   20 
_refine_ls_shell.d_res_high                       2.19 
_refine_ls_shell.d_res_low                        2.25 
_refine_ls_shell.number_reflns_R_work             824 
_refine_ls_shell.R_factor_R_work                  0.21 
_refine_ls_shell.percent_reflns_obs               92.86 
_refine_ls_shell.R_factor_R_free                  0.325 
_refine_ls_shell.R_factor_R_free_error            ? 
_refine_ls_shell.percent_reflns_R_free            ? 
_refine_ls_shell.number_reflns_R_free             34 
_refine_ls_shell.number_reflns_all                ? 
_refine_ls_shell.R_factor_all                     ? 
_refine_ls_shell.number_reflns_obs                858 
_refine_ls_shell.redundancy_reflns_obs            ? 
_refine_ls_shell.pdbx_refine_id                   'X-RAY DIFFRACTION' 
# 
_struct.entry_id                  2HYJ 
_struct.title                     'The crystal structure of a tetR-family transcriptional regulator from Streptomyces coelicolor' 
_struct.pdbx_model_details        ? 
_struct.pdbx_CASP_flag            ? 
_struct.pdbx_model_type_details   ? 
# 
_struct_keywords.entry_id        2HYJ 
_struct_keywords.pdbx_keywords   TRANSCRIPTION 
_struct_keywords.text            
;tetR, HTH DNA binding motif, Structural Genomics, PSI-2, Protein Structure Initiative, Midwest Center for Structural Genomics, MCSG, TRANSCRIPTION
;
# 
loop_
_struct_asym.id 
_struct_asym.pdbx_blank_PDB_chainid_flag 
_struct_asym.pdbx_modified 
_struct_asym.entity_id 
_struct_asym.details 
A N N 1 ? 
B N N 2 ? 
C N N 3 ? 
D N N 4 ? 
# 
_struct_ref.id                         1 
_struct_ref.db_name                    UNP 
_struct_ref.db_code                    Q8CJS4_STRCO 
_struct_ref.pdbx_db_accession          Q8CJS4 
_struct_ref.entity_id                  1 
_struct_ref.pdbx_align_begin           1 
_struct_ref.pdbx_db_isoform            ? 
_struct_ref.pdbx_seq_one_letter_code   ? 
# 
_struct_ref_seq.align_id                      1 
_struct_ref_seq.ref_id                        1 
_struct_ref_seq.pdbx_PDB_id_code              2HYJ 
_struct_ref_seq.pdbx_strand_id                A 
_struct_ref_seq.seq_align_beg                 1 
_struct_ref_seq.pdbx_seq_align_beg_ins_code   ? 
_struct_ref_seq.seq_align_end                 200 
_struct_ref_seq.pdbx_seq_align_end_ins_code   ? 
_struct_ref_seq.pdbx_db_accession             Q8CJS4 
_struct_ref_seq.db_align_beg                  1 
_struct_ref_seq.pdbx_db_align_beg_ins_code    ? 
_struct_ref_seq.db_align_end                  200 
_struct_ref_seq.pdbx_db_align_end_ins_code    ? 
_struct_ref_seq.pdbx_auth_seq_align_beg       1 
_struct_ref_seq.pdbx_auth_seq_align_end       200 
# 
_pdbx_struct_assembly.id                   1 
_pdbx_struct_assembly.details              author_and_software_defined_assembly 
_pdbx_struct_assembly.method_details       PISA,PQS 
_pdbx_struct_assembly.oligomeric_details   dimeric 
_pdbx_struct_assembly.oligomeric_count     2 
# 
loop_
_pdbx_struct_assembly_prop.biol_id 
_pdbx_struct_assembly_prop.type 
_pdbx_struct_assembly_prop.value 
_pdbx_struct_assembly_prop.details 
1 'ABSA (A^2)' 3810  ? 
1 MORE         -63   ? 
1 'SSA (A^2)'  16590 ? 
# 
_pdbx_struct_assembly_gen.assembly_id       1 
_pdbx_struct_assembly_gen.oper_expression   1,2 
_pdbx_struct_assembly_gen.asym_id_list      A,B,C,D 
# 
loop_
_pdbx_struct_oper_list.id 
_pdbx_struct_oper_list.type 
_pdbx_struct_oper_list.name 
_pdbx_struct_oper_list.symmetry_operation 
_pdbx_struct_oper_list.matrix[1][1] 
_pdbx_struct_oper_list.matrix[1][2] 
_pdbx_struct_oper_list.matrix[1][3] 
_pdbx_struct_oper_list.vector[1] 
_pdbx_struct_oper_list.matrix[2][1] 
_pdbx_struct_oper_list.matrix[2][2] 
_pdbx_struct_oper_list.matrix[2][3] 
_pdbx_struct_oper_list.vector[2] 
_pdbx_struct_oper_list.matrix[3][1] 
_pdbx_struct_oper_list.matrix[3][2] 
_pdbx_struct_oper_list.matrix[3][3] 
_pdbx_struct_oper_list.vector[3] 
1 'identity operation'         1_555 x,y,z       1.0000000000  0.0000000000  0.0000000000  0.0000000000 0.0000000000  1.0000000000  0.0000000000 0.0000000000   0.0000000000  0.0000000000 1.0000000000  0.0000000000  
2 'crystal symmetry operation' 2_665 -x+1,-y+1,z -0.0992572519 -0.4036336936 -0.9095206646 5.8140494533 -0.4036336936 -0.8191268717 0.4075671839 -18.9213649312 -0.9095206646 0.4075671839 -0.0816158764 14.1549981201 
# 
_struct_biol.id                    1 
_struct_biol.details               
;This protein exists as dimer. The second part of the biological assembly is generated 
by the two fold axis: 1-x, 1-y,z
;
_struct_biol.pdbx_parent_biol_id   ? 
# 
loop_
_struct_conf.conf_type_id 
_struct_conf.id 
_struct_conf.pdbx_PDB_helix_id 
_struct_conf.beg_label_comp_id 
_struct_conf.beg_label_asym_id 
_struct_conf.beg_label_seq_id 
_struct_conf.pdbx_beg_PDB_ins_code 
_struct_conf.end_label_comp_id 
_struct_conf.end_label_asym_id 
_struct_conf.end_label_seq_id 
_struct_conf.pdbx_end_PDB_ins_code 
_struct_conf.beg_auth_comp_id 
_struct_conf.beg_auth_asym_id 
_struct_conf.beg_auth_seq_id 
_struct_conf.end_auth_comp_id 
_struct_conf.end_auth_asym_id 
_struct_conf.end_auth_seq_id 
_struct_conf.pdbx_PDB_helix_class 
_struct_conf.details 
_struct_conf.pdbx_PDB_helix_length 
HELX_P HELX_P1  1  GLU A 9   ? GLY A 29  ? GLU A 9   GLY A 29  1 ? 21 
HELX_P HELX_P2  2  LEU A 30  ? ILE A 33  ? LEU A 30  ILE A 33  5 ? 4  
HELX_P HELX_P3  3  THR A 34  ? GLU A 43  ? THR A 34  GLU A 43  1 ? 10 
HELX_P HELX_P4  4  SER A 45  ? LYS A 51  ? SER A 45  LYS A 51  1 ? 7  
HELX_P HELX_P5  5  THR A 55  ? VAL A 76  ? THR A 55  VAL A 76  1 ? 22 
HELX_P HELX_P6  6  GLU A 77  ? GLU A 82  ? GLU A 77  GLU A 82  5 ? 6  
HELX_P HELX_P7  7  GLY A 85  ? GLU A 102 ? GLY A 85  GLU A 102 1 ? 18 
HELX_P HELX_P8  8  CYS A 109 ? ASP A 119 ? CYS A 109 ASP A 119 1 ? 11 
HELX_P HELX_P9  9  GLY A 123 ? LYS A 150 ? GLY A 123 LYS A 150 1 ? 28 
HELX_P HELX_P10 10 ASP A 158 ? HIS A 181 ? ASP A 158 HIS A 181 1 ? 24 
HELX_P HELX_P11 11 THR A 184 ? SER A 200 ? THR A 184 SER A 200 1 ? 17 
# 
_struct_conf_type.id          HELX_P 
_struct_conf_type.criteria    ? 
_struct_conf_type.reference   ? 
# 
loop_
_struct_conn.id 
_struct_conn.conn_type_id 
_struct_conn.pdbx_leaving_atom_flag 
_struct_conn.pdbx_PDB_id 
_struct_conn.ptnr1_label_asym_id 
_struct_conn.ptnr1_label_comp_id 
_struct_conn.ptnr1_label_seq_id 
_struct_conn.ptnr1_label_atom_id 
_struct_conn.pdbx_ptnr1_label_alt_id 
_struct_conn.pdbx_ptnr1_PDB_ins_code 
_struct_conn.pdbx_ptnr1_standard_comp_id 
_struct_conn.ptnr1_symmetry 
_struct_conn.ptnr2_label_asym_id 
_struct_conn.ptnr2_label_comp_id 
_struct_conn.ptnr2_label_seq_id 
_struct_conn.ptnr2_label_atom_id 
_struct_conn.pdbx_ptnr2_label_alt_id 
_struct_conn.pdbx_ptnr2_PDB_ins_code 
_struct_conn.ptnr1_auth_asym_id 
_struct_conn.ptnr1_auth_comp_id 
_struct_conn.ptnr1_auth_seq_id 
_struct_conn.ptnr2_auth_asym_id 
_struct_conn.ptnr2_auth_comp_id 
_struct_conn.ptnr2_auth_seq_id 
_struct_conn.ptnr2_symmetry 
_struct_conn.pdbx_ptnr3_label_atom_id 
_struct_conn.pdbx_ptnr3_label_seq_id 
_struct_conn.pdbx_ptnr3_label_comp_id 
_struct_conn.pdbx_ptnr3_label_asym_id 
_struct_conn.pdbx_ptnr3_label_alt_id 
_struct_conn.pdbx_ptnr3_PDB_ins_code 
_struct_conn.details 
_struct_conn.pdbx_dist_value 
_struct_conn.pdbx_value_order 
_struct_conn.pdbx_role 
metalc1 metalc ? ? A GLU 138 OE2 ? ? ? 1_555 B CA  . CA ? ? A GLU 138 A CA  201 1_555 ? ? ? ? ? ? ? 2.399 ? ? 
metalc2 metalc ? ? B CA  .   CA  ? ? ? 1_555 D HOH . O  ? ? A CA  201 A HOH 211 8_455 ? ? ? ? ? ? ? 1.752 ? ? 
metalc3 metalc ? ? B CA  .   CA  ? ? ? 1_555 D HOH . O  ? ? A CA  201 A HOH 220 1_455 ? ? ? ? ? ? ? 2.331 ? ? 
metalc4 metalc ? ? B CA  .   CA  ? ? ? 1_555 D HOH . O  ? ? A CA  201 A HOH 260 8_455 ? ? ? ? ? ? ? 2.875 ? ? 
metalc5 metalc ? ? B CA  .   CA  ? ? ? 1_555 D HOH . O  ? ? A CA  201 A HOH 306 1_455 ? ? ? ? ? ? ? 3.204 ? ? 
# 
_struct_conn_type.id          metalc 
_struct_conn_type.criteria    ? 
_struct_conn_type.reference   ? 
# 
loop_
_pdbx_struct_conn_angle.id 
_pdbx_struct_conn_angle.ptnr1_label_atom_id 
_pdbx_struct_conn_angle.ptnr1_label_alt_id 
_pdbx_struct_conn_angle.ptnr1_label_asym_id 
_pdbx_struct_conn_angle.ptnr1_label_comp_id 
_pdbx_struct_conn_angle.ptnr1_label_seq_id 
_pdbx_struct_conn_angle.ptnr1_auth_atom_id 
_pdbx_struct_conn_angle.ptnr1_auth_asym_id 
_pdbx_struct_conn_angle.ptnr1_auth_comp_id 
_pdbx_struct_conn_angle.ptnr1_auth_seq_id 
_pdbx_struct_conn_angle.ptnr1_PDB_ins_code 
_pdbx_struct_conn_angle.ptnr1_symmetry 
_pdbx_struct_conn_angle.ptnr2_label_atom_id 
_pdbx_struct_conn_angle.ptnr2_label_alt_id 
_pdbx_struct_conn_angle.ptnr2_label_asym_id 
_pdbx_struct_conn_angle.ptnr2_label_comp_id 
_pdbx_struct_conn_angle.ptnr2_label_seq_id 
_pdbx_struct_conn_angle.ptnr2_auth_atom_id 
_pdbx_struct_conn_angle.ptnr2_auth_asym_id 
_pdbx_struct_conn_angle.ptnr2_auth_comp_id 
_pdbx_struct_conn_angle.ptnr2_auth_seq_id 
_pdbx_struct_conn_angle.ptnr2_PDB_ins_code 
_pdbx_struct_conn_angle.ptnr2_symmetry 
_pdbx_struct_conn_angle.ptnr3_label_atom_id 
_pdbx_struct_conn_angle.ptnr3_label_alt_id 
_pdbx_struct_conn_angle.ptnr3_label_asym_id 
_pdbx_struct_conn_angle.ptnr3_label_comp_id 
_pdbx_struct_conn_angle.ptnr3_label_seq_id 
_pdbx_struct_conn_angle.ptnr3_auth_atom_id 
_pdbx_struct_conn_angle.ptnr3_auth_asym_id 
_pdbx_struct_conn_angle.ptnr3_auth_comp_id 
_pdbx_struct_conn_angle.ptnr3_auth_seq_id 
_pdbx_struct_conn_angle.ptnr3_PDB_ins_code 
_pdbx_struct_conn_angle.ptnr3_symmetry 
_pdbx_struct_conn_angle.value 
_pdbx_struct_conn_angle.value_esd 
1  OE2 ? A GLU 138 ? A GLU 138 ? 1_555 CA ? B CA . ? A CA 201 ? 1_555 O ? D HOH . ? A HOH 211 ? 8_455 133.1 ? 
2  OE2 ? A GLU 138 ? A GLU 138 ? 1_555 CA ? B CA . ? A CA 201 ? 1_555 O ? D HOH . ? A HOH 220 ? 1_455 133.7 ? 
3  O   ? D HOH .   ? A HOH 211 ? 8_455 CA ? B CA . ? A CA 201 ? 1_555 O ? D HOH . ? A HOH 220 ? 1_455 92.3  ? 
4  OE2 ? A GLU 138 ? A GLU 138 ? 1_555 CA ? B CA . ? A CA 201 ? 1_555 O ? D HOH . ? A HOH 260 ? 8_455 146.1 ? 
5  O   ? D HOH .   ? A HOH 211 ? 8_455 CA ? B CA . ? A CA 201 ? 1_555 O ? D HOH . ? A HOH 260 ? 8_455 54.7  ? 
6  O   ? D HOH .   ? A HOH 220 ? 1_455 CA ? B CA . ? A CA 201 ? 1_555 O ? D HOH . ? A HOH 260 ? 8_455 62.4  ? 
7  OE2 ? A GLU 138 ? A GLU 138 ? 1_555 CA ? B CA . ? A CA 201 ? 1_555 O ? D HOH . ? A HOH 306 ? 1_455 86.6  ? 
8  O   ? D HOH .   ? A HOH 211 ? 8_455 CA ? B CA . ? A CA 201 ? 1_555 O ? D HOH . ? A HOH 306 ? 1_455 75.9  ? 
9  O   ? D HOH .   ? A HOH 220 ? 1_455 CA ? B CA . ? A CA 201 ? 1_555 O ? D HOH . ? A HOH 306 ? 1_455 98.6  ? 
10 O   ? D HOH .   ? A HOH 260 ? 8_455 CA ? B CA . ? A CA 201 ? 1_555 O ? D HOH . ? A HOH 306 ? 1_455 123.7 ? 
# 
loop_
_struct_site.id 
_struct_site.pdbx_evidence_code 
_struct_site.pdbx_auth_asym_id 
_struct_site.pdbx_auth_comp_id 
_struct_site.pdbx_auth_seq_id 
_struct_site.pdbx_auth_ins_code 
_struct_site.pdbx_num_residues 
_struct_site.details 
AC1 Software A CA  201 ? 4 'BINDING SITE FOR RESIDUE CA A 201'  
AC2 Software A SO4 202 ? 8 'BINDING SITE FOR RESIDUE SO4 A 202' 
# 
loop_
_struct_site_gen.id 
_struct_site_gen.site_id 
_struct_site_gen.pdbx_num_res 
_struct_site_gen.label_comp_id 
_struct_site_gen.label_asym_id 
_struct_site_gen.label_seq_id 
_struct_site_gen.pdbx_auth_ins_code 
_struct_site_gen.auth_comp_id 
_struct_site_gen.auth_asym_id 
_struct_site_gen.auth_seq_id 
_struct_site_gen.label_atom_id 
_struct_site_gen.label_alt_id 
_struct_site_gen.symmetry 
_struct_site_gen.details 
1  AC1 4 GLU A 138 ? GLU A 138 . ? 1_555 ? 
2  AC1 4 HOH D .   ? HOH A 211 . ? 8_455 ? 
3  AC1 4 HOH D .   ? HOH A 220 . ? 1_455 ? 
4  AC1 4 HOH D .   ? HOH A 260 . ? 8_455 ? 
5  AC2 8 SER A 26  ? SER A 26  . ? 2_665 ? 
6  AC2 8 GLY A 107 ? GLY A 107 . ? 2_665 ? 
7  AC2 8 ALA A 113 ? ALA A 113 . ? 2_665 ? 
8  AC2 8 SER A 116 ? SER A 116 . ? 1_555 ? 
9  AC2 8 GLU A 117 ? GLU A 117 . ? 1_555 ? 
10 AC2 8 ASP A 119 ? ASP A 119 . ? 1_555 ? 
11 AC2 8 GLY A 120 ? GLY A 120 . ? 1_555 ? 
12 AC2 8 HOH D .   ? HOH A 270 . ? 2_665 ? 
# 
_pdbx_entry_details.entry_id                   2HYJ 
_pdbx_entry_details.compound_details           ? 
_pdbx_entry_details.source_details             ? 
_pdbx_entry_details.nonpolymer_details         ? 
_pdbx_entry_details.sequence_details           ? 
_pdbx_entry_details.has_ligand_of_interest     ? 
_pdbx_entry_details.has_protein_modification   N 
# 
loop_
_pdbx_validate_close_contact.id 
_pdbx_validate_close_contact.PDB_model_num 
_pdbx_validate_close_contact.auth_atom_id_1 
_pdbx_validate_close_contact.auth_asym_id_1 
_pdbx_validate_close_contact.auth_comp_id_1 
_pdbx_validate_close_contact.auth_seq_id_1 
_pdbx_validate_close_contact.PDB_ins_code_1 
_pdbx_validate_close_contact.label_alt_id_1 
_pdbx_validate_close_contact.auth_atom_id_2 
_pdbx_validate_close_contact.auth_asym_id_2 
_pdbx_validate_close_contact.auth_comp_id_2 
_pdbx_validate_close_contact.auth_seq_id_2 
_pdbx_validate_close_contact.PDB_ins_code_2 
_pdbx_validate_close_contact.label_alt_id_2 
_pdbx_validate_close_contact.dist 
1 1 O A SER 116 ? ? O2 A SO4 202 ? ? 2.04 
2 1 O A HOH 205 ? ? O  A HOH 311 ? ? 2.13 
# 
_pdbx_validate_symm_contact.id                1 
_pdbx_validate_symm_contact.PDB_model_num     1 
_pdbx_validate_symm_contact.auth_atom_id_1    O 
_pdbx_validate_symm_contact.auth_asym_id_1    A 
_pdbx_validate_symm_contact.auth_comp_id_1    HOH 
_pdbx_validate_symm_contact.auth_seq_id_1     243 
_pdbx_validate_symm_contact.PDB_ins_code_1    ? 
_pdbx_validate_symm_contact.label_alt_id_1    ? 
_pdbx_validate_symm_contact.site_symmetry_1   1_555 
_pdbx_validate_symm_contact.auth_atom_id_2    O 
_pdbx_validate_symm_contact.auth_asym_id_2    A 
_pdbx_validate_symm_contact.auth_comp_id_2    HOH 
_pdbx_validate_symm_contact.auth_seq_id_2     249 
_pdbx_validate_symm_contact.PDB_ins_code_2    ? 
_pdbx_validate_symm_contact.label_alt_id_2    ? 
_pdbx_validate_symm_contact.site_symmetry_2   8_555 
_pdbx_validate_symm_contact.dist              2.09 
# 
_pdbx_validate_rmsd_angle.id                         1 
_pdbx_validate_rmsd_angle.PDB_model_num              1 
_pdbx_validate_rmsd_angle.auth_atom_id_1             CA 
_pdbx_validate_rmsd_angle.auth_asym_id_1             A 
_pdbx_validate_rmsd_angle.auth_comp_id_1             LEU 
_pdbx_validate_rmsd_angle.auth_seq_id_1              38 
_pdbx_validate_rmsd_angle.PDB_ins_code_1             ? 
_pdbx_validate_rmsd_angle.label_alt_id_1             ? 
_pdbx_validate_rmsd_angle.auth_atom_id_2             CB 
_pdbx_validate_rmsd_angle.auth_asym_id_2             A 
_pdbx_validate_rmsd_angle.auth_comp_id_2             LEU 
_pdbx_validate_rmsd_angle.auth_seq_id_2              38 
_pdbx_validate_rmsd_angle.PDB_ins_code_2             ? 
_pdbx_validate_rmsd_angle.label_alt_id_2             ? 
_pdbx_validate_rmsd_angle.auth_atom_id_3             CG 
_pdbx_validate_rmsd_angle.auth_asym_id_3             A 
_pdbx_validate_rmsd_angle.auth_comp_id_3             LEU 
_pdbx_validate_rmsd_angle.auth_seq_id_3              38 
_pdbx_validate_rmsd_angle.PDB_ins_code_3             ? 
_pdbx_validate_rmsd_angle.label_alt_id_3             ? 
_pdbx_validate_rmsd_angle.angle_value                99.98 
_pdbx_validate_rmsd_angle.angle_target_value         115.30 
_pdbx_validate_rmsd_angle.angle_deviation            -15.32 
_pdbx_validate_rmsd_angle.angle_standard_deviation   2.30 
_pdbx_validate_rmsd_angle.linker_flag                N 
# 
_pdbx_validate_torsion.id              1 
_pdbx_validate_torsion.PDB_model_num   1 
_pdbx_validate_torsion.auth_comp_id    GLN 
_pdbx_validate_torsion.auth_asym_id    A 
_pdbx_validate_torsion.auth_seq_id     199 
_pdbx_validate_torsion.PDB_ins_code    ? 
_pdbx_validate_torsion.label_alt_id    ? 
_pdbx_validate_torsion.phi             -152.33 
_pdbx_validate_torsion.psi             0.08 
# 
_pdbx_SG_project.id                    1 
_pdbx_SG_project.project_name          'PSI, Protein Structure Initiative' 
_pdbx_SG_project.full_name_of_center   'Midwest Center for Structural Genomics' 
_pdbx_SG_project.initial_of_center     MCSG 
# 
loop_
_pdbx_struct_special_symmetry.id 
_pdbx_struct_special_symmetry.PDB_model_num 
_pdbx_struct_special_symmetry.auth_asym_id 
_pdbx_struct_special_symmetry.auth_comp_id 
_pdbx_struct_special_symmetry.auth_seq_id 
_pdbx_struct_special_symmetry.PDB_ins_code 
_pdbx_struct_special_symmetry.label_asym_id 
_pdbx_struct_special_symmetry.label_comp_id 
_pdbx_struct_special_symmetry.label_seq_id 
1 1 A HOH 203 ? D HOH . 
2 1 A HOH 214 ? D HOH . 
3 1 A HOH 313 ? D HOH . 
# 
_pdbx_refine_tls.id               1 
_pdbx_refine_tls.details          ? 
_pdbx_refine_tls.method           refined 
_pdbx_refine_tls.origin_x         0.0630 
_pdbx_refine_tls.origin_y         -0.0189 
_pdbx_refine_tls.origin_z         0.0364 
_pdbx_refine_tls.T[1][1]          -0.1068 
_pdbx_refine_tls.T[2][2]          -0.0910 
_pdbx_refine_tls.T[3][3]          -0.1342 
_pdbx_refine_tls.T[1][2]          0.0007 
_pdbx_refine_tls.T[1][3]          0.0014 
_pdbx_refine_tls.T[2][3]          -0.0031 
_pdbx_refine_tls.L[1][1]          1.5854 
_pdbx_refine_tls.L[2][2]          1.8675 
_pdbx_refine_tls.L[3][3]          1.8398 
_pdbx_refine_tls.L[1][2]          -0.6227 
_pdbx_refine_tls.L[1][3]          -0.8478 
_pdbx_refine_tls.L[2][3]          0.0642 
_pdbx_refine_tls.S[1][1]          0.2255 
_pdbx_refine_tls.S[1][2]          -0.0346 
_pdbx_refine_tls.S[1][3]          0.1567 
_pdbx_refine_tls.S[2][1]          -0.1415 
_pdbx_refine_tls.S[2][2]          -0.1877 
_pdbx_refine_tls.S[2][3]          -0.0755 
_pdbx_refine_tls.S[3][1]          -0.0664 
_pdbx_refine_tls.S[3][2]          -0.1395 
_pdbx_refine_tls.S[3][3]          -0.0378 
_pdbx_refine_tls.pdbx_refine_id   'X-RAY DIFFRACTION' 
# 
loop_
_pdbx_refine_tls_group.id 
_pdbx_refine_tls_group.refine_tls_id 
_pdbx_refine_tls_group.beg_auth_asym_id 
_pdbx_refine_tls_group.beg_auth_seq_id 
_pdbx_refine_tls_group.beg_label_asym_id 
_pdbx_refine_tls_group.beg_label_seq_id 
_pdbx_refine_tls_group.end_auth_asym_id 
_pdbx_refine_tls_group.end_auth_seq_id 
_pdbx_refine_tls_group.end_label_asym_id 
_pdbx_refine_tls_group.end_label_seq_id 
_pdbx_refine_tls_group.selection 
_pdbx_refine_tls_group.pdbx_refine_id 
_pdbx_refine_tls_group.selection_details 
1 1 A 9   A 9   A 50  A 50  ? 'X-RAY DIFFRACTION' ? 
2 1 A 51  A 51  A 100 A 100 ? 'X-RAY DIFFRACTION' ? 
3 1 A 101 A 101 A 150 A 150 ? 'X-RAY DIFFRACTION' ? 
4 1 A 151 A 151 A 200 A 200 ? 'X-RAY DIFFRACTION' ? 
# 
loop_
_pdbx_unobs_or_zero_occ_residues.id 
_pdbx_unobs_or_zero_occ_residues.PDB_model_num 
_pdbx_unobs_or_zero_occ_residues.polymer_flag 
_pdbx_unobs_or_zero_occ_residues.occupancy_flag 
_pdbx_unobs_or_zero_occ_residues.auth_asym_id 
_pdbx_unobs_or_zero_occ_residues.auth_comp_id 
_pdbx_unobs_or_zero_occ_residues.auth_seq_id 
_pdbx_unobs_or_zero_occ_residues.PDB_ins_code 
_pdbx_unobs_or_zero_occ_residues.label_asym_id 
_pdbx_unobs_or_zero_occ_residues.label_comp_id 
_pdbx_unobs_or_zero_occ_residues.label_seq_id 
1 1 Y 1 A MET 1 ? A MET 1 
2 1 Y 1 A SER 2 ? A SER 2 
3 1 Y 1 A PRO 3 ? A PRO 3 
4 1 Y 1 A ARG 4 ? A ARG 4 
5 1 Y 1 A ARG 5 ? A ARG 5 
6 1 Y 1 A SER 6 ? A SER 6 
7 1 Y 1 A ALA 7 ? A ALA 7 
# 
loop_
_chem_comp_atom.comp_id 
_chem_comp_atom.atom_id 
_chem_comp_atom.type_symbol 
_chem_comp_atom.pdbx_aromatic_flag 
_chem_comp_atom.pdbx_stereo_config 
_chem_comp_atom.pdbx_ordinal 
ALA N    N  N N 1   
ALA CA   C  N S 2   
ALA C    C  N N 3   
ALA O    O  N N 4   
ALA CB   C  N N 5   
ALA OXT  O  N N 6   
ALA H    H  N N 7   
ALA H2   H  N N 8   
ALA HA   H  N N 9   
ALA HB1  H  N N 10  
ALA HB2  H  N N 11  
ALA HB3  H  N N 12  
ALA HXT  H  N N 13  
ARG N    N  N N 14  
ARG CA   C  N S 15  
ARG C    C  N N 16  
ARG O    O  N N 17  
ARG CB   C  N N 18  
ARG CG   C  N N 19  
ARG CD   C  N N 20  
ARG NE   N  N N 21  
ARG CZ   C  N N 22  
ARG NH1  N  N N 23  
ARG NH2  N  N N 24  
ARG OXT  O  N N 25  
ARG H    H  N N 26  
ARG H2   H  N N 27  
ARG HA   H  N N 28  
ARG HB2  H  N N 29  
ARG HB3  H  N N 30  
ARG HG2  H  N N 31  
ARG HG3  H  N N 32  
ARG HD2  H  N N 33  
ARG HD3  H  N N 34  
ARG HE   H  N N 35  
ARG HH11 H  N N 36  
ARG HH12 H  N N 37  
ARG HH21 H  N N 38  
ARG HH22 H  N N 39  
ARG HXT  H  N N 40  
ASN N    N  N N 41  
ASN CA   C  N S 42  
ASN C    C  N N 43  
ASN O    O  N N 44  
ASN CB   C  N N 45  
ASN CG   C  N N 46  
ASN OD1  O  N N 47  
ASN ND2  N  N N 48  
ASN OXT  O  N N 49  
ASN H    H  N N 50  
ASN H2   H  N N 51  
ASN HA   H  N N 52  
ASN HB2  H  N N 53  
ASN HB3  H  N N 54  
ASN HD21 H  N N 55  
ASN HD22 H  N N 56  
ASN HXT  H  N N 57  
ASP N    N  N N 58  
ASP CA   C  N S 59  
ASP C    C  N N 60  
ASP O    O  N N 61  
ASP CB   C  N N 62  
ASP CG   C  N N 63  
ASP OD1  O  N N 64  
ASP OD2  O  N N 65  
ASP OXT  O  N N 66  
ASP H    H  N N 67  
ASP H2   H  N N 68  
ASP HA   H  N N 69  
ASP HB2  H  N N 70  
ASP HB3  H  N N 71  
ASP HD2  H  N N 72  
ASP HXT  H  N N 73  
CA  CA   CA N N 74  
CYS N    N  N N 75  
CYS CA   C  N R 76  
CYS C    C  N N 77  
CYS O    O  N N 78  
CYS CB   C  N N 79  
CYS SG   S  N N 80  
CYS OXT  O  N N 81  
CYS H    H  N N 82  
CYS H2   H  N N 83  
CYS HA   H  N N 84  
CYS HB2  H  N N 85  
CYS HB3  H  N N 86  
CYS HG   H  N N 87  
CYS HXT  H  N N 88  
GLN N    N  N N 89  
GLN CA   C  N S 90  
GLN C    C  N N 91  
GLN O    O  N N 92  
GLN CB   C  N N 93  
GLN CG   C  N N 94  
GLN CD   C  N N 95  
GLN OE1  O  N N 96  
GLN NE2  N  N N 97  
GLN OXT  O  N N 98  
GLN H    H  N N 99  
GLN H2   H  N N 100 
GLN HA   H  N N 101 
GLN HB2  H  N N 102 
GLN HB3  H  N N 103 
GLN HG2  H  N N 104 
GLN HG3  H  N N 105 
GLN HE21 H  N N 106 
GLN HE22 H  N N 107 
GLN HXT  H  N N 108 
GLU N    N  N N 109 
GLU CA   C  N S 110 
GLU C    C  N N 111 
GLU O    O  N N 112 
GLU CB   C  N N 113 
GLU CG   C  N N 114 
GLU CD   C  N N 115 
GLU OE1  O  N N 116 
GLU OE2  O  N N 117 
GLU OXT  O  N N 118 
GLU H    H  N N 119 
GLU H2   H  N N 120 
GLU HA   H  N N 121 
GLU HB2  H  N N 122 
GLU HB3  H  N N 123 
GLU HG2  H  N N 124 
GLU HG3  H  N N 125 
GLU HE2  H  N N 126 
GLU HXT  H  N N 127 
GLY N    N  N N 128 
GLY CA   C  N N 129 
GLY C    C  N N 130 
GLY O    O  N N 131 
GLY OXT  O  N N 132 
GLY H    H  N N 133 
GLY H2   H  N N 134 
GLY HA2  H  N N 135 
GLY HA3  H  N N 136 
GLY HXT  H  N N 137 
HIS N    N  N N 138 
HIS CA   C  N S 139 
HIS C    C  N N 140 
HIS O    O  N N 141 
HIS CB   C  N N 142 
HIS CG   C  Y N 143 
HIS ND1  N  Y N 144 
HIS CD2  C  Y N 145 
HIS CE1  C  Y N 146 
HIS NE2  N  Y N 147 
HIS OXT  O  N N 148 
HIS H    H  N N 149 
HIS H2   H  N N 150 
HIS HA   H  N N 151 
HIS HB2  H  N N 152 
HIS HB3  H  N N 153 
HIS HD1  H  N N 154 
HIS HD2  H  N N 155 
HIS HE1  H  N N 156 
HIS HE2  H  N N 157 
HIS HXT  H  N N 158 
HOH O    O  N N 159 
HOH H1   H  N N 160 
HOH H2   H  N N 161 
ILE N    N  N N 162 
ILE CA   C  N S 163 
ILE C    C  N N 164 
ILE O    O  N N 165 
ILE CB   C  N S 166 
ILE CG1  C  N N 167 
ILE CG2  C  N N 168 
ILE CD1  C  N N 169 
ILE OXT  O  N N 170 
ILE H    H  N N 171 
ILE H2   H  N N 172 
ILE HA   H  N N 173 
ILE HB   H  N N 174 
ILE HG12 H  N N 175 
ILE HG13 H  N N 176 
ILE HG21 H  N N 177 
ILE HG22 H  N N 178 
ILE HG23 H  N N 179 
ILE HD11 H  N N 180 
ILE HD12 H  N N 181 
ILE HD13 H  N N 182 
ILE HXT  H  N N 183 
LEU N    N  N N 184 
LEU CA   C  N S 185 
LEU C    C  N N 186 
LEU O    O  N N 187 
LEU CB   C  N N 188 
LEU CG   C  N N 189 
LEU CD1  C  N N 190 
LEU CD2  C  N N 191 
LEU OXT  O  N N 192 
LEU H    H  N N 193 
LEU H2   H  N N 194 
LEU HA   H  N N 195 
LEU HB2  H  N N 196 
LEU HB3  H  N N 197 
LEU HG   H  N N 198 
LEU HD11 H  N N 199 
LEU HD12 H  N N 200 
LEU HD13 H  N N 201 
LEU HD21 H  N N 202 
LEU HD22 H  N N 203 
LEU HD23 H  N N 204 
LEU HXT  H  N N 205 
LYS N    N  N N 206 
LYS CA   C  N S 207 
LYS C    C  N N 208 
LYS O    O  N N 209 
LYS CB   C  N N 210 
LYS CG   C  N N 211 
LYS CD   C  N N 212 
LYS CE   C  N N 213 
LYS NZ   N  N N 214 
LYS OXT  O  N N 215 
LYS H    H  N N 216 
LYS H2   H  N N 217 
LYS HA   H  N N 218 
LYS HB2  H  N N 219 
LYS HB3  H  N N 220 
LYS HG2  H  N N 221 
LYS HG3  H  N N 222 
LYS HD2  H  N N 223 
LYS HD3  H  N N 224 
LYS HE2  H  N N 225 
LYS HE3  H  N N 226 
LYS HZ1  H  N N 227 
LYS HZ2  H  N N 228 
LYS HZ3  H  N N 229 
LYS HXT  H  N N 230 
MET N    N  N N 231 
MET CA   C  N S 232 
MET C    C  N N 233 
MET O    O  N N 234 
MET CB   C  N N 235 
MET CG   C  N N 236 
MET SD   S  N N 237 
MET CE   C  N N 238 
MET OXT  O  N N 239 
MET H    H  N N 240 
MET H2   H  N N 241 
MET HA   H  N N 242 
MET HB2  H  N N 243 
MET HB3  H  N N 244 
MET HG2  H  N N 245 
MET HG3  H  N N 246 
MET HE1  H  N N 247 
MET HE2  H  N N 248 
MET HE3  H  N N 249 
MET HXT  H  N N 250 
PHE N    N  N N 251 
PHE CA   C  N S 252 
PHE C    C  N N 253 
PHE O    O  N N 254 
PHE CB   C  N N 255 
PHE CG   C  Y N 256 
PHE CD1  C  Y N 257 
PHE CD2  C  Y N 258 
PHE CE1  C  Y N 259 
PHE CE2  C  Y N 260 
PHE CZ   C  Y N 261 
PHE OXT  O  N N 262 
PHE H    H  N N 263 
PHE H2   H  N N 264 
PHE HA   H  N N 265 
PHE HB2  H  N N 266 
PHE HB3  H  N N 267 
PHE HD1  H  N N 268 
PHE HD2  H  N N 269 
PHE HE1  H  N N 270 
PHE HE2  H  N N 271 
PHE HZ   H  N N 272 
PHE HXT  H  N N 273 
PRO N    N  N N 274 
PRO CA   C  N S 275 
PRO C    C  N N 276 
PRO O    O  N N 277 
PRO CB   C  N N 278 
PRO CG   C  N N 279 
PRO CD   C  N N 280 
PRO OXT  O  N N 281 
PRO H    H  N N 282 
PRO HA   H  N N 283 
PRO HB2  H  N N 284 
PRO HB3  H  N N 285 
PRO HG2  H  N N 286 
PRO HG3  H  N N 287 
PRO HD2  H  N N 288 
PRO HD3  H  N N 289 
PRO HXT  H  N N 290 
SER N    N  N N 291 
SER CA   C  N S 292 
SER C    C  N N 293 
SER O    O  N N 294 
SER CB   C  N N 295 
SER OG   O  N N 296 
SER OXT  O  N N 297 
SER H    H  N N 298 
SER H2   H  N N 299 
SER HA   H  N N 300 
SER HB2  H  N N 301 
SER HB3  H  N N 302 
SER HG   H  N N 303 
SER HXT  H  N N 304 
SO4 S    S  N N 305 
SO4 O1   O  N N 306 
SO4 O2   O  N N 307 
SO4 O3   O  N N 308 
SO4 O4   O  N N 309 
THR N    N  N N 310 
THR CA   C  N S 311 
THR C    C  N N 312 
THR O    O  N N 313 
THR CB   C  N R 314 
THR OG1  O  N N 315 
THR CG2  C  N N 316 
THR OXT  O  N N 317 
THR H    H  N N 318 
THR H2   H  N N 319 
THR HA   H  N N 320 
THR HB   H  N N 321 
THR HG1  H  N N 322 
THR HG21 H  N N 323 
THR HG22 H  N N 324 
THR HG23 H  N N 325 
THR HXT  H  N N 326 
TRP N    N  N N 327 
TRP CA   C  N S 328 
TRP C    C  N N 329 
TRP O    O  N N 330 
TRP CB   C  N N 331 
TRP CG   C  Y N 332 
TRP CD1  C  Y N 333 
TRP CD2  C  Y N 334 
TRP NE1  N  Y N 335 
TRP CE2  C  Y N 336 
TRP CE3  C  Y N 337 
TRP CZ2  C  Y N 338 
TRP CZ3  C  Y N 339 
TRP CH2  C  Y N 340 
TRP OXT  O  N N 341 
TRP H    H  N N 342 
TRP H2   H  N N 343 
TRP HA   H  N N 344 
TRP HB2  H  N N 345 
TRP HB3  H  N N 346 
TRP HD1  H  N N 347 
TRP HE1  H  N N 348 
TRP HE3  H  N N 349 
TRP HZ2  H  N N 350 
TRP HZ3  H  N N 351 
TRP HH2  H  N N 352 
TRP HXT  H  N N 353 
TYR N    N  N N 354 
TYR CA   C  N S 355 
TYR C    C  N N 356 
TYR O    O  N N 357 
TYR CB   C  N N 358 
TYR CG   C  Y N 359 
TYR CD1  C  Y N 360 
TYR CD2  C  Y N 361 
TYR CE1  C  Y N 362 
TYR CE2  C  Y N 363 
TYR CZ   C  Y N 364 
TYR OH   O  N N 365 
TYR OXT  O  N N 366 
TYR H    H  N N 367 
TYR H2   H  N N 368 
TYR HA   H  N N 369 
TYR HB2  H  N N 370 
TYR HB3  H  N N 371 
TYR HD1  H  N N 372 
TYR HD2  H  N N 373 
TYR HE1  H  N N 374 
TYR HE2  H  N N 375 
TYR HH   H  N N 376 
TYR HXT  H  N N 377 
VAL N    N  N N 378 
VAL CA   C  N S 379 
VAL C    C  N N 380 
VAL O    O  N N 381 
VAL CB   C  N N 382 
VAL CG1  C  N N 383 
VAL CG2  C  N N 384 
VAL OXT  O  N N 385 
VAL H    H  N N 386 
VAL H2   H  N N 387 
VAL HA   H  N N 388 
VAL HB   H  N N 389 
VAL HG11 H  N N 390 
VAL HG12 H  N N 391 
VAL HG13 H  N N 392 
VAL HG21 H  N N 393 
VAL HG22 H  N N 394 
VAL HG23 H  N N 395 
VAL HXT  H  N N 396 
# 
loop_
_chem_comp_bond.comp_id 
_chem_comp_bond.atom_id_1 
_chem_comp_bond.atom_id_2 
_chem_comp_bond.value_order 
_chem_comp_bond.pdbx_aromatic_flag 
_chem_comp_bond.pdbx_stereo_config 
_chem_comp_bond.pdbx_ordinal 
ALA N   CA   sing N N 1   
ALA N   H    sing N N 2   
ALA N   H2   sing N N 3   
ALA CA  C    sing N N 4   
ALA CA  CB   sing N N 5   
ALA CA  HA   sing N N 6   
ALA C   O    doub N N 7   
ALA C   OXT  sing N N 8   
ALA CB  HB1  sing N N 9   
ALA CB  HB2  sing N N 10  
ALA CB  HB3  sing N N 11  
ALA OXT HXT  sing N N 12  
ARG N   CA   sing N N 13  
ARG N   H    sing N N 14  
ARG N   H2   sing N N 15  
ARG CA  C    sing N N 16  
ARG CA  CB   sing N N 17  
ARG CA  HA   sing N N 18  
ARG C   O    doub N N 19  
ARG C   OXT  sing N N 20  
ARG CB  CG   sing N N 21  
ARG CB  HB2  sing N N 22  
ARG CB  HB3  sing N N 23  
ARG CG  CD   sing N N 24  
ARG CG  HG2  sing N N 25  
ARG CG  HG3  sing N N 26  
ARG CD  NE   sing N N 27  
ARG CD  HD2  sing N N 28  
ARG CD  HD3  sing N N 29  
ARG NE  CZ   sing N N 30  
ARG NE  HE   sing N N 31  
ARG CZ  NH1  sing N N 32  
ARG CZ  NH2  doub N N 33  
ARG NH1 HH11 sing N N 34  
ARG NH1 HH12 sing N N 35  
ARG NH2 HH21 sing N N 36  
ARG NH2 HH22 sing N N 37  
ARG OXT HXT  sing N N 38  
ASN N   CA   sing N N 39  
ASN N   H    sing N N 40  
ASN N   H2   sing N N 41  
ASN CA  C    sing N N 42  
ASN CA  CB   sing N N 43  
ASN CA  HA   sing N N 44  
ASN C   O    doub N N 45  
ASN C   OXT  sing N N 46  
ASN CB  CG   sing N N 47  
ASN CB  HB2  sing N N 48  
ASN CB  HB3  sing N N 49  
ASN CG  OD1  doub N N 50  
ASN CG  ND2  sing N N 51  
ASN ND2 HD21 sing N N 52  
ASN ND2 HD22 sing N N 53  
ASN OXT HXT  sing N N 54  
ASP N   CA   sing N N 55  
ASP N   H    sing N N 56  
ASP N   H2   sing N N 57  
ASP CA  C    sing N N 58  
ASP CA  CB   sing N N 59  
ASP CA  HA   sing N N 60  
ASP C   O    doub N N 61  
ASP C   OXT  sing N N 62  
ASP CB  CG   sing N N 63  
ASP CB  HB2  sing N N 64  
ASP CB  HB3  sing N N 65  
ASP CG  OD1  doub N N 66  
ASP CG  OD2  sing N N 67  
ASP OD2 HD2  sing N N 68  
ASP OXT HXT  sing N N 69  
CYS N   CA   sing N N 70  
CYS N   H    sing N N 71  
CYS N   H2   sing N N 72  
CYS CA  C    sing N N 73  
CYS CA  CB   sing N N 74  
CYS CA  HA   sing N N 75  
CYS C   O    doub N N 76  
CYS C   OXT  sing N N 77  
CYS CB  SG   sing N N 78  
CYS CB  HB2  sing N N 79  
CYS CB  HB3  sing N N 80  
CYS SG  HG   sing N N 81  
CYS OXT HXT  sing N N 82  
GLN N   CA   sing N N 83  
GLN N   H    sing N N 84  
GLN N   H2   sing N N 85  
GLN CA  C    sing N N 86  
GLN CA  CB   sing N N 87  
GLN CA  HA   sing N N 88  
GLN C   O    doub N N 89  
GLN C   OXT  sing N N 90  
GLN CB  CG   sing N N 91  
GLN CB  HB2  sing N N 92  
GLN CB  HB3  sing N N 93  
GLN CG  CD   sing N N 94  
GLN CG  HG2  sing N N 95  
GLN CG  HG3  sing N N 96  
GLN CD  OE1  doub N N 97  
GLN CD  NE2  sing N N 98  
GLN NE2 HE21 sing N N 99  
GLN NE2 HE22 sing N N 100 
GLN OXT HXT  sing N N 101 
GLU N   CA   sing N N 102 
GLU N   H    sing N N 103 
GLU N   H2   sing N N 104 
GLU CA  C    sing N N 105 
GLU CA  CB   sing N N 106 
GLU CA  HA   sing N N 107 
GLU C   O    doub N N 108 
GLU C   OXT  sing N N 109 
GLU CB  CG   sing N N 110 
GLU CB  HB2  sing N N 111 
GLU CB  HB3  sing N N 112 
GLU CG  CD   sing N N 113 
GLU CG  HG2  sing N N 114 
GLU CG  HG3  sing N N 115 
GLU CD  OE1  doub N N 116 
GLU CD  OE2  sing N N 117 
GLU OE2 HE2  sing N N 118 
GLU OXT HXT  sing N N 119 
GLY N   CA   sing N N 120 
GLY N   H    sing N N 121 
GLY N   H2   sing N N 122 
GLY CA  C    sing N N 123 
GLY CA  HA2  sing N N 124 
GLY CA  HA3  sing N N 125 
GLY C   O    doub N N 126 
GLY C   OXT  sing N N 127 
GLY OXT HXT  sing N N 128 
HIS N   CA   sing N N 129 
HIS N   H    sing N N 130 
HIS N   H2   sing N N 131 
HIS CA  C    sing N N 132 
HIS CA  CB   sing N N 133 
HIS CA  HA   sing N N 134 
HIS C   O    doub N N 135 
HIS C   OXT  sing N N 136 
HIS CB  CG   sing N N 137 
HIS CB  HB2  sing N N 138 
HIS CB  HB3  sing N N 139 
HIS CG  ND1  sing Y N 140 
HIS CG  CD2  doub Y N 141 
HIS ND1 CE1  doub Y N 142 
HIS ND1 HD1  sing N N 143 
HIS CD2 NE2  sing Y N 144 
HIS CD2 HD2  sing N N 145 
HIS CE1 NE2  sing Y N 146 
HIS CE1 HE1  sing N N 147 
HIS NE2 HE2  sing N N 148 
HIS OXT HXT  sing N N 149 
HOH O   H1   sing N N 150 
HOH O   H2   sing N N 151 
ILE N   CA   sing N N 152 
ILE N   H    sing N N 153 
ILE N   H2   sing N N 154 
ILE CA  C    sing N N 155 
ILE CA  CB   sing N N 156 
ILE CA  HA   sing N N 157 
ILE C   O    doub N N 158 
ILE C   OXT  sing N N 159 
ILE CB  CG1  sing N N 160 
ILE CB  CG2  sing N N 161 
ILE CB  HB   sing N N 162 
ILE CG1 CD1  sing N N 163 
ILE CG1 HG12 sing N N 164 
ILE CG1 HG13 sing N N 165 
ILE CG2 HG21 sing N N 166 
ILE CG2 HG22 sing N N 167 
ILE CG2 HG23 sing N N 168 
ILE CD1 HD11 sing N N 169 
ILE CD1 HD12 sing N N 170 
ILE CD1 HD13 sing N N 171 
ILE OXT HXT  sing N N 172 
LEU N   CA   sing N N 173 
LEU N   H    sing N N 174 
LEU N   H2   sing N N 175 
LEU CA  C    sing N N 176 
LEU CA  CB   sing N N 177 
LEU CA  HA   sing N N 178 
LEU C   O    doub N N 179 
LEU C   OXT  sing N N 180 
LEU CB  CG   sing N N 181 
LEU CB  HB2  sing N N 182 
LEU CB  HB3  sing N N 183 
LEU CG  CD1  sing N N 184 
LEU CG  CD2  sing N N 185 
LEU CG  HG   sing N N 186 
LEU CD1 HD11 sing N N 187 
LEU CD1 HD12 sing N N 188 
LEU CD1 HD13 sing N N 189 
LEU CD2 HD21 sing N N 190 
LEU CD2 HD22 sing N N 191 
LEU CD2 HD23 sing N N 192 
LEU OXT HXT  sing N N 193 
LYS N   CA   sing N N 194 
LYS N   H    sing N N 195 
LYS N   H2   sing N N 196 
LYS CA  C    sing N N 197 
LYS CA  CB   sing N N 198 
LYS CA  HA   sing N N 199 
LYS C   O    doub N N 200 
LYS C   OXT  sing N N 201 
LYS CB  CG   sing N N 202 
LYS CB  HB2  sing N N 203 
LYS CB  HB3  sing N N 204 
LYS CG  CD   sing N N 205 
LYS CG  HG2  sing N N 206 
LYS CG  HG3  sing N N 207 
LYS CD  CE   sing N N 208 
LYS CD  HD2  sing N N 209 
LYS CD  HD3  sing N N 210 
LYS CE  NZ   sing N N 211 
LYS CE  HE2  sing N N 212 
LYS CE  HE3  sing N N 213 
LYS NZ  HZ1  sing N N 214 
LYS NZ  HZ2  sing N N 215 
LYS NZ  HZ3  sing N N 216 
LYS OXT HXT  sing N N 217 
MET N   CA   sing N N 218 
MET N   H    sing N N 219 
MET N   H2   sing N N 220 
MET CA  C    sing N N 221 
MET CA  CB   sing N N 222 
MET CA  HA   sing N N 223 
MET C   O    doub N N 224 
MET C   OXT  sing N N 225 
MET CB  CG   sing N N 226 
MET CB  HB2  sing N N 227 
MET CB  HB3  sing N N 228 
MET CG  SD   sing N N 229 
MET CG  HG2  sing N N 230 
MET CG  HG3  sing N N 231 
MET SD  CE   sing N N 232 
MET CE  HE1  sing N N 233 
MET CE  HE2  sing N N 234 
MET CE  HE3  sing N N 235 
MET OXT HXT  sing N N 236 
PHE N   CA   sing N N 237 
PHE N   H    sing N N 238 
PHE N   H2   sing N N 239 
PHE CA  C    sing N N 240 
PHE CA  CB   sing N N 241 
PHE CA  HA   sing N N 242 
PHE C   O    doub N N 243 
PHE C   OXT  sing N N 244 
PHE CB  CG   sing N N 245 
PHE CB  HB2  sing N N 246 
PHE CB  HB3  sing N N 247 
PHE CG  CD1  doub Y N 248 
PHE CG  CD2  sing Y N 249 
PHE CD1 CE1  sing Y N 250 
PHE CD1 HD1  sing N N 251 
PHE CD2 CE2  doub Y N 252 
PHE CD2 HD2  sing N N 253 
PHE CE1 CZ   doub Y N 254 
PHE CE1 HE1  sing N N 255 
PHE CE2 CZ   sing Y N 256 
PHE CE2 HE2  sing N N 257 
PHE CZ  HZ   sing N N 258 
PHE OXT HXT  sing N N 259 
PRO N   CA   sing N N 260 
PRO N   CD   sing N N 261 
PRO N   H    sing N N 262 
PRO CA  C    sing N N 263 
PRO CA  CB   sing N N 264 
PRO CA  HA   sing N N 265 
PRO C   O    doub N N 266 
PRO C   OXT  sing N N 267 
PRO CB  CG   sing N N 268 
PRO CB  HB2  sing N N 269 
PRO CB  HB3  sing N N 270 
PRO CG  CD   sing N N 271 
PRO CG  HG2  sing N N 272 
PRO CG  HG3  sing N N 273 
PRO CD  HD2  sing N N 274 
PRO CD  HD3  sing N N 275 
PRO OXT HXT  sing N N 276 
SER N   CA   sing N N 277 
SER N   H    sing N N 278 
SER N   H2   sing N N 279 
SER CA  C    sing N N 280 
SER CA  CB   sing N N 281 
SER CA  HA   sing N N 282 
SER C   O    doub N N 283 
SER C   OXT  sing N N 284 
SER CB  OG   sing N N 285 
SER CB  HB2  sing N N 286 
SER CB  HB3  sing N N 287 
SER OG  HG   sing N N 288 
SER OXT HXT  sing N N 289 
SO4 S   O1   doub N N 290 
SO4 S   O2   doub N N 291 
SO4 S   O3   sing N N 292 
SO4 S   O4   sing N N 293 
THR N   CA   sing N N 294 
THR N   H    sing N N 295 
THR N   H2   sing N N 296 
THR CA  C    sing N N 297 
THR CA  CB   sing N N 298 
THR CA  HA   sing N N 299 
THR C   O    doub N N 300 
THR C   OXT  sing N N 301 
THR CB  OG1  sing N N 302 
THR CB  CG2  sing N N 303 
THR CB  HB   sing N N 304 
THR OG1 HG1  sing N N 305 
THR CG2 HG21 sing N N 306 
THR CG2 HG22 sing N N 307 
THR CG2 HG23 sing N N 308 
THR OXT HXT  sing N N 309 
TRP N   CA   sing N N 310 
TRP N   H    sing N N 311 
TRP N   H2   sing N N 312 
TRP CA  C    sing N N 313 
TRP CA  CB   sing N N 314 
TRP CA  HA   sing N N 315 
TRP C   O    doub N N 316 
TRP C   OXT  sing N N 317 
TRP CB  CG   sing N N 318 
TRP CB  HB2  sing N N 319 
TRP CB  HB3  sing N N 320 
TRP CG  CD1  doub Y N 321 
TRP CG  CD2  sing Y N 322 
TRP CD1 NE1  sing Y N 323 
TRP CD1 HD1  sing N N 324 
TRP CD2 CE2  doub Y N 325 
TRP CD2 CE3  sing Y N 326 
TRP NE1 CE2  sing Y N 327 
TRP NE1 HE1  sing N N 328 
TRP CE2 CZ2  sing Y N 329 
TRP CE3 CZ3  doub Y N 330 
TRP CE3 HE3  sing N N 331 
TRP CZ2 CH2  doub Y N 332 
TRP CZ2 HZ2  sing N N 333 
TRP CZ3 CH2  sing Y N 334 
TRP CZ3 HZ3  sing N N 335 
TRP CH2 HH2  sing N N 336 
TRP OXT HXT  sing N N 337 
TYR N   CA   sing N N 338 
TYR N   H    sing N N 339 
TYR N   H2   sing N N 340 
TYR CA  C    sing N N 341 
TYR CA  CB   sing N N 342 
TYR CA  HA   sing N N 343 
TYR C   O    doub N N 344 
TYR C   OXT  sing N N 345 
TYR CB  CG   sing N N 346 
TYR CB  HB2  sing N N 347 
TYR CB  HB3  sing N N 348 
TYR CG  CD1  doub Y N 349 
TYR CG  CD2  sing Y N 350 
TYR CD1 CE1  sing Y N 351 
TYR CD1 HD1  sing N N 352 
TYR CD2 CE2  doub Y N 353 
TYR CD2 HD2  sing N N 354 
TYR CE1 CZ   doub Y N 355 
TYR CE1 HE1  sing N N 356 
TYR CE2 CZ   sing Y N 357 
TYR CE2 HE2  sing N N 358 
TYR CZ  OH   sing N N 359 
TYR OH  HH   sing N N 360 
TYR OXT HXT  sing N N 361 
VAL N   CA   sing N N 362 
VAL N   H    sing N N 363 
VAL N   H2   sing N N 364 
VAL CA  C    sing N N 365 
VAL CA  CB   sing N N 366 
VAL CA  HA   sing N N 367 
VAL C   O    doub N N 368 
VAL C   OXT  sing N N 369 
VAL CB  CG1  sing N N 370 
VAL CB  CG2  sing N N 371 
VAL CB  HB   sing N N 372 
VAL CG1 HG11 sing N N 373 
VAL CG1 HG12 sing N N 374 
VAL CG1 HG13 sing N N 375 
VAL CG2 HG21 sing N N 376 
VAL CG2 HG22 sing N N 377 
VAL CG2 HG23 sing N N 378 
VAL OXT HXT  sing N N 379 
# 
_atom_sites.entry_id                    2HYJ 
_atom_sites.fract_transf_matrix[1][1]   0.02253989 
_atom_sites.fract_transf_matrix[1][2]   0.00940250 
_atom_sites.fract_transf_matrix[1][3]   0.01814964 
_atom_sites.fract_transf_matrix[2][1]   0.00036307 
_atom_sites.fract_transf_matrix[2][2]   -0.01091286 
_atom_sites.fract_transf_matrix[2][3]   0.00520256 
_atom_sites.fract_transf_matrix[3][1]   0.00375076 
_atom_sites.fract_transf_matrix[3][2]   -0.00168076 
_atom_sites.fract_transf_matrix[3][3]   -0.00378731 
_atom_sites.fract_transf_vector[1]      0.394969 
_atom_sites.fract_transf_vector[2]      0.358876 
_atom_sites.fract_transf_vector[3]      0.167551 
# 
loop_
_atom_type.symbol 
C  
CA 
N  
O  
S  
# 
loop_
_atom_site.group_PDB 
_atom_site.id 
_atom_site.type_symbol 
_atom_site.label_atom_id 
_atom_site.label_alt_id 
_atom_site.label_comp_id 
_atom_site.label_asym_id 
_atom_site.label_entity_id 
_atom_site.label_seq_id 
_atom_site.pdbx_PDB_ins_code 
_atom_site.Cartn_x 
_atom_site.Cartn_y 
_atom_site.Cartn_z 
_atom_site.occupancy 
_atom_site.B_iso_or_equiv 
_atom_site.pdbx_formal_charge 
_atom_site.auth_seq_id 
_atom_site.auth_comp_id 
_atom_site.auth_asym_id 
_atom_site.auth_atom_id 
_atom_site.pdbx_PDB_model_num 
ATOM   1    N  N   . ALA A 1 8   ? -17.779 24.489  0.299   1.00 63.72  ? 8   ALA A N   1 
ATOM   2    C  CA  . ALA A 1 8   ? -17.336 23.064  0.202   1.00 64.02  ? 8   ALA A CA  1 
ATOM   3    C  C   . ALA A 1 8   ? -15.939 22.826  0.814   1.00 64.00  ? 8   ALA A C   1 
ATOM   4    O  O   . ALA A 1 8   ? -15.148 22.012  0.310   1.00 64.23  ? 8   ALA A O   1 
ATOM   5    C  CB  . ALA A 1 8   ? -17.408 22.561  -1.258  1.00 63.85  ? 8   ALA A CB  1 
ATOM   6    N  N   . GLU A 1 9   ? -15.653 23.538  1.908   1.00 63.68  ? 9   GLU A N   1 
ATOM   7    C  CA  . GLU A 1 9   ? -14.476 23.264  2.742   1.00 63.15  ? 9   GLU A CA  1 
ATOM   8    C  C   . GLU A 1 9   ? -14.690 21.941  3.488   1.00 62.46  ? 9   GLU A C   1 
ATOM   9    O  O   . GLU A 1 9   ? -13.908 21.561  4.374   1.00 62.46  ? 9   GLU A O   1 
ATOM   10   C  CB  . GLU A 1 9   ? -14.213 24.417  3.720   1.00 63.08  ? 9   GLU A CB  1 
ATOM   11   C  CG  . GLU A 1 9   ? -15.286 24.607  4.789   1.00 63.70  ? 9   GLU A CG  1 
ATOM   12   C  CD  . GLU A 1 9   ? -15.063 25.840  5.658   1.00 63.90  ? 9   GLU A CD  1 
ATOM   13   O  OE1 . GLU A 1 9   ? -16.067 26.477  6.044   1.00 64.69  ? 9   GLU A OE1 1 
ATOM   14   O  OE2 . GLU A 1 9   ? -13.892 26.175  5.958   1.00 64.60  ? 9   GLU A OE2 1 
ATOM   15   N  N   . ALA A 1 10  ? -15.777 21.262  3.121   1.00 61.48  ? 10  ALA A N   1 
ATOM   16   C  CA  . ALA A 1 10  ? -16.057 19.897  3.535   1.00 60.41  ? 10  ALA A CA  1 
ATOM   17   C  C   . ALA A 1 10  ? -14.967 18.960  3.025   1.00 59.50  ? 10  ALA A C   1 
ATOM   18   O  O   . ALA A 1 10  ? -14.481 18.112  3.770   1.00 59.57  ? 10  ALA A O   1 
ATOM   19   C  CB  . ALA A 1 10  ? -17.424 19.459  3.017   1.00 60.49  ? 10  ALA A CB  1 
ATOM   20   N  N   . GLN A 1 11  ? -14.584 19.130  1.757   1.00 58.28  ? 11  GLN A N   1 
ATOM   21   C  CA  . GLN A 1 11  ? -13.530 18.328  1.133   1.00 57.02  ? 11  GLN A CA  1 
ATOM   22   C  C   . GLN A 1 11  ? -12.240 18.387  1.963   1.00 55.74  ? 11  GLN A C   1 
ATOM   23   O  O   . GLN A 1 11  ? -11.565 17.377  2.144   1.00 55.47  ? 11  GLN A O   1 
ATOM   24   C  CB  . GLN A 1 11  ? -13.306 18.787  -0.319  1.00 57.44  ? 11  GLN A CB  1 
ATOM   25   C  CG  . GLN A 1 11  ? -12.062 18.224  -1.026  1.00 58.87  ? 11  GLN A CG  1 
ATOM   26   C  CD  . GLN A 1 11  ? -12.295 16.890  -1.731  1.00 61.41  ? 11  GLN A CD  1 
ATOM   27   O  OE1 . GLN A 1 11  ? -11.996 16.749  -2.923  1.00 62.44  ? 11  GLN A OE1 1 
ATOM   28   N  NE2 . GLN A 1 11  ? -12.809 15.901  -0.999  1.00 61.57  ? 11  GLN A NE2 1 
ATOM   29   N  N   . ALA A 1 12  ? -11.926 19.574  2.484   1.00 54.33  ? 12  ALA A N   1 
ATOM   30   C  CA  . ALA A 1 12  ? -10.785 19.766  3.383   1.00 52.71  ? 12  ALA A CA  1 
ATOM   31   C  C   . ALA A 1 12  ? -10.965 19.030  4.720   1.00 51.50  ? 12  ALA A C   1 
ATOM   32   O  O   . ALA A 1 12  ? -10.014 18.441  5.241   1.00 51.41  ? 12  ALA A O   1 
ATOM   33   C  CB  . ALA A 1 12  ? -10.536 21.259  3.616   1.00 52.86  ? 12  ALA A CB  1 
ATOM   34   N  N   . THR A 1 13  ? -12.181 19.071  5.267   1.00 49.67  ? 13  THR A N   1 
ATOM   35   C  CA  . THR A 1 13  ? -12.497 18.400  6.529   1.00 48.29  ? 13  THR A CA  1 
ATOM   36   C  C   . THR A 1 13  ? -12.388 16.878  6.382   1.00 47.48  ? 13  THR A C   1 
ATOM   37   O  O   . THR A 1 13  ? -11.826 16.186  7.243   1.00 46.72  ? 13  THR A O   1 
ATOM   38   C  CB  . THR A 1 13  ? -13.905 18.803  7.030   1.00 48.34  ? 13  THR A CB  1 
ATOM   39   O  OG1 . THR A 1 13  ? -13.958 20.227  7.191   1.00 47.80  ? 13  THR A OG1 1 
ATOM   40   C  CG2 . THR A 1 13  ? -14.232 18.133  8.360   1.00 47.67  ? 13  THR A CG2 1 
ATOM   41   N  N   . ARG A 1 14  ? -12.917 16.384  5.265   1.00 46.55  ? 14  ARG A N   1 
ATOM   42   C  CA  . ARG A 1 14  ? -12.864 14.977  4.906   1.00 45.77  ? 14  ARG A CA  1 
ATOM   43   C  C   . ARG A 1 14  ? -11.415 14.484  4.865   1.00 44.78  ? 14  ARG A C   1 
ATOM   44   O  O   . ARG A 1 14  ? -11.101 13.419  5.420   1.00 44.23  ? 14  ARG A O   1 
ATOM   45   C  CB  . ARG A 1 14  ? -13.557 14.771  3.559   1.00 46.09  ? 14  ARG A CB  1 
ATOM   46   C  CG  . ARG A 1 14  ? -13.870 13.342  3.234   1.00 48.00  ? 14  ARG A CG  1 
ATOM   47   C  CD  . ARG A 1 14  ? -14.556 13.200  1.887   1.00 50.58  ? 14  ARG A CD  1 
ATOM   48   N  NE  . ARG A 1 14  ? -14.222 11.907  1.291   1.00 53.34  ? 14  ARG A NE  1 
ATOM   49   C  CZ  . ARG A 1 14  ? -14.988 10.818  1.333   1.00 53.65  ? 14  ARG A CZ  1 
ATOM   50   N  NH1 . ARG A 1 14  ? -16.177 10.846  1.928   1.00 53.32  ? 14  ARG A NH1 1 
ATOM   51   N  NH2 . ARG A 1 14  ? -14.558 9.698   0.759   1.00 53.42  ? 14  ARG A NH2 1 
ATOM   52   N  N   . GLY A 1 15  ? -10.547 15.279  4.228   1.00 43.48  ? 15  GLY A N   1 
ATOM   53   C  CA  . GLY A 1 15  ? -9.105  15.000  4.136   1.00 41.96  ? 15  GLY A CA  1 
ATOM   54   C  C   . GLY A 1 15  ? -8.402  14.992  5.483   1.00 40.94  ? 15  GLY A C   1 
ATOM   55   O  O   . GLY A 1 15  ? -7.537  14.146  5.728   1.00 40.78  ? 15  GLY A O   1 
ATOM   56   N  N   . ARG A 1 16  ? -8.787  15.928  6.355   1.00 39.86  ? 16  ARG A N   1 
ATOM   57   C  CA  . ARG A 1 16  ? -8.322  15.974  7.746   1.00 39.26  ? 16  ARG A CA  1 
ATOM   58   C  C   . ARG A 1 16  ? -8.670  14.700  8.507   1.00 37.76  ? 16  ARG A C   1 
ATOM   59   O  O   . ARG A 1 16  ? -7.816  14.117  9.180   1.00 37.71  ? 16  ARG A O   1 
ATOM   60   C  CB  . ARG A 1 16  ? -8.936  17.167  8.480   1.00 39.33  ? 16  ARG A CB  1 
ATOM   61   C  CG  . ARG A 1 16  ? -7.985  18.306  8.742   1.00 40.93  ? 16  ARG A CG  1 
ATOM   62   C  CD  . ARG A 1 16  ? -8.706  19.524  9.378   1.00 41.26  ? 16  ARG A CD  1 
ATOM   63   N  NE  . ARG A 1 16  ? -9.012  19.399  10.810  1.00 45.49  ? 16  ARG A NE  1 
ATOM   64   C  CZ  . ARG A 1 16  ? -10.211 19.647  11.352  1.00 48.14  ? 16  ARG A CZ  1 
ATOM   65   N  NH1 . ARG A 1 16  ? -11.232 20.020  10.579  1.00 49.26  ? 16  ARG A NH1 1 
ATOM   66   N  NH2 . ARG A 1 16  ? -10.400 19.532  12.673  1.00 47.90  ? 16  ARG A NH2 1 
ATOM   67   N  N   . ILE A 1 17  ? -9.928  14.274  8.381   1.00 35.94  ? 17  ILE A N   1 
ATOM   68   C  CA  . ILE A 1 17  ? -10.416 13.068  9.028   1.00 34.05  ? 17  ILE A CA  1 
ATOM   69   C  C   . ILE A 1 17  ? -9.657  11.830  8.548   1.00 33.49  ? 17  ILE A C   1 
ATOM   70   O  O   . ILE A 1 17  ? -9.121  11.068  9.347   1.00 32.52  ? 17  ILE A O   1 
ATOM   71   C  CB  . ILE A 1 17  ? -11.951 12.881  8.832   1.00 33.88  ? 17  ILE A CB  1 
ATOM   72   C  CG1 . ILE A 1 17  ? -12.741 14.021  9.514   1.00 33.65  ? 17  ILE A CG1 1 
ATOM   73   C  CG2 . ILE A 1 17  ? -12.384 11.515  9.386   1.00 34.06  ? 17  ILE A CG2 1 
ATOM   74   C  CD1 . ILE A 1 17  ? -14.249 14.119  9.125   1.00 32.44  ? 17  ILE A CD1 1 
ATOM   75   N  N   . LEU A 1 18  ? -9.622  11.649  7.235   1.00 33.66  ? 18  LEU A N   1 
ATOM   76   C  CA  . LEU A 1 18  ? -9.009  10.477  6.622   1.00 33.55  ? 18  LEU A CA  1 
ATOM   77   C  C   . LEU A 1 18  ? -7.506  10.439  6.852   1.00 33.69  ? 18  LEU A C   1 
ATOM   78   O  O   . LEU A 1 18  ? -6.940  9.368   7.108   1.00 33.93  ? 18  LEU A O   1 
ATOM   79   C  CB  . LEU A 1 18  ? -9.327  10.431  5.132   1.00 33.32  ? 18  LEU A CB  1 
ATOM   80   C  CG  . LEU A 1 18  ? -10.794 10.167  4.793   1.00 32.75  ? 18  LEU A CG  1 
ATOM   81   C  CD1 . LEU A 1 18  ? -11.011 10.208  3.272   1.00 28.99  ? 18  LEU A CD1 1 
ATOM   82   C  CD2 . LEU A 1 18  ? -11.260 8.836   5.404   1.00 31.39  ? 18  LEU A CD2 1 
ATOM   83   N  N   . GLY A 1 19  ? -6.886  11.617  6.786   1.00 33.76  ? 19  GLY A N   1 
ATOM   84   C  CA  . GLY A 1 19  ? -5.466  11.799  7.108   1.00 33.74  ? 19  GLY A CA  1 
ATOM   85   C  C   . GLY A 1 19  ? -5.103  11.353  8.511   1.00 33.29  ? 19  GLY A C   1 
ATOM   86   O  O   . GLY A 1 19  ? -4.174  10.563  8.683   1.00 33.38  ? 19  GLY A O   1 
ATOM   87   N  N   . ARG A 1 20  ? -5.849  11.837  9.507   1.00 32.85  ? 20  ARG A N   1 
ATOM   88   C  CA  . ARG A 1 20  ? -5.617  11.455  10.908  1.00 32.66  ? 20  ARG A CA  1 
ATOM   89   C  C   . ARG A 1 20  ? -5.937  9.986   11.145  1.00 32.22  ? 20  ARG A C   1 
ATOM   90   O  O   . ARG A 1 20  ? -5.230  9.306   11.874  1.00 32.40  ? 20  ARG A O   1 
ATOM   91   C  CB  . ARG A 1 20  ? -6.433  12.334  11.870  1.00 33.12  ? 20  ARG A CB  1 
ATOM   92   C  CG  . ARG A 1 20  ? -6.156  12.084  13.366  1.00 34.34  ? 20  ARG A CG  1 
ATOM   93   C  CD  . ARG A 1 20  ? -4.707  12.465  13.727  1.00 37.46  ? 20  ARG A CD  1 
ATOM   94   N  NE  . ARG A 1 20  ? -4.377  12.039  15.083  1.00 39.66  ? 20  ARG A NE  1 
ATOM   95   C  CZ  . ARG A 1 20  ? -3.349  11.266  15.417  1.00 39.77  ? 20  ARG A CZ  1 
ATOM   96   N  NH1 . ARG A 1 20  ? -2.489  10.835  14.495  1.00 41.46  ? 20  ARG A NH1 1 
ATOM   97   N  NH2 . ARG A 1 20  ? -3.173  10.935  16.690  1.00 38.41  ? 20  ARG A NH2 1 
ATOM   98   N  N   . ALA A 1 21  ? -6.998  9.499   10.510  1.00 32.01  ? 21  ALA A N   1 
ATOM   99   C  CA  . ALA A 1 21  ? -7.378  8.095   10.609  1.00 31.97  ? 21  ALA A CA  1 
ATOM   100  C  C   . ALA A 1 21  ? -6.295  7.156   10.065  1.00 32.09  ? 21  ALA A C   1 
ATOM   101  O  O   . ALA A 1 21  ? -6.033  6.120   10.658  1.00 32.03  ? 21  ALA A O   1 
ATOM   102  C  CB  . ALA A 1 21  ? -8.737  7.848   9.931   1.00 31.15  ? 21  ALA A CB  1 
ATOM   103  N  N   . ALA A 1 22  ? -5.667  7.521   8.946   1.00 32.53  ? 22  ALA A N   1 
ATOM   104  C  CA  . ALA A 1 22  ? -4.578  6.711   8.375   1.00 33.84  ? 22  ALA A CA  1 
ATOM   105  C  C   . ALA A 1 22  ? -3.373  6.660   9.310   1.00 34.45  ? 22  ALA A C   1 
ATOM   106  O  O   . ALA A 1 22  ? -2.763  5.605   9.503   1.00 34.27  ? 22  ALA A O   1 
ATOM   107  C  CB  . ALA A 1 22  ? -4.166  7.232   6.989   1.00 33.26  ? 22  ALA A CB  1 
ATOM   108  N  N   . GLU A 1 23  ? -3.045  7.800   9.905   1.00 35.61  ? 23  GLU A N   1 
ATOM   109  C  CA  . GLU A 1 23  ? -1.971  7.854   10.888  1.00 37.42  ? 23  GLU A CA  1 
ATOM   110  C  C   . GLU A 1 23  ? -2.245  6.898   12.051  1.00 37.25  ? 23  GLU A C   1 
ATOM   111  O  O   . GLU A 1 23  ? -1.421  6.016   12.349  1.00 37.81  ? 23  GLU A O   1 
ATOM   112  C  CB  . GLU A 1 23  ? -1.779  9.286   11.375  1.00 37.22  ? 23  GLU A CB  1 
ATOM   113  C  CG  . GLU A 1 23  ? -1.304  10.240  10.259  1.00 39.15  ? 23  GLU A CG  1 
ATOM   114  C  CD  . GLU A 1 23  ? -1.409  11.730  10.644  1.00 40.28  ? 23  GLU A CD  1 
ATOM   115  O  OE1 . GLU A 1 23  ? -1.755  12.046  11.810  1.00 43.64  ? 23  GLU A OE1 1 
ATOM   116  O  OE2 . GLU A 1 23  ? -1.150  12.588  9.761   1.00 43.97  ? 23  GLU A OE2 1 
ATOM   117  N  N   . ILE A 1 24  ? -3.423  7.048   12.668  1.00 37.27  ? 24  ILE A N   1 
ATOM   118  C  CA  . ILE A 1 24  ? -3.849  6.209   13.798  1.00 36.76  ? 24  ILE A CA  1 
ATOM   119  C  C   . ILE A 1 24  ? -3.857  4.718   13.446  1.00 36.25  ? 24  ILE A C   1 
ATOM   120  O  O   . ILE A 1 24  ? -3.286  3.909   14.178  1.00 36.20  ? 24  ILE A O   1 
ATOM   121  C  CB  . ILE A 1 24  ? -5.254  6.622   14.312  1.00 37.14  ? 24  ILE A CB  1 
ATOM   122  C  CG1 . ILE A 1 24  ? -5.194  7.982   14.997  1.00 36.83  ? 24  ILE A CG1 1 
ATOM   123  C  CG2 . ILE A 1 24  ? -5.816  5.571   15.265  1.00 37.56  ? 24  ILE A CG2 1 
ATOM   124  C  CD1 . ILE A 1 24  ? -6.545  8.579   15.229  1.00 36.80  ? 24  ILE A CD1 1 
ATOM   125  N  N   . ALA A 1 25  ? -4.499  4.376   12.328  1.00 35.65  ? 25  ALA A N   1 
ATOM   126  C  CA  . ALA A 1 25  ? -4.618  2.985   11.878  1.00 35.98  ? 25  ALA A CA  1 
ATOM   127  C  C   . ALA A 1 25  ? -3.294  2.302   11.511  1.00 36.61  ? 25  ALA A C   1 
ATOM   128  O  O   . ALA A 1 25  ? -3.187  1.070   11.626  1.00 36.41  ? 25  ALA A O   1 
ATOM   129  C  CB  . ALA A 1 25  ? -5.590  2.880   10.712  1.00 35.11  ? 25  ALA A CB  1 
ATOM   130  N  N   . SER A 1 26  ? -2.313  3.081   11.046  1.00 36.75  ? 26  SER A N   1 
ATOM   131  C  CA  . SER A 1 26  ? -0.997  2.528   10.697  1.00 38.15  ? 26  SER A CA  1 
ATOM   132  C  C   . SER A 1 26  ? -0.266  1.910   11.903  1.00 39.64  ? 26  SER A C   1 
ATOM   133  O  O   . SER A 1 26  ? 0.575   1.037   11.714  1.00 40.60  ? 26  SER A O   1 
ATOM   134  C  CB  . SER A 1 26  ? -0.098  3.573   10.009  1.00 37.68  ? 26  SER A CB  1 
ATOM   135  O  OG  . SER A 1 26  ? 0.333   4.594   10.914  1.00 36.46  ? 26  SER A OG  1 
ATOM   136  N  N   . GLU A 1 27  ? -0.592  2.346   13.122  1.00 40.56  ? 27  GLU A N   1 
ATOM   137  C  CA  . GLU A 1 27  ? -0.002  1.763   14.335  1.00 41.98  ? 27  GLU A CA  1 
ATOM   138  C  C   . GLU A 1 27  ? -0.979  0.945   15.194  1.00 42.11  ? 27  GLU A C   1 
ATOM   139  O  O   . GLU A 1 27  ? -0.575  0.010   15.902  1.00 42.19  ? 27  GLU A O   1 
ATOM   140  C  CB  . GLU A 1 27  ? 0.657   2.846   15.194  1.00 42.17  ? 27  GLU A CB  1 
ATOM   141  C  CG  . GLU A 1 27  ? 1.715   3.633   14.459  1.00 44.64  ? 27  GLU A CG  1 
ATOM   142  C  CD  . GLU A 1 27  ? 2.539   4.518   15.363  1.00 48.66  ? 27  GLU A CD  1 
ATOM   143  O  OE1 . GLU A 1 27  ? 1.997   5.520   15.877  1.00 50.34  ? 27  GLU A OE1 1 
ATOM   144  O  OE2 . GLU A 1 27  ? 3.738   4.215   15.552  1.00 50.40  ? 27  GLU A OE2 1 
ATOM   145  N  N   . GLU A 1 28  ? -2.259  1.300   15.138  1.00 42.40  ? 28  GLU A N   1 
ATOM   146  C  CA  . GLU A 1 28  ? -3.254  0.700   16.022  1.00 42.24  ? 28  GLU A CA  1 
ATOM   147  C  C   . GLU A 1 28  ? -4.106  -0.323  15.305  1.00 42.14  ? 28  GLU A C   1 
ATOM   148  O  O   . GLU A 1 28  ? -4.786  -1.117  15.955  1.00 42.41  ? 28  GLU A O   1 
ATOM   149  C  CB  . GLU A 1 28  ? -4.141  1.783   16.657  1.00 42.34  ? 28  GLU A CB  1 
ATOM   150  C  CG  . GLU A 1 28  ? -3.432  2.640   17.686  1.00 42.43  ? 28  GLU A CG  1 
ATOM   151  C  CD  . GLU A 1 28  ? -4.346  3.671   18.342  1.00 42.85  ? 28  GLU A CD  1 
ATOM   152  O  OE1 . GLU A 1 28  ? -3.880  4.801   18.558  1.00 43.72  ? 28  GLU A OE1 1 
ATOM   153  O  OE2 . GLU A 1 28  ? -5.527  3.369   18.634  1.00 44.44  ? 28  GLU A OE2 1 
ATOM   154  N  N   . GLY A 1 29  ? -4.055  -0.314  13.974  1.00 41.65  ? 29  GLY A N   1 
ATOM   155  C  CA  . GLY A 1 29  ? -4.952  -1.126  13.155  1.00 41.66  ? 29  GLY A CA  1 
ATOM   156  C  C   . GLY A 1 29  ? -6.181  -0.343  12.694  1.00 41.33  ? 29  GLY A C   1 
ATOM   157  O  O   . GLY A 1 29  ? -6.532  0.677   13.298  1.00 41.22  ? 29  GLY A O   1 
ATOM   158  N  N   . LEU A 1 30  ? -6.823  -0.816  11.627  1.00 40.51  ? 30  LEU A N   1 
ATOM   159  C  CA  . LEU A 1 30  ? -8.066  -0.217  11.138  1.00 40.74  ? 30  LEU A CA  1 
ATOM   160  C  C   . LEU A 1 30  ? -9.238  -0.345  12.114  1.00 41.17  ? 30  LEU A C   1 
ATOM   161  O  O   . LEU A 1 30  ? -10.180 0.438   12.046  1.00 39.82  ? 30  LEU A O   1 
ATOM   162  C  CB  . LEU A 1 30  ? -8.488  -0.806  9.796   1.00 40.06  ? 30  LEU A CB  1 
ATOM   163  C  CG  . LEU A 1 30  ? -7.781  -0.423  8.496   1.00 41.03  ? 30  LEU A CG  1 
ATOM   164  C  CD1 . LEU A 1 30  ? -8.248  -1.375  7.408   1.00 39.77  ? 30  LEU A CD1 1 
ATOM   165  C  CD2 . LEU A 1 30  ? -8.049  1.028   8.082   1.00 39.71  ? 30  LEU A CD2 1 
ATOM   166  N  N   . ASP A 1 31  ? -9.183  -1.347  12.994  1.00 42.39  ? 31  ASP A N   1 
ATOM   167  C  CA  . ASP A 1 31  ? -10.249 -1.572  13.949  1.00 44.29  ? 31  ASP A CA  1 
ATOM   168  C  C   . ASP A 1 31  ? -10.123 -0.573  15.115  1.00 44.43  ? 31  ASP A C   1 
ATOM   169  O  O   . ASP A 1 31  ? -11.037 -0.417  15.912  1.00 44.67  ? 31  ASP A O   1 
ATOM   170  C  CB  . ASP A 1 31  ? -10.342 -3.051  14.378  1.00 44.79  ? 31  ASP A CB  1 
ATOM   171  C  CG  . ASP A 1 31  ? -9.268  -3.470  15.386  1.00 49.14  ? 31  ASP A CG  1 
ATOM   172  O  OD1 . ASP A 1 31  ? -8.259  -2.739  15.603  1.00 52.36  ? 31  ASP A OD1 1 
ATOM   173  O  OD2 . ASP A 1 31  ? -9.446  -4.572  15.975  1.00 53.44  ? 31  ASP A OD2 1 
ATOM   174  N  N   . GLY A 1 32  ? -8.994  0.132   15.173  1.00 44.65  ? 32  GLY A N   1 
ATOM   175  C  CA  . GLY A 1 32  ? -8.858  1.266   16.085  1.00 44.99  ? 32  GLY A CA  1 
ATOM   176  C  C   . GLY A 1 32  ? -9.559  2.532   15.592  1.00 44.75  ? 32  GLY A C   1 
ATOM   177  O  O   . GLY A 1 32  ? -9.491  3.580   16.253  1.00 44.96  ? 32  GLY A O   1 
ATOM   178  N  N   . ILE A 1 33  ? -10.236 2.432   14.443  1.00 43.22  ? 33  ILE A N   1 
ATOM   179  C  CA  . ILE A 1 33  ? -10.888 3.574   13.820  1.00 42.37  ? 33  ILE A CA  1 
ATOM   180  C  C   . ILE A 1 33  ? -12.408 3.590   14.082  1.00 41.32  ? 33  ILE A C   1 
ATOM   181  O  O   . ILE A 1 33  ? -13.158 2.773   13.532  1.00 41.36  ? 33  ILE A O   1 
ATOM   182  C  CB  . ILE A 1 33  ? -10.614 3.619   12.295  1.00 42.28  ? 33  ILE A CB  1 
ATOM   183  C  CG1 . ILE A 1 33  ? -9.130  3.849   12.006  1.00 43.06  ? 33  ILE A CG1 1 
ATOM   184  C  CG2 . ILE A 1 33  ? -11.428 4.713   11.631  1.00 42.59  ? 33  ILE A CG2 1 
ATOM   185  C  CD1 . ILE A 1 33  ? -8.825  3.832   10.518  1.00 42.59  ? 33  ILE A CD1 1 
ATOM   186  N  N   . THR A 1 34  ? -12.842 4.525   14.924  1.00 39.73  ? 34  THR A N   1 
ATOM   187  C  CA  . THR A 1 34  ? -14.261 4.785   15.150  1.00 38.34  ? 34  THR A CA  1 
ATOM   188  C  C   . THR A 1 34  ? -14.574 6.257   14.889  1.00 37.14  ? 34  THR A C   1 
ATOM   189  O  O   . THR A 1 34  ? -13.677 7.105   14.881  1.00 35.84  ? 34  THR A O   1 
ATOM   190  C  CB  . THR A 1 34  ? -14.723 4.387   16.576  1.00 38.66  ? 34  THR A CB  1 
ATOM   191  O  OG1 . THR A 1 34  ? -14.036 5.173   17.567  1.00 38.90  ? 34  THR A OG1 1 
ATOM   192  C  CG2 . THR A 1 34  ? -14.482 2.890   16.833  1.00 39.16  ? 34  THR A CG2 1 
ATOM   193  N  N   . ILE A 1 35  ? -15.853 6.536   14.653  1.00 36.26  ? 35  ILE A N   1 
ATOM   194  C  CA  . ILE A 1 35  ? -16.362 7.896   14.520  1.00 35.62  ? 35  ILE A CA  1 
ATOM   195  C  C   . ILE A 1 35  ? -15.982 8.702   15.767  1.00 35.15  ? 35  ILE A C   1 
ATOM   196  O  O   . ILE A 1 35  ? -15.498 9.830   15.647  1.00 35.27  ? 35  ILE A O   1 
ATOM   197  C  CB  . ILE A 1 35  ? -17.906 7.887   14.281  1.00 36.14  ? 35  ILE A CB  1 
ATOM   198  C  CG1 . ILE A 1 35  ? -18.278 7.107   13.001  1.00 36.20  ? 35  ILE A CG1 1 
ATOM   199  C  CG2 . ILE A 1 35  ? -18.524 9.305   14.331  1.00 35.47  ? 35  ILE A CG2 1 
ATOM   200  C  CD1 . ILE A 1 35  ? -17.538 7.516   11.755  1.00 37.26  ? 35  ILE A CD1 1 
ATOM   201  N  N   . GLY A 1 36  ? -16.166 8.096   16.944  1.00 34.61  ? 36  GLY A N   1 
ATOM   202  C  CA  . GLY A 1 36  ? -15.921 8.737   18.246  1.00 33.76  ? 36  GLY A CA  1 
ATOM   203  C  C   . GLY A 1 36  ? -14.450 9.022   18.485  1.00 33.53  ? 36  GLY A C   1 
ATOM   204  O  O   . GLY A 1 36  ? -14.095 10.102  18.957  1.00 32.45  ? 36  GLY A O   1 
ATOM   205  N  N   . ARG A 1 37  ? -13.590 8.059   18.154  1.00 33.24  ? 37  ARG A N   1 
ATOM   206  C  CA  . ARG A 1 37  ? -12.137 8.266   18.231  1.00 33.68  ? 37  ARG A CA  1 
ATOM   207  C  C   . ARG A 1 37  ? -11.713 9.502   17.417  1.00 33.53  ? 37  ARG A C   1 
ATOM   208  O  O   . ARG A 1 37  ? -11.038 10.407  17.924  1.00 33.39  ? 37  ARG A O   1 
ATOM   209  C  CB  . ARG A 1 37  ? -11.380 7.023   17.730  1.00 33.98  ? 37  ARG A CB  1 
ATOM   210  C  CG  . ARG A 1 37  ? -9.859  7.198   17.634  1.00 34.37  ? 37  ARG A CG  1 
ATOM   211  C  CD  . ARG A 1 37  ? -9.241  7.491   19.003  1.00 35.37  ? 37  ARG A CD  1 
ATOM   212  N  NE  . ARG A 1 37  ? -7.786  7.659   18.942  1.00 37.26  ? 37  ARG A NE  1 
ATOM   213  C  CZ  . ARG A 1 37  ? -6.918  6.649   18.858  1.00 38.13  ? 37  ARG A CZ  1 
ATOM   214  N  NH1 . ARG A 1 37  ? -7.357  5.393   18.822  1.00 37.17  ? 37  ARG A NH1 1 
ATOM   215  N  NH2 . ARG A 1 37  ? -5.609  6.894   18.811  1.00 36.74  ? 37  ARG A NH2 1 
ATOM   216  N  N   . LEU A 1 38  ? -12.149 9.547   16.164  1.00 33.11  ? 38  LEU A N   1 
ATOM   217  C  CA  . LEU A 1 38  ? -11.791 10.648  15.269  1.00 33.00  ? 38  LEU A CA  1 
ATOM   218  C  C   . LEU A 1 38  ? -12.375 12.005  15.620  1.00 32.88  ? 38  LEU A C   1 
ATOM   219  O  O   . LEU A 1 38  ? -11.731 13.029  15.406  1.00 33.10  ? 38  LEU A O   1 
ATOM   220  C  CB  . LEU A 1 38  ? -12.070 10.259  13.820  1.00 32.38  ? 38  LEU A CB  1 
ATOM   221  C  CG  . LEU A 1 38  ? -10.757 9.548   13.478  1.00 32.90  ? 38  LEU A CG  1 
ATOM   222  C  CD1 . LEU A 1 38  ? -10.933 8.098   13.038  1.00 32.31  ? 38  LEU A CD1 1 
ATOM   223  C  CD2 . LEU A 1 38  ? -9.827  10.362  12.582  1.00 29.15  ? 38  LEU A CD2 1 
ATOM   224  N  N   . ALA A 1 39  ? -13.590 12.011  16.154  1.00 32.83  ? 39  ALA A N   1 
ATOM   225  C  CA  . ALA A 1 39  ? -14.190 13.224  16.684  1.00 33.19  ? 39  ALA A CA  1 
ATOM   226  C  C   . ALA A 1 39  ? -13.313 13.782  17.814  1.00 33.38  ? 39  ALA A C   1 
ATOM   227  O  O   . ALA A 1 39  ? -13.008 14.977  17.855  1.00 33.21  ? 39  ALA A O   1 
ATOM   228  C  CB  . ALA A 1 39  ? -15.615 12.938  17.175  1.00 32.79  ? 39  ALA A CB  1 
ATOM   229  N  N   . GLU A 1 40  ? -12.892 12.897  18.707  1.00 34.16  ? 40  GLU A N   1 
ATOM   230  C  CA  . GLU A 1 40  ? -12.039 13.254  19.828  1.00 35.43  ? 40  GLU A CA  1 
ATOM   231  C  C   . GLU A 1 40  ? -10.636 13.731  19.384  1.00 35.53  ? 40  GLU A C   1 
ATOM   232  O  O   . GLU A 1 40  ? -10.127 14.735  19.895  1.00 35.37  ? 40  GLU A O   1 
ATOM   233  C  CB  . GLU A 1 40  ? -11.937 12.067  20.775  1.00 35.58  ? 40  GLU A CB  1 
ATOM   234  C  CG  . GLU A 1 40  ? -12.103 12.436  22.217  1.00 39.88  ? 40  GLU A CG  1 
ATOM   235  C  CD  . GLU A 1 40  ? -12.038 11.230  23.129  1.00 45.13  ? 40  GLU A CD  1 
ATOM   236  O  OE1 . GLU A 1 40  ? -12.922 10.350  23.007  1.00 47.36  ? 40  GLU A OE1 1 
ATOM   237  O  OE2 . GLU A 1 40  ? -11.108 11.168  23.968  1.00 46.49  ? 40  GLU A OE2 1 
ATOM   238  N  N   . GLU A 1 41  ? -10.039 13.031  18.417  1.00 35.40  ? 41  GLU A N   1 
ATOM   239  C  CA  . GLU A 1 41  ? -8.719  13.392  17.885  1.00 35.62  ? 41  GLU A CA  1 
ATOM   240  C  C   . GLU A 1 41  ? -8.696  14.771  17.218  1.00 35.67  ? 41  GLU A C   1 
ATOM   241  O  O   . GLU A 1 41  ? -7.717  15.499  17.318  1.00 35.53  ? 41  GLU A O   1 
ATOM   242  C  CB  . GLU A 1 41  ? -8.225  12.339  16.883  1.00 35.61  ? 41  GLU A CB  1 
ATOM   243  C  CG  . GLU A 1 41  ? -8.031  10.947  17.467  1.00 36.30  ? 41  GLU A CG  1 
ATOM   244  C  CD  . GLU A 1 41  ? -6.746  10.784  18.275  1.00 39.04  ? 41  GLU A CD  1 
ATOM   245  O  OE1 . GLU A 1 41  ? -5.789  11.567  18.082  1.00 38.76  ? 41  GLU A OE1 1 
ATOM   246  O  OE2 . GLU A 1 41  ? -6.693  9.840   19.092  1.00 39.79  ? 41  GLU A OE2 1 
ATOM   247  N  N   . LEU A 1 42  ? -9.787  15.122  16.546  1.00 35.43  ? 42  LEU A N   1 
ATOM   248  C  CA  . LEU A 1 42  ? -9.853  16.357  15.770  1.00 35.48  ? 42  LEU A CA  1 
ATOM   249  C  C   . LEU A 1 42  ? -10.668 17.470  16.445  1.00 35.24  ? 42  LEU A C   1 
ATOM   250  O  O   . LEU A 1 42  ? -10.879 18.532  15.848  1.00 35.78  ? 42  LEU A O   1 
ATOM   251  C  CB  . LEU A 1 42  ? -10.395 16.054  14.366  1.00 35.27  ? 42  LEU A CB  1 
ATOM   252  C  CG  . LEU A 1 42  ? -9.455  15.156  13.544  1.00 35.66  ? 42  LEU A CG  1 
ATOM   253  C  CD1 . LEU A 1 42  ? -10.108 14.659  12.263  1.00 35.49  ? 42  LEU A CD1 1 
ATOM   254  C  CD2 . LEU A 1 42  ? -8.118  15.868  13.266  1.00 35.17  ? 42  LEU A CD2 1 
ATOM   255  N  N   . GLU A 1 43  ? -11.120 17.225  17.679  1.00 35.11  ? 43  GLU A N   1 
ATOM   256  C  CA  . GLU A 1 43  ? -11.962 18.182  18.440  1.00 34.77  ? 43  GLU A CA  1 
ATOM   257  C  C   . GLU A 1 43  ? -13.182 18.605  17.605  1.00 33.50  ? 43  GLU A C   1 
ATOM   258  O  O   . GLU A 1 43  ? -13.489 19.790  17.445  1.00 33.03  ? 43  GLU A O   1 
ATOM   259  C  CB  . GLU A 1 43  ? -11.131 19.378  18.937  1.00 34.54  ? 43  GLU A CB  1 
ATOM   260  C  CG  . GLU A 1 43  ? -9.846  18.955  19.674  1.00 36.16  ? 43  GLU A CG  1 
ATOM   261  C  CD  . GLU A 1 43  ? -9.057  20.129  20.255  1.00 37.40  ? 43  GLU A CD  1 
ATOM   262  O  OE1 . GLU A 1 43  ? -8.700  21.065  19.494  1.00 41.66  ? 43  GLU A OE1 1 
ATOM   263  O  OE2 . GLU A 1 43  ? -8.780  20.112  21.477  1.00 40.05  ? 43  GLU A OE2 1 
ATOM   264  N  N   . MET A 1 44  ? -13.837 17.584  17.056  1.00 32.88  ? 44  MET A N   1 
ATOM   265  C  CA  . MET A 1 44  ? -15.070 17.684  16.282  1.00 32.00  ? 44  MET A CA  1 
ATOM   266  C  C   . MET A 1 44  ? -16.181 16.957  17.035  1.00 31.91  ? 44  MET A C   1 
ATOM   267  O  O   . MET A 1 44  ? -15.907 16.128  17.900  1.00 31.77  ? 44  MET A O   1 
ATOM   268  C  CB  . MET A 1 44  ? -14.891 16.979  14.926  1.00 31.79  ? 44  MET A CB  1 
ATOM   269  C  CG  . MET A 1 44  ? -13.956 17.659  13.936  1.00 31.95  ? 44  MET A CG  1 
ATOM   270  S  SD  . MET A 1 44  ? -13.784 16.733  12.374  1.00 29.65  ? 44  MET A SD  1 
ATOM   271  C  CE  . MET A 1 44  ? -15.388 17.075  11.657  1.00 32.79  ? 44  MET A CE  1 
ATOM   272  N  N   . SER A 1 45  ? -17.431 17.253  16.687  1.00 32.13  ? 45  SER A N   1 
ATOM   273  C  CA  . SER A 1 45  ? -18.565 16.481  17.169  1.00 32.47  ? 45  SER A CA  1 
ATOM   274  C  C   . SER A 1 45  ? -18.616 15.168  16.407  1.00 32.69  ? 45  SER A C   1 
ATOM   275  O  O   . SER A 1 45  ? -18.137 15.086  15.270  1.00 32.73  ? 45  SER A O   1 
ATOM   276  C  CB  . SER A 1 45  ? -19.869 17.250  16.958  1.00 32.78  ? 45  SER A CB  1 
ATOM   277  O  OG  . SER A 1 45  ? -20.164 17.389  15.578  1.00 34.00  ? 45  SER A OG  1 
ATOM   278  N  N   . LYS A 1 46  ? -19.186 14.135  17.024  1.00 33.16  ? 46  LYS A N   1 
ATOM   279  C  CA  . LYS A 1 46  ? -19.410 12.868  16.317  1.00 33.88  ? 46  LYS A CA  1 
ATOM   280  C  C   . LYS A 1 46  ? -20.329 13.118  15.124  1.00 34.22  ? 46  LYS A C   1 
ATOM   281  O  O   . LYS A 1 46  ? -20.139 12.542  14.053  1.00 33.52  ? 46  LYS A O   1 
ATOM   282  C  CB  . LYS A 1 46  ? -19.987 11.805  17.242  1.00 33.44  ? 46  LYS A CB  1 
ATOM   283  C  CG  . LYS A 1 46  ? -18.984 11.284  18.263  1.00 34.50  ? 46  LYS A CG  1 
ATOM   284  C  CD  . LYS A 1 46  ? -19.586 10.189  19.150  1.00 35.17  ? 46  LYS A CD  1 
ATOM   285  C  CE  . LYS A 1 46  ? -19.713 8.850   18.405  1.00 39.76  ? 46  LYS A CE  1 
ATOM   286  N  NZ  . LYS A 1 46  ? -20.097 7.729   19.324  1.00 40.65  ? 46  LYS A NZ  1 
ATOM   287  N  N   . SER A 1 47  ? -21.306 14.005  15.326  1.00 34.56  ? 47  SER A N   1 
ATOM   288  C  CA  . SER A 1 47  ? -22.196 14.495  14.273  1.00 35.39  ? 47  SER A CA  1 
ATOM   289  C  C   . SER A 1 47  ? -21.426 14.996  13.040  1.00 35.68  ? 47  SER A C   1 
ATOM   290  O  O   . SER A 1 47  ? -21.756 14.635  11.914  1.00 35.73  ? 47  SER A O   1 
ATOM   291  C  CB  . SER A 1 47  ? -23.066 15.621  14.834  1.00 35.42  ? 47  SER A CB  1 
ATOM   292  O  OG  . SER A 1 47  ? -24.364 15.589  14.278  1.00 36.61  ? 47  SER A OG  1 
ATOM   293  N  N   . GLY A 1 48  ? -20.391 15.809  13.269  1.00 36.04  ? 48  GLY A N   1 
ATOM   294  C  CA  . GLY A 1 48  ? -19.570 16.375  12.200  1.00 36.54  ? 48  GLY A CA  1 
ATOM   295  C  C   . GLY A 1 48  ? -18.750 15.348  11.439  1.00 37.16  ? 48  GLY A C   1 
ATOM   296  O  O   . GLY A 1 48  ? -18.492 15.514  10.240  1.00 37.80  ? 48  GLY A O   1 
ATOM   297  N  N   . VAL A 1 49  ? -18.335 14.288  12.132  1.00 36.87  ? 49  VAL A N   1 
ATOM   298  C  CA  . VAL A 1 49  ? -17.683 13.158  11.485  1.00 36.93  ? 49  VAL A CA  1 
ATOM   299  C  C   . VAL A 1 49  ? -18.705 12.304  10.717  1.00 37.74  ? 49  VAL A C   1 
ATOM   300  O  O   . VAL A 1 49  ? -18.468 11.939  9.555   1.00 37.17  ? 49  VAL A O   1 
ATOM   301  C  CB  . VAL A 1 49  ? -16.880 12.292  12.491  1.00 36.42  ? 49  VAL A CB  1 
ATOM   302  C  CG1 . VAL A 1 49  ? -16.120 11.166  11.749  1.00 36.46  ? 49  VAL A CG1 1 
ATOM   303  C  CG2 . VAL A 1 49  ? -15.918 13.164  13.279  1.00 34.61  ? 49  VAL A CG2 1 
ATOM   304  N  N   . HIS A 1 50  ? -19.830 12.015  11.374  1.00 38.52  ? 50  HIS A N   1 
ATOM   305  C  CA  . HIS A 1 50  ? -20.898 11.173  10.839  1.00 40.01  ? 50  HIS A CA  1 
ATOM   306  C  C   . HIS A 1 50  ? -21.485 11.701  9.516   1.00 40.58  ? 50  HIS A C   1 
ATOM   307  O  O   . HIS A 1 50  ? -21.949 10.906  8.689   1.00 40.85  ? 50  HIS A O   1 
ATOM   308  C  CB  . HIS A 1 50  ? -21.994 10.968  11.899  1.00 40.36  ? 50  HIS A CB  1 
ATOM   309  C  CG  . HIS A 1 50  ? -23.119 10.081  11.457  1.00 43.00  ? 50  HIS A CG  1 
ATOM   310  N  ND1 . HIS A 1 50  ? -23.054 8.704   11.517  1.00 45.64  ? 50  HIS A ND1 1 
ATOM   311  C  CD2 . HIS A 1 50  ? -24.346 10.376  10.960  1.00 44.62  ? 50  HIS A CD2 1 
ATOM   312  C  CE1 . HIS A 1 50  ? -24.190 8.190   11.073  1.00 44.80  ? 50  HIS A CE1 1 
ATOM   313  N  NE2 . HIS A 1 50  ? -24.988 9.182   10.724  1.00 45.10  ? 50  HIS A NE2 1 
ATOM   314  N  N   . LYS A 1 51  ? -21.452 13.018  9.295   1.00 40.86  ? 51  LYS A N   1 
ATOM   315  C  CA  . LYS A 1 51  ? -21.936 13.554  8.018   1.00 41.70  ? 51  LYS A CA  1 
ATOM   316  C  C   . LYS A 1 51  ? -20.998 13.270  6.835   1.00 41.36  ? 51  LYS A C   1 
ATOM   317  O  O   . LYS A 1 51  ? -21.411 13.353  5.683   1.00 41.79  ? 51  LYS A O   1 
ATOM   318  C  CB  . LYS A 1 51  ? -22.309 15.042  8.110   1.00 41.61  ? 51  LYS A CB  1 
ATOM   319  C  CG  . LYS A 1 51  ? -21.158 16.046  8.148   1.00 42.46  ? 51  LYS A CG  1 
ATOM   320  C  CD  . LYS A 1 51  ? -21.744 17.445  8.389   1.00 43.57  ? 51  LYS A CD  1 
ATOM   321  C  CE  . LYS A 1 51  ? -20.844 18.323  9.268   1.00 46.32  ? 51  LYS A CE  1 
ATOM   322  N  NZ  . LYS A 1 51  ? -21.613 19.438  9.915   1.00 45.88  ? 51  LYS A NZ  1 
ATOM   323  N  N   . HIS A 1 52  ? -19.749 12.924  7.122   1.00 40.94  ? 52  HIS A N   1 
ATOM   324  C  CA  . HIS A 1 52  ? -18.817 12.488  6.089   1.00 40.59  ? 52  HIS A CA  1 
ATOM   325  C  C   . HIS A 1 52  ? -18.841 10.976  5.910   1.00 40.46  ? 52  HIS A C   1 
ATOM   326  O  O   . HIS A 1 52  ? -18.787 10.482  4.781   1.00 40.48  ? 52  HIS A O   1 
ATOM   327  C  CB  . HIS A 1 52  ? -17.404 12.980  6.394   1.00 40.33  ? 52  HIS A CB  1 
ATOM   328  C  CG  . HIS A 1 52  ? -17.268 14.465  6.350   1.00 40.25  ? 52  HIS A CG  1 
ATOM   329  N  ND1 . HIS A 1 52  ? -16.892 15.142  5.212   1.00 41.54  ? 52  HIS A ND1 1 
ATOM   330  C  CD2 . HIS A 1 52  ? -17.487 15.409  7.295   1.00 40.43  ? 52  HIS A CD2 1 
ATOM   331  C  CE1 . HIS A 1 52  ? -16.876 16.441  5.461   1.00 42.16  ? 52  HIS A CE1 1 
ATOM   332  N  NE2 . HIS A 1 52  ? -17.233 16.629  6.719   1.00 40.18  ? 52  HIS A NE2 1 
ATOM   333  N  N   . PHE A 1 53  ? -18.959 10.257  7.025   1.00 40.29  ? 53  PHE A N   1 
ATOM   334  C  CA  . PHE A 1 53  ? -18.876 8.796   7.067   1.00 40.25  ? 53  PHE A CA  1 
ATOM   335  C  C   . PHE A 1 53  ? -19.924 8.247   8.025   1.00 40.47  ? 53  PHE A C   1 
ATOM   336  O  O   . PHE A 1 53  ? -19.781 8.383   9.243   1.00 40.97  ? 53  PHE A O   1 
ATOM   337  C  CB  . PHE A 1 53  ? -17.487 8.362   7.535   1.00 39.75  ? 53  PHE A CB  1 
ATOM   338  C  CG  . PHE A 1 53  ? -16.370 9.062   6.821   1.00 40.31  ? 53  PHE A CG  1 
ATOM   339  C  CD1 . PHE A 1 53  ? -15.970 8.644   5.545   1.00 39.10  ? 53  PHE A CD1 1 
ATOM   340  C  CD2 . PHE A 1 53  ? -15.738 10.158  7.398   1.00 39.52  ? 53  PHE A CD2 1 
ATOM   341  C  CE1 . PHE A 1 53  ? -14.961 9.297   4.864   1.00 37.76  ? 53  PHE A CE1 1 
ATOM   342  C  CE2 . PHE A 1 53  ? -14.715 10.822  6.712   1.00 39.31  ? 53  PHE A CE2 1 
ATOM   343  C  CZ  . PHE A 1 53  ? -14.334 10.390  5.446   1.00 38.77  ? 53  PHE A CZ  1 
ATOM   344  N  N   . GLY A 1 54  ? -20.962 7.625   7.474   1.00 40.36  ? 54  GLY A N   1 
ATOM   345  C  CA  . GLY A 1 54  ? -22.097 7.135   8.249   1.00 40.27  ? 54  GLY A CA  1 
ATOM   346  C  C   . GLY A 1 54  ? -21.793 6.075   9.301   1.00 40.40  ? 54  GLY A C   1 
ATOM   347  O  O   . GLY A 1 54  ? -22.361 6.101   10.402  1.00 40.52  ? 54  GLY A O   1 
ATOM   348  N  N   . THR A 1 55  ? -20.925 5.125   8.963   1.00 39.89  ? 55  THR A N   1 
ATOM   349  C  CA  . THR A 1 55  ? -20.565 4.052   9.894   1.00 39.61  ? 55  THR A CA  1 
ATOM   350  C  C   . THR A 1 55  ? -19.055 3.925   9.982   1.00 39.26  ? 55  THR A C   1 
ATOM   351  O  O   . THR A 1 55  ? -18.326 4.469   9.138   1.00 38.29  ? 55  THR A O   1 
ATOM   352  C  CB  . THR A 1 55  ? -21.166 2.695   9.482   1.00 39.60  ? 55  THR A CB  1 
ATOM   353  O  OG1 . THR A 1 55  ? -20.516 2.218   8.298   1.00 40.20  ? 55  THR A OG1 1 
ATOM   354  C  CG2 . THR A 1 55  ? -22.683 2.818   9.235   1.00 39.73  ? 55  THR A CG2 1 
ATOM   355  N  N   . LYS A 1 56  ? -18.577 3.209   10.998  1.00 39.13  ? 56  LYS A N   1 
ATOM   356  C  CA  . LYS A 1 56  ? -17.140 3.087   11.155  1.00 39.48  ? 56  LYS A CA  1 
ATOM   357  C  C   . LYS A 1 56  ? -16.526 2.269   10.014  1.00 39.19  ? 56  LYS A C   1 
ATOM   358  O  O   . LYS A 1 56  ? -15.385 2.518   9.636   1.00 38.66  ? 56  LYS A O   1 
ATOM   359  C  CB  . LYS A 1 56  ? -16.737 2.562   12.540  1.00 40.00  ? 56  LYS A CB  1 
ATOM   360  C  CG  . LYS A 1 56  ? -17.040 1.114   12.815  1.00 41.73  ? 56  LYS A CG  1 
ATOM   361  C  CD  . LYS A 1 56  ? -16.152 0.608   13.937  1.00 45.84  ? 56  LYS A CD  1 
ATOM   362  C  CE  . LYS A 1 56  ? -16.133 -0.916  13.990  1.00 49.23  ? 56  LYS A CE  1 
ATOM   363  N  NZ  . LYS A 1 56  ? -17.464 -1.513  14.362  1.00 49.77  ? 56  LYS A NZ  1 
ATOM   364  N  N   . GLU A 1 57  ? -17.293 1.329   9.460   1.00 39.02  ? 57  GLU A N   1 
ATOM   365  C  CA  . GLU A 1 57  ? -16.819 0.513   8.335   1.00 39.77  ? 57  GLU A CA  1 
ATOM   366  C  C   . GLU A 1 57  ? -16.616 1.350   7.075   1.00 38.88  ? 57  GLU A C   1 
ATOM   367  O  O   . GLU A 1 57  ? -15.617 1.206   6.392   1.00 38.57  ? 57  GLU A O   1 
ATOM   368  C  CB  . GLU A 1 57  ? -17.751 -0.669  8.055   1.00 40.19  ? 57  GLU A CB  1 
ATOM   369  C  CG  . GLU A 1 57  ? -17.744 -1.746  9.159   1.00 43.44  ? 57  GLU A CG  1 
ATOM   370  C  CD  . GLU A 1 57  ? -18.635 -1.406  10.371  1.00 46.99  ? 57  GLU A CD  1 
ATOM   371  O  OE1 . GLU A 1 57  ? -19.543 -0.536  10.265  1.00 47.95  ? 57  GLU A OE1 1 
ATOM   372  O  OE2 . GLU A 1 57  ? -18.420 -2.023  11.442  1.00 48.74  ? 57  GLU A OE2 1 
ATOM   373  N  N   . THR A 1 58  ? -17.568 2.232   6.783   1.00 38.63  ? 58  THR A N   1 
ATOM   374  C  CA  . THR A 1 58  ? -17.382 3.233   5.733   1.00 38.00  ? 58  THR A CA  1 
ATOM   375  C  C   . THR A 1 58  ? -16.127 4.069   5.998   1.00 36.78  ? 58  THR A C   1 
ATOM   376  O  O   . THR A 1 58  ? -15.321 4.268   5.095   1.00 37.05  ? 58  THR A O   1 
ATOM   377  C  CB  . THR A 1 58  ? -18.640 4.112   5.561   1.00 38.19  ? 58  THR A CB  1 
ATOM   378  O  OG1 . THR A 1 58  ? -19.680 3.314   4.988   1.00 40.30  ? 58  THR A OG1 1 
ATOM   379  C  CG2 . THR A 1 58  ? -18.378 5.310   4.631   1.00 37.76  ? 58  THR A CG2 1 
ATOM   380  N  N   . LEU A 1 59  ? -15.942 4.530   7.232   1.00 35.78  ? 59  LEU A N   1 
ATOM   381  C  CA  . LEU A 1 59  ? -14.742 5.311   7.584   1.00 35.02  ? 59  LEU A CA  1 
ATOM   382  C  C   . LEU A 1 59  ? -13.458 4.499   7.406   1.00 34.30  ? 59  LEU A C   1 
ATOM   383  O  O   . LEU A 1 59  ? -12.460 5.019   6.916   1.00 33.51  ? 59  LEU A O   1 
ATOM   384  C  CB  . LEU A 1 59  ? -14.828 5.879   9.008   1.00 34.54  ? 59  LEU A CB  1 
ATOM   385  C  CG  . LEU A 1 59  ? -13.606 6.638   9.574   1.00 35.26  ? 59  LEU A CG  1 
ATOM   386  C  CD1 . LEU A 1 59  ? -13.181 7.827   8.719   1.00 34.29  ? 59  LEU A CD1 1 
ATOM   387  C  CD2 . LEU A 1 59  ? -13.846 7.106   11.013  1.00 36.01  ? 59  LEU A CD2 1 
ATOM   388  N  N   . GLN A 1 60  ? -13.509 3.226   7.803   1.00 33.77  ? 60  GLN A N   1 
ATOM   389  C  CA  . GLN A 1 60  ? -12.374 2.306   7.708   1.00 33.56  ? 60  GLN A CA  1 
ATOM   390  C  C   . GLN A 1 60  ? -11.980 2.051   6.253   1.00 32.98  ? 60  GLN A C   1 
ATOM   391  O  O   . GLN A 1 60  ? -10.812 2.096   5.914   1.00 32.50  ? 60  GLN A O   1 
ATOM   392  C  CB  . GLN A 1 60  ? -12.726 0.973   8.386   1.00 33.50  ? 60  GLN A CB  1 
ATOM   393  C  CG  . GLN A 1 60  ? -12.684 0.996   9.919   1.00 34.89  ? 60  GLN A CG  1 
ATOM   394  C  CD  . GLN A 1 60  ? -13.204 -0.287  10.548  1.00 35.15  ? 60  GLN A CD  1 
ATOM   395  O  OE1 . GLN A 1 60  ? -14.034 -0.987  9.981   1.00 37.88  ? 60  GLN A OE1 1 
ATOM   396  N  NE2 . GLN A 1 60  ? -12.730 -0.582  11.743  1.00 39.05  ? 60  GLN A NE2 1 
ATOM   397  N  N   . ILE A 1 61  ? -12.973 1.774   5.405   1.00 32.58  ? 61  ILE A N   1 
ATOM   398  C  CA  . ILE A 1 61  ? -12.755 1.572   3.965   1.00 32.80  ? 61  ILE A CA  1 
ATOM   399  C  C   . ILE A 1 61  ? -12.259 2.862   3.275   1.00 32.71  ? 61  ILE A C   1 
ATOM   400  O  O   . ILE A 1 61  ? -11.348 2.828   2.445   1.00 32.16  ? 61  ILE A O   1 
ATOM   401  C  CB  . ILE A 1 61  ? -14.040 0.980   3.280   1.00 32.98  ? 61  ILE A CB  1 
ATOM   402  C  CG1 . ILE A 1 61  ? -14.301 -0.438  3.806   1.00 31.65  ? 61  ILE A CG1 1 
ATOM   403  C  CG2 . ILE A 1 61  ? -13.939 1.000   1.744   1.00 31.56  ? 61  ILE A CG2 1 
ATOM   404  C  CD1 . ILE A 1 61  ? -15.644 -1.037  3.396   1.00 32.73  ? 61  ILE A CD1 1 
ATOM   405  N  N   . SER A 1 62  ? -12.831 4.001   3.646   1.00 32.69  ? 62  SER A N   1 
ATOM   406  C  CA  . SER A 1 62  ? -12.416 5.273   3.038   1.00 32.30  ? 62  SER A CA  1 
ATOM   407  C  C   . SER A 1 62  ? -10.985 5.645   3.406   1.00 31.73  ? 62  SER A C   1 
ATOM   408  O  O   . SER A 1 62  ? -10.265 6.190   2.577   1.00 31.58  ? 62  SER A O   1 
ATOM   409  C  CB  . SER A 1 62  ? -13.387 6.383   3.387   1.00 32.24  ? 62  SER A CB  1 
ATOM   410  O  OG  . SER A 1 62  ? -14.674 6.064   2.925   1.00 32.97  ? 62  SER A OG  1 
ATOM   411  N  N   . THR A 1 63  ? -10.582 5.309   4.630   1.00 31.73  ? 63  THR A N   1 
ATOM   412  C  CA  . THR A 1 63  ? -9.211  5.495   5.121   1.00 31.61  ? 63  THR A CA  1 
ATOM   413  C  C   . THR A 1 63  ? -8.215  4.585   4.381   1.00 32.23  ? 63  THR A C   1 
ATOM   414  O  O   . THR A 1 63  ? -7.157  5.038   3.939   1.00 32.15  ? 63  THR A O   1 
ATOM   415  C  CB  . THR A 1 63  ? -9.120  5.205   6.641   1.00 31.22  ? 63  THR A CB  1 
ATOM   416  O  OG1 . THR A 1 63  ? -10.038 6.040   7.353   1.00 31.27  ? 63  THR A OG1 1 
ATOM   417  C  CG2 . THR A 1 63  ? -7.709  5.455   7.164   1.00 31.25  ? 63  THR A CG2 1 
ATOM   418  N  N   . LEU A 1 64  ? -8.547  3.302   4.284   1.00 32.69  ? 64  LEU A N   1 
ATOM   419  C  CA  . LEU A 1 64  ? -7.796  2.381   3.436   1.00 33.46  ? 64  LEU A CA  1 
ATOM   420  C  C   . LEU A 1 64  ? -7.637  2.939   2.027   1.00 33.58  ? 64  LEU A C   1 
ATOM   421  O  O   . LEU A 1 64  ? -6.513  3.002   1.539   1.00 32.88  ? 64  LEU A O   1 
ATOM   422  C  CB  . LEU A 1 64  ? -8.469  1.006   3.373   1.00 33.35  ? 64  LEU A CB  1 
ATOM   423  C  CG  . LEU A 1 64  ? -7.721  -0.048  2.544   1.00 35.05  ? 64  LEU A CG  1 
ATOM   424  C  CD1 . LEU A 1 64  ? -6.421  -0.445  3.255   1.00 35.40  ? 64  LEU A CD1 1 
ATOM   425  C  CD2 . LEU A 1 64  ? -8.622  -1.260  2.340   1.00 34.60  ? 64  LEU A CD2 1 
ATOM   426  N  N   . ASP A 1 65  ? -8.741  3.348   1.390   1.00 34.70  ? 65  ASP A N   1 
ATOM   427  C  CA  . ASP A 1 65  ? -8.681  3.913   0.018   1.00 35.56  ? 65  ASP A CA  1 
ATOM   428  C  C   . ASP A 1 65  ? -7.806  5.145   -0.094  1.00 35.09  ? 65  ASP A C   1 
ATOM   429  O  O   . ASP A 1 65  ? -7.101  5.315   -1.082  1.00 35.12  ? 65  ASP A O   1 
ATOM   430  C  CB  . ASP A 1 65  ? -10.060 4.259   -0.557  1.00 36.38  ? 65  ASP A CB  1 
ATOM   431  C  CG  . ASP A 1 65  ? -9.969  4.850   -1.996  1.00 39.43  ? 65  ASP A CG  1 
ATOM   432  O  OD1 . ASP A 1 65  ? -9.582  4.096   -2.946  1.00 47.20  ? 65  ASP A OD1 1 
ATOM   433  O  OD2 . ASP A 1 65  ? -10.255 6.073   -2.182  1.00 47.32  ? 65  ASP A OD2 1 
ATOM   434  N  N   . LYS A 1 66  ? -7.849  6.002   0.921   1.00 34.57  ? 66  LYS A N   1 
ATOM   435  C  CA  . LYS A 1 66  ? -7.094  7.249   0.896   1.00 34.59  ? 66  LYS A CA  1 
ATOM   436  C  C   . LYS A 1 66  ? -5.591  6.966   0.921   1.00 33.48  ? 66  LYS A C   1 
ATOM   437  O  O   . LYS A 1 66  ? -4.805  7.580   0.199   1.00 33.13  ? 66  LYS A O   1 
ATOM   438  C  CB  . LYS A 1 66  ? -7.477  8.093   2.097   1.00 34.64  ? 66  LYS A CB  1 
ATOM   439  C  CG  . LYS A 1 66  ? -7.230  9.583   1.913   1.00 38.47  ? 66  LYS A CG  1 
ATOM   440  C  CD  . LYS A 1 66  ? -5.904  9.997   2.485   1.00 43.94  ? 66  LYS A CD  1 
ATOM   441  C  CE  . LYS A 1 66  ? -5.661  9.373   3.852   1.00 47.92  ? 66  LYS A CE  1 
ATOM   442  N  NZ  . LYS A 1 66  ? -4.331  9.810   4.387   1.00 51.85  ? 66  LYS A NZ  1 
ATOM   443  N  N   . ALA A 1 67  ? -5.223  6.020   1.772   1.00 32.68  ? 67  ALA A N   1 
ATOM   444  C  CA  . ALA A 1 67  ? -3.852  5.623   1.968   1.00 32.46  ? 67  ALA A CA  1 
ATOM   445  C  C   . ALA A 1 67  ? -3.310  4.995   0.677   1.00 32.52  ? 67  ALA A C   1 
ATOM   446  O  O   . ALA A 1 67  ? -2.187  5.289   0.263   1.00 32.37  ? 67  ALA A O   1 
ATOM   447  C  CB  . ALA A 1 67  ? -3.788  4.648   3.118   1.00 32.28  ? 67  ALA A CB  1 
ATOM   448  N  N   . PHE A 1 68  ? -4.125  4.155   0.040   1.00 31.99  ? 68  PHE A N   1 
ATOM   449  C  CA  . PHE A 1 68  ? -3.791  3.567   -1.259  1.00 32.76  ? 68  PHE A CA  1 
ATOM   450  C  C   . PHE A 1 68  ? -3.619  4.623   -2.361  1.00 31.81  ? 68  PHE A C   1 
ATOM   451  O  O   . PHE A 1 68  ? -2.678  4.550   -3.146  1.00 31.42  ? 68  PHE A O   1 
ATOM   452  C  CB  . PHE A 1 68  ? -4.850  2.519   -1.641  1.00 33.39  ? 68  PHE A CB  1 
ATOM   453  C  CG  . PHE A 1 68  ? -4.520  1.729   -2.892  1.00 36.25  ? 68  PHE A CG  1 
ATOM   454  C  CD1 . PHE A 1 68  ? -3.272  1.126   -3.052  1.00 38.37  ? 68  PHE A CD1 1 
ATOM   455  C  CD2 . PHE A 1 68  ? -5.478  1.563   -3.892  1.00 39.61  ? 68  PHE A CD2 1 
ATOM   456  C  CE1 . PHE A 1 68  ? -2.963  0.395   -4.204  1.00 38.13  ? 68  PHE A CE1 1 
ATOM   457  C  CE2 . PHE A 1 68  ? -5.179  0.826   -5.048  1.00 40.32  ? 68  PHE A CE2 1 
ATOM   458  C  CZ  . PHE A 1 68  ? -3.920  0.241   -5.186  1.00 37.67  ? 68  PHE A CZ  1 
ATOM   459  N  N   . VAL A 1 69  ? -4.520  5.606   -2.418  1.00 31.88  ? 69  VAL A N   1 
ATOM   460  C  CA  . VAL A 1 69  ? -4.354  6.769   -3.321  1.00 32.09  ? 69  VAL A CA  1 
ATOM   461  C  C   . VAL A 1 69  ? -3.015  7.521   -3.090  1.00 32.30  ? 69  VAL A C   1 
ATOM   462  O  O   . VAL A 1 69  ? -2.313  7.883   -4.045  1.00 31.37  ? 69  VAL A O   1 
ATOM   463  C  CB  . VAL A 1 69  ? -5.557  7.767   -3.237  1.00 32.45  ? 69  VAL A CB  1 
ATOM   464  C  CG1 . VAL A 1 69  ? -5.304  9.028   -4.080  1.00 32.03  ? 69  VAL A CG1 1 
ATOM   465  C  CG2 . VAL A 1 69  ? -6.880  7.094   -3.680  1.00 33.19  ? 69  VAL A CG2 1 
ATOM   466  N  N   . ASP A 1 70  ? -2.667  7.771   -1.827  1.00 32.73  ? 70  ASP A N   1 
ATOM   467  C  CA  . ASP A 1 70  ? -1.407  8.472   -1.525  1.00 33.45  ? 70  ASP A CA  1 
ATOM   468  C  C   . ASP A 1 70  ? -0.193  7.628   -1.974  1.00 32.92  ? 70  ASP A C   1 
ATOM   469  O  O   . ASP A 1 70  ? 0.750   8.151   -2.573  1.00 31.94  ? 70  ASP A O   1 
ATOM   470  C  CB  . ASP A 1 70  ? -1.308  8.811   -0.038  1.00 33.75  ? 70  ASP A CB  1 
ATOM   471  C  CG  . ASP A 1 70  ? -2.381  9.809   0.422   1.00 38.48  ? 70  ASP A CG  1 
ATOM   472  O  OD1 . ASP A 1 70  ? -3.000  10.503  -0.432  1.00 40.98  ? 70  ASP A OD1 1 
ATOM   473  O  OD2 . ASP A 1 70  ? -2.582  9.927   1.657   1.00 41.30  ? 70  ASP A OD2 1 
ATOM   474  N  N   . PHE A 1 71  ? -0.234  6.333   -1.668  1.00 32.37  ? 71  PHE A N   1 
ATOM   475  C  CA  . PHE A 1 71  ? 0.796   5.381   -2.096  1.00 33.30  ? 71  PHE A CA  1 
ATOM   476  C  C   . PHE A 1 71  ? 0.919   5.360   -3.621  1.00 33.36  ? 71  PHE A C   1 
ATOM   477  O  O   . PHE A 1 71  ? 2.015   5.464   -4.162  1.00 33.72  ? 71  PHE A O   1 
ATOM   478  C  CB  . PHE A 1 71  ? 0.469   3.972   -1.551  1.00 33.44  ? 71  PHE A CB  1 
ATOM   479  C  CG  . PHE A 1 71  ? 1.191   2.845   -2.255  1.00 34.55  ? 71  PHE A CG  1 
ATOM   480  C  CD1 . PHE A 1 71  ? 2.440   2.421   -1.816  1.00 34.32  ? 71  PHE A CD1 1 
ATOM   481  C  CD2 . PHE A 1 71  ? 0.592   2.176   -3.328  1.00 35.64  ? 71  PHE A CD2 1 
ATOM   482  C  CE1 . PHE A 1 71  ? 3.097   1.371   -2.458  1.00 36.28  ? 71  PHE A CE1 1 
ATOM   483  C  CE2 . PHE A 1 71  ? 1.233   1.125   -3.961  1.00 34.23  ? 71  PHE A CE2 1 
ATOM   484  C  CZ  . PHE A 1 71  ? 2.492   0.731   -3.536  1.00 34.75  ? 71  PHE A CZ  1 
ATOM   485  N  N   . TRP A 1 72  ? -0.206  5.238   -4.312  1.00 32.95  ? 72  TRP A N   1 
ATOM   486  C  CA  . TRP A 1 72  ? -0.189  5.167   -5.769  1.00 33.37  ? 72  TRP A CA  1 
ATOM   487  C  C   . TRP A 1 72  ? 0.450   6.433   -6.351  1.00 34.61  ? 72  TRP A C   1 
ATOM   488  O  O   . TRP A 1 72  ? 1.278   6.342   -7.264  1.00 33.47  ? 72  TRP A O   1 
ATOM   489  C  CB  . TRP A 1 72  ? -1.605  4.982   -6.296  1.00 32.66  ? 72  TRP A CB  1 
ATOM   490  C  CG  . TRP A 1 72  ? -1.717  4.414   -7.659  1.00 32.02  ? 72  TRP A CG  1 
ATOM   491  C  CD1 . TRP A 1 72  ? -1.865  5.110   -8.829  1.00 32.50  ? 72  TRP A CD1 1 
ATOM   492  C  CD2 . TRP A 1 72  ? -1.758  3.026   -8.011  1.00 31.06  ? 72  TRP A CD2 1 
ATOM   493  N  NE1 . TRP A 1 72  ? -1.972  4.242   -9.886  1.00 30.47  ? 72  TRP A NE1 1 
ATOM   494  C  CE2 . TRP A 1 72  ? -1.904  2.957   -9.413  1.00 30.76  ? 72  TRP A CE2 1 
ATOM   495  C  CE3 . TRP A 1 72  ? -1.664  1.830   -7.276  1.00 32.65  ? 72  TRP A CE3 1 
ATOM   496  C  CZ2 . TRP A 1 72  ? -1.970  1.736   -10.109 1.00 32.23  ? 72  TRP A CZ2 1 
ATOM   497  C  CZ3 . TRP A 1 72  ? -1.715  0.603   -7.974  1.00 32.24  ? 72  TRP A CZ3 1 
ATOM   498  C  CH2 . TRP A 1 72  ? -1.876  0.577   -9.373  1.00 31.95  ? 72  TRP A CH2 1 
ATOM   499  N  N   . HIS A 1 73  ? 0.080   7.596   -5.805  1.00 35.86  ? 73  HIS A N   1 
ATOM   500  C  CA  . HIS A 1 73  ? 0.634   8.876   -6.269  1.00 38.31  ? 73  HIS A CA  1 
ATOM   501  C  C   . HIS A 1 73  ? 2.148   8.991   -6.047  1.00 39.03  ? 73  HIS A C   1 
ATOM   502  O  O   . HIS A 1 73  ? 2.828   9.641   -6.841  1.00 39.59  ? 73  HIS A O   1 
ATOM   503  C  CB  . HIS A 1 73  ? -0.071  10.085  -5.635  1.00 39.17  ? 73  HIS A CB  1 
ATOM   504  C  CG  . HIS A 1 73  ? -1.392  10.434  -6.259  1.00 42.15  ? 73  HIS A CG  1 
ATOM   505  N  ND1 . HIS A 1 73  ? -1.548  10.677  -7.610  1.00 46.59  ? 73  HIS A ND1 1 
ATOM   506  C  CD2 . HIS A 1 73  ? -2.614  10.626  -5.706  1.00 44.67  ? 73  HIS A CD2 1 
ATOM   507  C  CE1 . HIS A 1 73  ? -2.809  10.986  -7.863  1.00 46.19  ? 73  HIS A CE1 1 
ATOM   508  N  NE2 . HIS A 1 73  ? -3.479  10.962  -6.724  1.00 45.73  ? 73  HIS A NE2 1 
ATOM   509  N  N   . ARG A 1 74  ? 2.669   8.364   -4.989  1.00 39.20  ? 74  ARG A N   1 
ATOM   510  C  CA  . ARG A 1 74  ? 4.112   8.399   -4.714  1.00 40.28  ? 74  ARG A CA  1 
ATOM   511  C  C   . ARG A 1 74  ? 4.916   7.296   -5.426  1.00 38.45  ? 74  ARG A C   1 
ATOM   512  O  O   . ARG A 1 74  ? 6.112   7.455   -5.691  1.00 38.74  ? 74  ARG A O   1 
ATOM   513  C  CB  . ARG A 1 74  ? 4.384   8.333   -3.201  1.00 40.26  ? 74  ARG A CB  1 
ATOM   514  C  CG  . ARG A 1 74  ? 5.808   8.809   -2.828  1.00 43.30  ? 74  ARG A CG  1 
ATOM   515  C  CD  . ARG A 1 74  ? 6.130   8.546   -1.363  1.00 44.15  ? 74  ARG A CD  1 
ATOM   516  N  NE  . ARG A 1 74  ? 7.532   8.182   -1.107  1.00 49.08  ? 74  ARG A NE  1 
ATOM   517  C  CZ  . ARG A 1 74  ? 8.097   8.269   0.098   1.00 51.28  ? 74  ARG A CZ  1 
ATOM   518  N  NH1 . ARG A 1 74  ? 7.391   8.730   1.133   1.00 53.08  ? 74  ARG A NH1 1 
ATOM   519  N  NH2 . ARG A 1 74  ? 9.361   7.911   0.278   1.00 51.51  ? 74  ARG A NH2 1 
ATOM   520  N  N   . VAL A 1 75  ? 4.257   6.182   -5.719  1.00 37.06  ? 75  VAL A N   1 
ATOM   521  C  CA  . VAL A 1 75  ? 4.947   4.980   -6.141  1.00 35.49  ? 75  VAL A CA  1 
ATOM   522  C  C   . VAL A 1 75  ? 4.717   4.662   -7.616  1.00 35.66  ? 75  VAL A C   1 
ATOM   523  O  O   . VAL A 1 75  ? 5.670   4.345   -8.339  1.00 35.23  ? 75  VAL A O   1 
ATOM   524  C  CB  . VAL A 1 75  ? 4.559   3.769   -5.243  1.00 35.35  ? 75  VAL A CB  1 
ATOM   525  C  CG1 . VAL A 1 75  ? 5.097   2.459   -5.824  1.00 33.59  ? 75  VAL A CG1 1 
ATOM   526  C  CG2 . VAL A 1 75  ? 5.046   3.991   -3.809  1.00 33.49  ? 75  VAL A CG2 1 
ATOM   527  N  N   . VAL A 1 76  ? 3.469   4.761   -8.075  1.00 34.86  ? 76  VAL A N   1 
ATOM   528  C  CA  . VAL A 1 76  ? 3.162   4.320   -9.436  1.00 34.72  ? 76  VAL A CA  1 
ATOM   529  C  C   . VAL A 1 76  ? 3.169   5.483   -10.412 1.00 35.14  ? 76  VAL A C   1 
ATOM   530  O  O   . VAL A 1 76  ? 3.825   5.422   -11.462 1.00 34.45  ? 76  VAL A O   1 
ATOM   531  C  CB  . VAL A 1 76  ? 1.835   3.517   -9.504  1.00 34.85  ? 76  VAL A CB  1 
ATOM   532  C  CG1 . VAL A 1 76  ? 1.489   3.151   -10.941 1.00 34.33  ? 76  VAL A CG1 1 
ATOM   533  C  CG2 . VAL A 1 76  ? 1.953   2.252   -8.646  1.00 35.02  ? 76  VAL A CG2 1 
ATOM   534  N  N   . GLU A 1 77  ? 2.461   6.550   -10.071 1.00 35.30  ? 77  GLU A N   1 
ATOM   535  C  CA  . GLU A 1 77  ? 2.434   7.723   -10.936 1.00 36.66  ? 77  GLU A CA  1 
ATOM   536  C  C   . GLU A 1 77  ? 3.816   8.233   -11.409 1.00 36.09  ? 77  GLU A C   1 
ATOM   537  O  O   . GLU A 1 77  ? 4.013   8.409   -12.612 1.00 36.46  ? 77  GLU A O   1 
ATOM   538  C  CB  . GLU A 1 77  ? 1.606   8.829   -10.316 1.00 37.26  ? 77  GLU A CB  1 
ATOM   539  C  CG  . GLU A 1 77  ? 0.193   8.835   -10.815 1.00 42.16  ? 77  GLU A CG  1 
ATOM   540  C  CD  . GLU A 1 77  ? -0.271  10.251  -11.139 1.00 48.37  ? 77  GLU A CD  1 
ATOM   541  O  OE1 . GLU A 1 77  ? -0.501  11.037  -10.180 1.00 49.82  ? 77  GLU A OE1 1 
ATOM   542  O  OE2 . GLU A 1 77  ? -0.383  10.572  -12.354 1.00 50.70  ? 77  GLU A OE2 1 
ATOM   543  N  N   . PRO A 1 78  ? 4.784   8.434   -10.489 1.00 35.80  ? 78  PRO A N   1 
ATOM   544  C  CA  . PRO A 1 78  ? 6.130   8.802   -10.951 1.00 35.47  ? 78  PRO A CA  1 
ATOM   545  C  C   . PRO A 1 78  ? 6.767   7.832   -11.954 1.00 35.39  ? 78  PRO A C   1 
ATOM   546  O  O   . PRO A 1 78  ? 7.618   8.251   -12.746 1.00 35.81  ? 78  PRO A O   1 
ATOM   547  C  CB  . PRO A 1 78  ? 6.943   8.824   -9.661  1.00 35.37  ? 78  PRO A CB  1 
ATOM   548  C  CG  . PRO A 1 78  ? 5.924   9.160   -8.608  1.00 35.64  ? 78  PRO A CG  1 
ATOM   549  C  CD  . PRO A 1 78  ? 4.723   8.378   -9.016  1.00 35.56  ? 78  PRO A CD  1 
ATOM   550  N  N   . ALA A 1 79  ? 6.356   6.565   -11.926 1.00 34.76  ? 79  ALA A N   1 
ATOM   551  C  CA  . ALA A 1 79  ? 6.920   5.533   -12.784 1.00 34.20  ? 79  ALA A CA  1 
ATOM   552  C  C   . ALA A 1 79  ? 6.322   5.519   -14.183 1.00 34.90  ? 79  ALA A C   1 
ATOM   553  O  O   . ALA A 1 79  ? 6.910   4.940   -15.096 1.00 34.54  ? 79  ALA A O   1 
ATOM   554  C  CB  . ALA A 1 79  ? 6.764   4.166   -12.136 1.00 33.73  ? 79  ALA A CB  1 
ATOM   555  N  N   . LEU A 1 80  ? 5.166   6.163   -14.362 1.00 35.76  ? 80  LEU A N   1 
ATOM   556  C  CA  . LEU A 1 80  ? 4.534   6.252   -15.687 1.00 36.60  ? 80  LEU A CA  1 
ATOM   557  C  C   . LEU A 1 80  ? 5.331   7.073   -16.709 1.00 37.06  ? 80  LEU A C   1 
ATOM   558  O  O   . LEU A 1 80  ? 4.983   7.093   -17.896 1.00 37.82  ? 80  LEU A O   1 
ATOM   559  C  CB  . LEU A 1 80  ? 3.096   6.786   -15.588 1.00 36.85  ? 80  LEU A CB  1 
ATOM   560  C  CG  . LEU A 1 80  ? 2.139   6.138   -14.573 1.00 37.50  ? 80  LEU A CG  1 
ATOM   561  C  CD1 . LEU A 1 80  ? 0.785   6.841   -14.574 1.00 38.98  ? 80  LEU A CD1 1 
ATOM   562  C  CD2 . LEU A 1 80  ? 1.976   4.638   -14.837 1.00 38.38  ? 80  LEU A CD2 1 
ATOM   563  N  N   . ALA A 1 81  ? 6.395   7.742   -16.264 1.00 37.05  ? 81  ALA A N   1 
ATOM   564  C  CA  . ALA A 1 81  ? 7.269   8.486   -17.181 1.00 36.92  ? 81  ALA A CA  1 
ATOM   565  C  C   . ALA A 1 81  ? 8.254   7.521   -17.818 1.00 36.78  ? 81  ALA A C   1 
ATOM   566  O  O   . ALA A 1 81  ? 9.119   7.931   -18.582 1.00 36.49  ? 81  ALA A O   1 
ATOM   567  C  CB  . ALA A 1 81  ? 8.010   9.610   -16.449 1.00 37.20  ? 81  ALA A CB  1 
ATOM   568  N  N   . GLU A 1 82  ? 8.118   6.243   -17.456 1.00 36.12  ? 82  GLU A N   1 
ATOM   569  C  CA  . GLU A 1 82  ? 8.858   5.147   -18.053 1.00 35.65  ? 82  GLU A CA  1 
ATOM   570  C  C   . GLU A 1 82  ? 7.918   4.258   -18.887 1.00 34.68  ? 82  GLU A C   1 
ATOM   571  O  O   . GLU A 1 82  ? 6.739   4.123   -18.550 1.00 34.13  ? 82  GLU A O   1 
ATOM   572  C  CB  . GLU A 1 82  ? 9.556   4.316   -16.961 1.00 35.94  ? 82  GLU A CB  1 
ATOM   573  C  CG  . GLU A 1 82  ? 10.644  5.053   -16.197 1.00 37.81  ? 82  GLU A CG  1 
ATOM   574  C  CD  . GLU A 1 82  ? 11.856  5.365   -17.051 1.00 41.01  ? 82  GLU A CD  1 
ATOM   575  O  OE1 . GLU A 1 82  ? 12.411  4.452   -17.687 1.00 44.12  ? 82  GLU A OE1 1 
ATOM   576  O  OE2 . GLU A 1 82  ? 12.266  6.538   -17.094 1.00 44.86  ? 82  GLU A OE2 1 
ATOM   577  N  N   . PRO A 1 83  ? 8.441   3.656   -19.980 1.00 34.11  ? 83  PRO A N   1 
ATOM   578  C  CA  . PRO A 1 83  ? 7.671   2.749   -20.841 1.00 33.95  ? 83  PRO A CA  1 
ATOM   579  C  C   . PRO A 1 83  ? 7.347   1.443   -20.122 1.00 33.89  ? 83  PRO A C   1 
ATOM   580  O  O   . PRO A 1 83  ? 8.159   0.971   -19.342 1.00 33.92  ? 83  PRO A O   1 
ATOM   581  C  CB  . PRO A 1 83  ? 8.638   2.437   -22.006 1.00 34.29  ? 83  PRO A CB  1 
ATOM   582  C  CG  . PRO A 1 83  ? 9.778   3.352   -21.853 1.00 34.11  ? 83  PRO A CG  1 
ATOM   583  C  CD  . PRO A 1 83  ? 9.831   3.814   -20.440 1.00 33.59  ? 83  PRO A CD  1 
ATOM   584  N  N   . PRO A 1 84  ? 6.178   0.838   -20.401 1.00 34.12  ? 84  PRO A N   1 
ATOM   585  C  CA  . PRO A 1 84  ? 5.844   -0.448  -19.780 1.00 34.18  ? 84  PRO A CA  1 
ATOM   586  C  C   . PRO A 1 84  ? 6.937   -1.503  -19.955 1.00 34.43  ? 84  PRO A C   1 
ATOM   587  O  O   . PRO A 1 84  ? 7.692   -1.497  -20.943 1.00 34.69  ? 84  PRO A O   1 
ATOM   588  C  CB  . PRO A 1 84  ? 4.576   -0.875  -20.530 1.00 34.57  ? 84  PRO A CB  1 
ATOM   589  C  CG  . PRO A 1 84  ? 3.935   0.441   -20.920 1.00 34.01  ? 84  PRO A CG  1 
ATOM   590  C  CD  . PRO A 1 84  ? 5.107   1.303   -21.306 1.00 33.86  ? 84  PRO A CD  1 
ATOM   591  N  N   . GLY A 1 85  ? 7.021   -2.413  -18.997 1.00 34.46  ? 85  GLY A N   1 
ATOM   592  C  CA  . GLY A 1 85  ? 8.043   -3.428  -19.042 1.00 33.92  ? 85  GLY A CA  1 
ATOM   593  C  C   . GLY A 1 85  ? 9.031   -3.180  -17.928 1.00 34.05  ? 85  GLY A C   1 
ATOM   594  O  O   . GLY A 1 85  ? 8.676   -2.620  -16.891 1.00 34.29  ? 85  GLY A O   1 
ATOM   595  N  N   . LEU A 1 86  ? 10.275  -3.586  -18.151 1.00 34.08  ? 86  LEU A N   1 
ATOM   596  C  CA  . LEU A 1 86  ? 11.315  -3.494  -17.130 1.00 34.19  ? 86  LEU A CA  1 
ATOM   597  C  C   . LEU A 1 86  ? 11.588  -2.071  -16.672 1.00 33.78  ? 86  LEU A C   1 
ATOM   598  O  O   . LEU A 1 86  ? 11.909  -1.849  -15.513 1.00 32.96  ? 86  LEU A O   1 
ATOM   599  C  CB  . LEU A 1 86  ? 12.619  -4.158  -17.613 1.00 34.21  ? 86  LEU A CB  1 
ATOM   600  C  CG  . LEU A 1 86  ? 12.669  -5.693  -17.542 1.00 35.76  ? 86  LEU A CG  1 
ATOM   601  C  CD1 . LEU A 1 86  ? 14.066  -6.243  -17.846 1.00 35.44  ? 86  LEU A CD1 1 
ATOM   602  C  CD2 . LEU A 1 86  ? 12.180  -6.230  -16.178 1.00 37.77  ? 86  LEU A CD2 1 
ATOM   603  N  N   . ARG A 1 87  ? 11.468  -1.111  -17.587 1.00 33.73  ? 87  ARG A N   1 
ATOM   604  C  CA  . ARG A 1 87  ? 11.735  0.280   -17.261 1.00 34.01  ? 87  ARG A CA  1 
ATOM   605  C  C   . ARG A 1 87  ? 10.749  0.777   -16.199 1.00 33.60  ? 87  ARG A C   1 
ATOM   606  O  O   . ARG A 1 87  ? 11.164  1.271   -15.149 1.00 33.07  ? 87  ARG A O   1 
ATOM   607  C  CB  . ARG A 1 87  ? 11.734  1.149   -18.528 1.00 33.99  ? 87  ARG A CB  1 
ATOM   608  C  CG  . ARG A 1 87  ? 12.686  0.584   -19.597 1.00 37.93  ? 87  ARG A CG  1 
ATOM   609  C  CD  . ARG A 1 87  ? 13.222  1.614   -20.558 1.00 43.26  ? 87  ARG A CD  1 
ATOM   610  N  NE  . ARG A 1 87  ? 14.630  1.315   -20.802 1.00 49.60  ? 87  ARG A NE  1 
ATOM   611  C  CZ  . ARG A 1 87  ? 15.116  0.731   -21.901 1.00 52.15  ? 87  ARG A CZ  1 
ATOM   612  N  NH1 . ARG A 1 87  ? 14.312  0.398   -22.908 1.00 52.89  ? 87  ARG A NH1 1 
ATOM   613  N  NH2 . ARG A 1 87  ? 16.421  0.492   -21.999 1.00 53.19  ? 87  ARG A NH2 1 
ATOM   614  N  N   . ARG A 1 88  ? 9.458   0.604   -16.473 1.00 32.90  ? 88  ARG A N   1 
ATOM   615  C  CA  . ARG A 1 88  ? 8.419   0.963   -15.536 1.00 32.67  ? 88  ARG A CA  1 
ATOM   616  C  C   . ARG A 1 88  ? 8.519   0.107   -14.264 1.00 33.01  ? 88  ARG A C   1 
ATOM   617  O  O   . ARG A 1 88  ? 8.412   0.635   -13.152 1.00 33.43  ? 88  ARG A O   1 
ATOM   618  C  CB  . ARG A 1 88  ? 7.039   0.837   -16.172 1.00 32.03  ? 88  ARG A CB  1 
ATOM   619  C  CG  . ARG A 1 88  ? 5.914   1.397   -15.308 1.00 31.14  ? 88  ARG A CG  1 
ATOM   620  C  CD  . ARG A 1 88  ? 4.615   1.490   -16.071 1.00 28.84  ? 88  ARG A CD  1 
ATOM   621  N  NE  . ARG A 1 88  ? 4.688   2.530   -17.086 1.00 29.07  ? 88  ARG A NE  1 
ATOM   622  C  CZ  . ARG A 1 88  ? 3.688   2.858   -17.897 1.00 28.99  ? 88  ARG A CZ  1 
ATOM   623  N  NH1 . ARG A 1 88  ? 2.522   2.220   -17.819 1.00 27.59  ? 88  ARG A NH1 1 
ATOM   624  N  NH2 . ARG A 1 88  ? 3.870   3.804   -18.800 1.00 26.33  ? 88  ARG A NH2 1 
ATOM   625  N  N   . LEU A 1 89  ? 8.745   -1.196  -14.414 1.00 32.78  ? 89  LEU A N   1 
ATOM   626  C  CA  . LEU A 1 89  ? 8.836   -2.068  -13.234 1.00 32.85  ? 89  LEU A CA  1 
ATOM   627  C  C   . LEU A 1 89  ? 9.938   -1.660  -12.251 1.00 32.29  ? 89  LEU A C   1 
ATOM   628  O  O   . LEU A 1 89  ? 9.702   -1.560  -11.043 1.00 31.77  ? 89  LEU A O   1 
ATOM   629  C  CB  . LEU A 1 89  ? 9.010   -3.529  -13.629 1.00 32.44  ? 89  LEU A CB  1 
ATOM   630  C  CG  . LEU A 1 89  ? 9.014   -4.524  -12.468 1.00 33.23  ? 89  LEU A CG  1 
ATOM   631  C  CD1 . LEU A 1 89  ? 7.715   -4.500  -11.657 1.00 34.73  ? 89  LEU A CD1 1 
ATOM   632  C  CD2 . LEU A 1 89  ? 9.272   -5.910  -13.005 1.00 33.98  ? 89  LEU A CD2 1 
ATOM   633  N  N   . ARG A 1 90  ? 11.134  -1.431  -12.777 1.00 31.40  ? 90  ARG A N   1 
ATOM   634  C  CA  . ARG A 1 90  ? 12.235  -0.980  -11.944 1.00 31.25  ? 90  ARG A CA  1 
ATOM   635  C  C   . ARG A 1 90  ? 11.950  0.340   -11.227 1.00 30.45  ? 90  ARG A C   1 
ATOM   636  O  O   . ARG A 1 90  ? 12.265  0.471   -10.053 1.00 30.25  ? 90  ARG A O   1 
ATOM   637  C  CB  . ARG A 1 90  ? 13.540  -0.916  -12.732 1.00 31.04  ? 90  ARG A CB  1 
ATOM   638  C  CG  . ARG A 1 90  ? 14.104  -2.295  -12.967 1.00 32.41  ? 90  ARG A CG  1 
ATOM   639  C  CD  . ARG A 1 90  ? 15.541  -2.248  -13.482 1.00 35.86  ? 90  ARG A CD  1 
ATOM   640  N  NE  . ARG A 1 90  ? 16.091  -3.600  -13.532 1.00 39.09  ? 90  ARG A NE  1 
ATOM   641  C  CZ  . ARG A 1 90  ? 16.471  -4.234  -14.643 1.00 40.39  ? 90  ARG A CZ  1 
ATOM   642  N  NH1 . ARG A 1 90  ? 16.400  -3.642  -15.830 1.00 39.21  ? 90  ARG A NH1 1 
ATOM   643  N  NH2 . ARG A 1 90  ? 16.950  -5.466  -14.553 1.00 40.97  ? 90  ARG A NH2 1 
ATOM   644  N  N   . ALA A 1 91  ? 11.358  1.300   -11.934 1.00 29.91  ? 91  ALA A N   1 
ATOM   645  C  CA  . ALA A 1 91  ? 10.926  2.540   -11.320 1.00 29.87  ? 91  ALA A CA  1 
ATOM   646  C  C   . ALA A 1 91  ? 9.885   2.299   -10.219 1.00 29.38  ? 91  ALA A C   1 
ATOM   647  O  O   . ALA A 1 91  ? 10.064  2.783   -9.100  1.00 29.16  ? 91  ALA A O   1 
ATOM   648  C  CB  . ALA A 1 91  ? 10.378  3.519   -12.375 1.00 30.17  ? 91  ALA A CB  1 
ATOM   649  N  N   . VAL A 1 92  ? 8.808   1.569   -10.530 1.00 28.65  ? 92  VAL A N   1 
ATOM   650  C  CA  . VAL A 1 92  ? 7.812   1.260   -9.513  1.00 29.53  ? 92  VAL A CA  1 
ATOM   651  C  C   . VAL A 1 92  ? 8.435   0.611   -8.261  1.00 29.73  ? 92  VAL A C   1 
ATOM   652  O  O   . VAL A 1 92  ? 8.117   1.005   -7.132  1.00 29.80  ? 92  VAL A O   1 
ATOM   653  C  CB  . VAL A 1 92  ? 6.660   0.362   -10.030 1.00 29.69  ? 92  VAL A CB  1 
ATOM   654  C  CG1 . VAL A 1 92  ? 5.846   -0.161  -8.847  1.00 28.94  ? 92  VAL A CG1 1 
ATOM   655  C  CG2 . VAL A 1 92  ? 5.756   1.128   -10.992 1.00 29.84  ? 92  VAL A CG2 1 
ATOM   656  N  N   . CYS A 1 93  ? 9.297   -0.381  -8.468  1.00 29.92  ? 93  CYS A N   1 
ATOM   657  C  CA  . CYS A 1 93  ? 9.942   -1.096  -7.352  1.00 30.76  ? 93  CYS A CA  1 
ATOM   658  C  C   . CYS A 1 93  ? 10.910  -0.220  -6.564  1.00 30.30  ? 93  CYS A C   1 
ATOM   659  O  O   . CYS A 1 93  ? 10.969  -0.331  -5.343  1.00 30.30  ? 93  CYS A O   1 
ATOM   660  C  CB  . CYS A 1 93  ? 10.643  -2.360  -7.835  1.00 30.82  ? 93  CYS A CB  1 
ATOM   661  S  SG  . CYS A 1 93  ? 9.481   -3.695  -8.346  1.00 35.48  ? 93  CYS A SG  1 
ATOM   662  N  N   . ALA A 1 94  ? 11.659  0.654   -7.251  1.00 29.67  ? 94  ALA A N   1 
ATOM   663  C  CA  . ALA A 1 94  ? 12.552  1.569   -6.547  1.00 28.97  ? 94  ALA A CA  1 
ATOM   664  C  C   . ALA A 1 94  ? 11.721  2.519   -5.654  1.00 29.21  ? 94  ALA A C   1 
ATOM   665  O  O   . ALA A 1 94  ? 12.069  2.753   -4.494  1.00 28.29  ? 94  ALA A O   1 
ATOM   666  C  CB  . ALA A 1 94  ? 13.450  2.335   -7.536  1.00 29.01  ? 94  ALA A CB  1 
ATOM   667  N  N   . ASN A 1 95  ? 10.603  3.022   -6.191  1.00 29.35  ? 95  ASN A N   1 
ATOM   668  C  CA  . ASN A 1 95  ? 9.696   3.912   -5.451  1.00 30.06  ? 95  ASN A CA  1 
ATOM   669  C  C   . ASN A 1 95  ? 9.030   3.234   -4.250  1.00 30.01  ? 95  ASN A C   1 
ATOM   670  O  O   . ASN A 1 95  ? 8.880   3.826   -3.178  1.00 29.17  ? 95  ASN A O   1 
ATOM   671  C  CB  . ASN A 1 95  ? 8.611   4.485   -6.380  1.00 29.47  ? 95  ASN A CB  1 
ATOM   672  C  CG  . ASN A 1 95  ? 9.180   5.369   -7.468  1.00 31.49  ? 95  ASN A CG  1 
ATOM   673  O  OD1 . ASN A 1 95  ? 10.309  5.868   -7.353  1.00 30.94  ? 95  ASN A OD1 1 
ATOM   674  N  ND2 . ASN A 1 95  ? 8.393   5.576   -8.547  1.00 31.31  ? 95  ASN A ND2 1 
ATOM   675  N  N   . SER A 1 96  ? 8.631   1.984   -4.436  1.00 30.08  ? 96  SER A N   1 
ATOM   676  C  CA  . SER A 1 96  ? 7.967   1.258   -3.365  1.00 31.07  ? 96  SER A CA  1 
ATOM   677  C  C   . SER A 1 96  ? 8.944   0.962   -2.217  1.00 30.18  ? 96  SER A C   1 
ATOM   678  O  O   . SER A 1 96  ? 8.595   1.131   -1.054  1.00 30.52  ? 96  SER A O   1 
ATOM   679  C  CB  . SER A 1 96  ? 7.244   0.011   -3.904  1.00 30.66  ? 96  SER A CB  1 
ATOM   680  O  OG  . SER A 1 96  ? 8.134   -1.084  -3.990  1.00 36.43  ? 96  SER A OG  1 
ATOM   681  N  N   . VAL A 1 97  ? 10.166  0.552   -2.550  1.00 29.83  ? 97  VAL A N   1 
ATOM   682  C  CA  . VAL A 1 97  ? 11.240  0.447   -1.557  1.00 29.62  ? 97  VAL A CA  1 
ATOM   683  C  C   . VAL A 1 97  ? 11.474  1.761   -0.816  1.00 29.57  ? 97  VAL A C   1 
ATOM   684  O  O   . VAL A 1 97  ? 11.510  1.785   0.427   1.00 29.63  ? 97  VAL A O   1 
ATOM   685  C  CB  . VAL A 1 97  ? 12.576  -0.106  -2.164  1.00 30.06  ? 97  VAL A CB  1 
ATOM   686  C  CG1 . VAL A 1 97  ? 13.694  -0.042  -1.128  1.00 27.11  ? 97  VAL A CG1 1 
ATOM   687  C  CG2 . VAL A 1 97  ? 12.389  -1.567  -2.620  1.00 29.15  ? 97  VAL A CG2 1 
ATOM   688  N  N   . GLY A 1 98  ? 11.603  2.860   -1.559  1.00 29.48  ? 98  GLY A N   1 
ATOM   689  C  CA  . GLY A 1 98  ? 11.710  4.176   -0.937  1.00 29.26  ? 98  GLY A CA  1 
ATOM   690  C  C   . GLY A 1 98  ? 10.593  4.491   0.044   1.00 30.16  ? 98  GLY A C   1 
ATOM   691  O  O   . GLY A 1 98  ? 10.844  4.963   1.155   1.00 30.18  ? 98  GLY A O   1 
ATOM   692  N  N   . TYR A 1 99  ? 9.354   4.226   -0.370  1.00 30.98  ? 99  TYR A N   1 
ATOM   693  C  CA  . TYR A 1 99  ? 8.172   4.468   0.441   1.00 32.38  ? 99  TYR A CA  1 
ATOM   694  C  C   . TYR A 1 99  ? 8.152   3.626   1.727   1.00 32.29  ? 99  TYR A C   1 
ATOM   695  O  O   . TYR A 1 99  ? 7.752   4.115   2.779   1.00 31.43  ? 99  TYR A O   1 
ATOM   696  C  CB  . TYR A 1 99  ? 6.921   4.264   -0.422  1.00 34.36  ? 99  TYR A CB  1 
ATOM   697  C  CG  . TYR A 1 99  ? 5.679   3.792   0.290   1.00 37.11  ? 99  TYR A CG  1 
ATOM   698  C  CD1 . TYR A 1 99  ? 4.715   4.700   0.784   1.00 38.71  ? 99  TYR A CD1 1 
ATOM   699  C  CD2 . TYR A 1 99  ? 5.439   2.424   0.431   1.00 40.51  ? 99  TYR A CD2 1 
ATOM   700  C  CE1 . TYR A 1 99  ? 3.544   4.222   1.440   1.00 40.07  ? 99  TYR A CE1 1 
ATOM   701  C  CE2 . TYR A 1 99  ? 4.317   1.945   1.069   1.00 40.98  ? 99  TYR A CE2 1 
ATOM   702  C  CZ  . TYR A 1 99  ? 3.376   2.832   1.574   1.00 40.49  ? 99  TYR A CZ  1 
ATOM   703  O  OH  . TYR A 1 99  ? 2.270   2.250   2.163   1.00 42.51  ? 99  TYR A OH  1 
ATOM   704  N  N   . LEU A 1 100 ? 8.621   2.381   1.644   1.00 32.11  ? 100 LEU A N   1 
ATOM   705  C  CA  . LEU A 1 100 ? 8.750   1.504   2.827   1.00 32.07  ? 100 LEU A CA  1 
ATOM   706  C  C   . LEU A 1 100 ? 9.883   1.901   3.786   1.00 31.81  ? 100 LEU A C   1 
ATOM   707  O  O   . LEU A 1 100 ? 9.787   1.652   4.982   1.00 30.83  ? 100 LEU A O   1 
ATOM   708  C  CB  . LEU A 1 100 ? 8.894   0.022   2.429   1.00 31.18  ? 100 LEU A CB  1 
ATOM   709  C  CG  . LEU A 1 100 ? 7.648   -0.589  1.758   1.00 33.15  ? 100 LEU A CG  1 
ATOM   710  C  CD1 . LEU A 1 100 ? 7.919   -1.972  1.194   1.00 33.70  ? 100 LEU A CD1 1 
ATOM   711  C  CD2 . LEU A 1 100 ? 6.417   -0.592  2.716   1.00 30.42  ? 100 LEU A CD2 1 
ATOM   712  N  N   . GLU A 1 101 ? 10.942  2.512   3.280   1.00 32.03  ? 101 GLU A N   1 
ATOM   713  C  CA  . GLU A 1 101 ? 12.018  2.918   4.193   1.00 33.57  ? 101 GLU A CA  1 
ATOM   714  C  C   . GLU A 1 101 ? 11.783  4.312   4.800   1.00 33.80  ? 101 GLU A C   1 
ATOM   715  O  O   . GLU A 1 101 ? 12.384  4.664   5.813   1.00 34.11  ? 101 GLU A O   1 
ATOM   716  C  CB  . GLU A 1 101 ? 13.418  2.740   3.569   1.00 33.15  ? 101 GLU A CB  1 
ATOM   717  C  CG  . GLU A 1 101 ? 13.683  3.540   2.334   1.00 35.20  ? 101 GLU A CG  1 
ATOM   718  C  CD  . GLU A 1 101 ? 15.110  3.363   1.759   1.00 34.94  ? 101 GLU A CD  1 
ATOM   719  O  OE1 . GLU A 1 101 ? 16.036  2.896   2.465   1.00 35.33  ? 101 GLU A OE1 1 
ATOM   720  O  OE2 . GLU A 1 101 ? 15.308  3.748   0.593   1.00 37.38  ? 101 GLU A OE2 1 
ATOM   721  N  N   . GLU A 1 102 ? 10.891  5.088   4.180   1.00 34.77  ? 102 GLU A N   1 
ATOM   722  C  CA  . GLU A 1 102 ? 10.485  6.404   4.684   1.00 36.25  ? 102 GLU A CA  1 
ATOM   723  C  C   . GLU A 1 102 ? 8.968   6.547   4.532   1.00 36.57  ? 102 GLU A C   1 
ATOM   724  O  O   . GLU A 1 102 ? 8.496   7.264   3.649   1.00 36.47  ? 102 GLU A O   1 
ATOM   725  C  CB  . GLU A 1 102 ? 11.193  7.544   3.928   1.00 36.41  ? 102 GLU A CB  1 
ATOM   726  C  CG  . GLU A 1 102 ? 12.736  7.523   3.974   1.00 40.04  ? 102 GLU A CG  1 
ATOM   727  C  CD  . GLU A 1 102 ? 13.360  7.882   5.338   1.00 42.54  ? 102 GLU A CD  1 
ATOM   728  O  OE1 . GLU A 1 102 ? 12.635  8.248   6.304   1.00 44.23  ? 102 GLU A OE1 1 
ATOM   729  O  OE2 . GLU A 1 102 ? 14.607  7.781   5.432   1.00 43.70  ? 102 GLU A OE2 1 
ATOM   730  N  N   . PRO A 1 103 ? 8.191   5.830   5.367   1.00 37.55  ? 103 PRO A N   1 
ATOM   731  C  CA  . PRO A 1 103 ? 6.741   5.784   5.112   1.00 37.81  ? 103 PRO A CA  1 
ATOM   732  C  C   . PRO A 1 103 ? 6.013   7.123   5.314   1.00 38.28  ? 103 PRO A C   1 
ATOM   733  O  O   . PRO A 1 103 ? 6.458   7.953   6.095   1.00 38.40  ? 103 PRO A O   1 
ATOM   734  C  CB  . PRO A 1 103 ? 6.238   4.721   6.102   1.00 37.72  ? 103 PRO A CB  1 
ATOM   735  C  CG  . PRO A 1 103 ? 7.256   4.666   7.182   1.00 37.91  ? 103 PRO A CG  1 
ATOM   736  C  CD  . PRO A 1 103 ? 8.586   5.018   6.538   1.00 37.41  ? 103 PRO A CD  1 
ATOM   737  N  N   . LEU A 1 104 ? 4.896   7.315   4.611   1.00 39.26  ? 104 LEU A N   1 
ATOM   738  C  CA  . LEU A 1 104 ? 4.015   8.484   4.835   1.00 40.13  ? 104 LEU A CA  1 
ATOM   739  C  C   . LEU A 1 104 ? 3.363   8.450   6.234   1.00 39.40  ? 104 LEU A C   1 
ATOM   740  O  O   . LEU A 1 104 ? 3.146   9.488   6.860   1.00 39.99  ? 104 LEU A O   1 
ATOM   741  C  CB  . LEU A 1 104 ? 2.932   8.562   3.735   1.00 40.89  ? 104 LEU A CB  1 
ATOM   742  C  CG  . LEU A 1 104 ? 3.405   8.773   2.272   1.00 43.12  ? 104 LEU A CG  1 
ATOM   743  C  CD1 . LEU A 1 104 ? 2.315   8.452   1.220   1.00 44.18  ? 104 LEU A CD1 1 
ATOM   744  C  CD2 . LEU A 1 104 ? 3.947   10.190  2.077   1.00 44.58  ? 104 LEU A CD2 1 
ATOM   745  N  N   . LEU A 1 105 ? 3.080   7.248   6.730   1.00 38.55  ? 105 LEU A N   1 
ATOM   746  C  CA  . LEU A 1 105 ? 2.420   7.075   8.031   1.00 37.72  ? 105 LEU A CA  1 
ATOM   747  C  C   . LEU A 1 105 ? 3.400   6.572   9.110   1.00 37.34  ? 105 LEU A C   1 
ATOM   748  O  O   . LEU A 1 105 ? 4.341   5.849   8.788   1.00 37.18  ? 105 LEU A O   1 
ATOM   749  C  CB  . LEU A 1 105 ? 1.237   6.110   7.871   1.00 36.83  ? 105 LEU A CB  1 
ATOM   750  C  CG  . LEU A 1 105 ? 0.271   6.451   6.739   1.00 35.87  ? 105 LEU A CG  1 
ATOM   751  C  CD1 . LEU A 1 105 ? -0.600  5.233   6.399   1.00 35.72  ? 105 LEU A CD1 1 
ATOM   752  C  CD2 . LEU A 1 105 ? -0.573  7.705   7.053   1.00 33.47  ? 105 LEU A CD2 1 
ATOM   753  N  N   . PRO A 1 106 ? 3.184   6.943   10.393  1.00 37.26  ? 106 PRO A N   1 
ATOM   754  C  CA  . PRO A 1 106 ? 4.124   6.529   11.462  1.00 36.82  ? 106 PRO A CA  1 
ATOM   755  C  C   . PRO A 1 106 ? 4.309   4.998   11.660  1.00 36.78  ? 106 PRO A C   1 
ATOM   756  O  O   . PRO A 1 106 ? 5.375   4.558   12.098  1.00 37.16  ? 106 PRO A O   1 
ATOM   757  C  CB  . PRO A 1 106 ? 3.537   7.178   12.728  1.00 37.58  ? 106 PRO A CB  1 
ATOM   758  C  CG  . PRO A 1 106 ? 2.086   7.480   12.391  1.00 37.45  ? 106 PRO A CG  1 
ATOM   759  C  CD  . PRO A 1 106 ? 2.080   7.777   10.917  1.00 37.43  ? 106 PRO A CD  1 
ATOM   760  N  N   . GLY A 1 107 ? 3.300   4.193   11.337  1.00 35.56  ? 107 GLY A N   1 
ATOM   761  C  CA  . GLY A 1 107 ? 3.388   2.753   11.569  1.00 34.87  ? 107 GLY A CA  1 
ATOM   762  C  C   . GLY A 1 107 ? 3.728   1.975   10.319  1.00 34.57  ? 107 GLY A C   1 
ATOM   763  O  O   . GLY A 1 107 ? 3.590   0.748   10.280  1.00 35.41  ? 107 GLY A O   1 
ATOM   764  N  N   . GLY A 1 108 ? 4.159   2.690   9.287   1.00 34.03  ? 108 GLY A N   1 
ATOM   765  C  CA  . GLY A 1 108 ? 4.562   2.069   8.045   1.00 33.65  ? 108 GLY A CA  1 
ATOM   766  C  C   . GLY A 1 108 ? 3.435   1.931   7.054   1.00 33.47  ? 108 GLY A C   1 
ATOM   767  O  O   . GLY A 1 108 ? 2.503   2.727   7.040   1.00 34.06  ? 108 GLY A O   1 
ATOM   768  N  N   . CYS A 1 109 ? 3.538   0.918   6.211   1.00 33.79  ? 109 CYS A N   1 
ATOM   769  C  CA  . CYS A 1 109 ? 2.561   0.676   5.177   1.00 34.23  ? 109 CYS A CA  1 
ATOM   770  C  C   . CYS A 1 109 ? 1.235   0.178   5.766   1.00 34.04  ? 109 CYS A C   1 
ATOM   771  O  O   . CYS A 1 109 ? 1.178   -0.854  6.442   1.00 34.58  ? 109 CYS A O   1 
ATOM   772  C  CB  . CYS A 1 109 ? 3.119   -0.298  4.152   1.00 33.84  ? 109 CYS A CB  1 
ATOM   773  S  SG  . CYS A 1 109 ? 1.920   -0.711  2.876   1.00 34.93  ? 109 CYS A SG  1 
ATOM   774  N  N   . LEU A 1 110 ? 0.183   0.946   5.544   1.00 34.57  ? 110 LEU A N   1 
ATOM   775  C  CA  . LEU A 1 110 ? -1.148  0.605   6.071   1.00 35.11  ? 110 LEU A CA  1 
ATOM   776  C  C   . LEU A 1 110 ? -1.748  -0.570  5.309   1.00 35.87  ? 110 LEU A C   1 
ATOM   777  O  O   . LEU A 1 110 ? -2.457  -1.413  5.890   1.00 36.06  ? 110 LEU A O   1 
ATOM   778  C  CB  . LEU A 1 110 ? -2.096  1.810   6.029   1.00 34.70  ? 110 LEU A CB  1 
ATOM   779  C  CG  . LEU A 1 110 ? -3.545  1.564   6.507   1.00 35.63  ? 110 LEU A CG  1 
ATOM   780  C  CD1 . LEU A 1 110 ? -3.594  0.970   7.930   1.00 34.04  ? 110 LEU A CD1 1 
ATOM   781  C  CD2 . LEU A 1 110 ? -4.358  2.845   6.423   1.00 34.55  ? 110 LEU A CD2 1 
ATOM   782  N  N   . LEU A 1 111 ? -1.461  -0.623  4.009   1.00 36.75  ? 111 LEU A N   1 
ATOM   783  C  CA  . LEU A 1 111 ? -1.961  -1.711  3.148   1.00 37.30  ? 111 LEU A CA  1 
ATOM   784  C  C   . LEU A 1 111 ? -1.453  -3.079  3.619   1.00 37.45  ? 111 LEU A C   1 
ATOM   785  O  O   . LEU A 1 111 ? -2.228  -4.035  3.719   1.00 37.27  ? 111 LEU A O   1 
ATOM   786  C  CB  . LEU A 1 111 ? -1.579  -1.439  1.694   1.00 37.32  ? 111 LEU A CB  1 
ATOM   787  C  CG  . LEU A 1 111 ? -1.824  0.020   1.196   1.00 40.34  ? 111 LEU A CG  1 
ATOM   788  C  CD1 . LEU A 1 111 ? -1.253  0.250   -0.199  1.00 41.72  ? 111 LEU A CD1 1 
ATOM   789  C  CD2 . LEU A 1 111 ? -3.307  0.555   1.301   1.00 39.90  ? 111 LEU A CD2 1 
ATOM   790  N  N   . THR A 1 112 ? -0.152  -3.149  3.927   1.00 37.72  ? 112 THR A N   1 
ATOM   791  C  CA  . THR A 1 112 ? 0.513   -4.353  4.451   1.00 37.73  ? 112 THR A CA  1 
ATOM   792  C  C   . THR A 1 112 ? -0.017  -4.795  5.810   1.00 37.30  ? 112 THR A C   1 
ATOM   793  O  O   . THR A 1 112 ? -0.179  -5.983  6.068   1.00 37.80  ? 112 THR A O   1 
ATOM   794  C  CB  . THR A 1 112 ? 2.058   -4.124  4.562   1.00 37.43  ? 112 THR A CB  1 
ATOM   795  O  OG1 . THR A 1 112 ? 2.598   -3.940  3.251   1.00 38.24  ? 112 THR A OG1 1 
ATOM   796  C  CG2 . THR A 1 112 ? 2.732   -5.317  5.175   1.00 38.14  ? 112 THR A CG2 1 
ATOM   797  N  N   . ALA A 1 113 ? -0.261  -3.832  6.688   1.00 37.50  ? 113 ALA A N   1 
ATOM   798  C  CA  . ALA A 1 113 ? -0.794  -4.120  8.010   1.00 37.55  ? 113 ALA A CA  1 
ATOM   799  C  C   . ALA A 1 113 ? -2.247  -4.614  7.962   1.00 37.87  ? 113 ALA A C   1 
ATOM   800  O  O   . ALA A 1 113 ? -2.614  -5.564  8.688   1.00 37.78  ? 113 ALA A O   1 
ATOM   801  C  CB  . ALA A 1 113 ? -0.670  -2.888  8.911   1.00 37.47  ? 113 ALA A CB  1 
ATOM   802  N  N   . ALA A 1 114 ? -3.057  -3.977  7.109   1.00 37.60  ? 114 ALA A N   1 
ATOM   803  C  CA  . ALA A 1 114 ? -4.476  -4.323  6.965   1.00 37.84  ? 114 ALA A CA  1 
ATOM   804  C  C   . ALA A 1 114 ? -4.616  -5.754  6.468   1.00 38.16  ? 114 ALA A C   1 
ATOM   805  O  O   . ALA A 1 114 ? -5.529  -6.486  6.864   1.00 37.36  ? 114 ALA A O   1 
ATOM   806  C  CB  . ALA A 1 114 ? -5.147  -3.371  6.012   1.00 37.88  ? 114 ALA A CB  1 
ATOM   807  N  N   . LEU A 1 115 ? -3.669  -6.149  5.619   1.00 38.89  ? 115 LEU A N   1 
ATOM   808  C  CA  . LEU A 1 115 ? -3.553  -7.514  5.125   1.00 39.72  ? 115 LEU A CA  1 
ATOM   809  C  C   . LEU A 1 115 ? -3.577  -8.549  6.263   1.00 39.66  ? 115 LEU A C   1 
ATOM   810  O  O   . LEU A 1 115 ? -4.417  -9.469  6.259   1.00 39.17  ? 115 LEU A O   1 
ATOM   811  C  CB  . LEU A 1 115 ? -2.263  -7.619  4.296   1.00 40.12  ? 115 LEU A CB  1 
ATOM   812  C  CG  . LEU A 1 115 ? -2.011  -8.769  3.339   1.00 41.02  ? 115 LEU A CG  1 
ATOM   813  C  CD1 . LEU A 1 115 ? -3.276  -9.141  2.570   1.00 42.73  ? 115 LEU A CD1 1 
ATOM   814  C  CD2 . LEU A 1 115 ? -0.897  -8.345  2.372   1.00 41.07  ? 115 LEU A CD2 1 
ATOM   815  N  N   . SER A 1 116 ? -2.685  -8.385  7.251   1.00 39.01  ? 116 SER A N   1 
ATOM   816  C  CA  . SER A 1 116 ? -2.660  -9.305  8.404   1.00 39.73  ? 116 SER A CA  1 
ATOM   817  C  C   . SER A 1 116 ? -3.818  -9.069  9.366   1.00 38.98  ? 116 SER A C   1 
ATOM   818  O  O   . SER A 1 116 ? -4.275  -9.980  10.011  1.00 38.50  ? 116 SER A O   1 
ATOM   819  C  CB  . SER A 1 116 ? -1.338  -9.215  9.184   1.00 39.76  ? 116 SER A CB  1 
ATOM   820  O  OG  . SER A 1 116 ? -0.237  -9.157  8.291   1.00 43.75  ? 116 SER A OG  1 
ATOM   821  N  N   . GLU A 1 117 ? -4.276  -7.835  9.496   1.00 39.49  ? 117 GLU A N   1 
ATOM   822  C  CA  . GLU A 1 117 ? -5.380  -7.569  10.410  1.00 40.26  ? 117 GLU A CA  1 
ATOM   823  C  C   . GLU A 1 117 ? -6.666  -8.221  9.897   1.00 40.14  ? 117 GLU A C   1 
ATOM   824  O  O   . GLU A 1 117 ? -7.415  -8.810  10.668  1.00 39.92  ? 117 GLU A O   1 
ATOM   825  C  CB  . GLU A 1 117 ? -5.577  -6.058  10.562  1.00 40.63  ? 117 GLU A CB  1 
ATOM   826  C  CG  . GLU A 1 117 ? -6.384  -5.620  11.788  1.00 40.73  ? 117 GLU A CG  1 
ATOM   827  C  CD  . GLU A 1 117 ? -6.700  -4.127  11.784  1.00 41.61  ? 117 GLU A CD  1 
ATOM   828  O  OE1 . GLU A 1 117 ? -6.324  -3.417  10.814  1.00 42.42  ? 117 GLU A OE1 1 
ATOM   829  O  OE2 . GLU A 1 117 ? -7.333  -3.657  12.763  1.00 45.73  ? 117 GLU A OE2 1 
ATOM   830  N  N   . TYR A 1 118 ? -6.912  -8.149  8.590   1.00 40.01  ? 118 TYR A N   1 
ATOM   831  C  CA  . TYR A 1 118 ? -8.242  -8.525  8.084   1.00 40.92  ? 118 TYR A CA  1 
ATOM   832  C  C   . TYR A 1 118 ? -8.437  -9.887  7.381   1.00 40.46  ? 118 TYR A C   1 
ATOM   833  O  O   . TYR A 1 118 ? -9.574  -10.324 7.212   1.00 40.35  ? 118 TYR A O   1 
ATOM   834  C  CB  . TYR A 1 118 ? -8.881  -7.362  7.308   1.00 41.43  ? 118 TYR A CB  1 
ATOM   835  C  CG  . TYR A 1 118 ? -9.487  -6.348  8.246   1.00 42.49  ? 118 TYR A CG  1 
ATOM   836  C  CD1 . TYR A 1 118 ? -8.739  -5.274  8.710   1.00 43.94  ? 118 TYR A CD1 1 
ATOM   837  C  CD2 . TYR A 1 118 ? -10.804 -6.480  8.700   1.00 43.76  ? 118 TYR A CD2 1 
ATOM   838  C  CE1 . TYR A 1 118 ? -9.277  -4.353  9.594   1.00 44.09  ? 118 TYR A CE1 1 
ATOM   839  C  CE2 . TYR A 1 118 ? -11.353 -5.556  9.589   1.00 42.78  ? 118 TYR A CE2 1 
ATOM   840  C  CZ  . TYR A 1 118 ? -10.574 -4.497  10.026  1.00 42.88  ? 118 TYR A CZ  1 
ATOM   841  O  OH  . TYR A 1 118 ? -11.082 -3.568  10.899  1.00 45.39  ? 118 TYR A OH  1 
ATOM   842  N  N   . ASP A 1 119 ? -7.350  -10.568 7.024   1.00 40.38  ? 119 ASP A N   1 
ATOM   843  C  CA  . ASP A 1 119 ? -7.439  -11.904 6.397   1.00 41.11  ? 119 ASP A CA  1 
ATOM   844  C  C   . ASP A 1 119 ? -8.248  -12.937 7.200   1.00 41.40  ? 119 ASP A C   1 
ATOM   845  O  O   . ASP A 1 119 ? -8.857  -13.834 6.615   1.00 42.16  ? 119 ASP A O   1 
ATOM   846  C  CB  . ASP A 1 119 ? -6.049  -12.447 6.026   1.00 41.36  ? 119 ASP A CB  1 
ATOM   847  C  CG  . ASP A 1 119 ? -5.116  -12.565 7.229   1.00 41.69  ? 119 ASP A CG  1 
ATOM   848  O  OD1 . ASP A 1 119 ? -5.627  -12.485 8.349   1.00 40.22  ? 119 ASP A OD1 1 
ATOM   849  O  OD2 . ASP A 1 119 ? -3.893  -12.742 7.057   1.00 40.87  ? 119 ASP A OD2 1 
ATOM   850  N  N   . GLY A 1 120 ? -8.291  -12.787 8.524   1.00 41.10  ? 120 GLY A N   1 
ATOM   851  C  CA  . GLY A 1 120 ? -9.105  -13.658 9.382   1.00 40.89  ? 120 GLY A CA  1 
ATOM   852  C  C   . GLY A 1 120 ? -10.379 -12.971 9.831   1.00 41.23  ? 120 GLY A C   1 
ATOM   853  O  O   . GLY A 1 120 ? -11.090 -13.454 10.720  1.00 40.83  ? 120 GLY A O   1 
ATOM   854  N  N   . ARG A 1 121 ? -10.680 -11.841 9.202   1.00 41.38  ? 121 ARG A N   1 
ATOM   855  C  CA  . ARG A 1 121 ? -11.855 -11.066 9.568   1.00 41.73  ? 121 ARG A CA  1 
ATOM   856  C  C   . ARG A 1 121 ? -12.812 -10.877 8.378   1.00 40.67  ? 121 ARG A C   1 
ATOM   857  O  O   . ARG A 1 121 ? -12.903 -9.775  7.819   1.00 40.21  ? 121 ARG A O   1 
ATOM   858  C  CB  . ARG A 1 121 ? -11.423 -9.718  10.137  1.00 42.28  ? 121 ARG A CB  1 
ATOM   859  C  CG  . ARG A 1 121 ? -12.318 -9.233  11.236  1.00 45.76  ? 121 ARG A CG  1 
ATOM   860  C  CD  . ARG A 1 121 ? -11.749 -9.611  12.591  1.00 50.78  ? 121 ARG A CD  1 
ATOM   861  N  NE  . ARG A 1 121 ? -10.602 -8.769  12.940  1.00 53.98  ? 121 ARG A NE  1 
ATOM   862  C  CZ  . ARG A 1 121 ? -10.698 -7.545  13.460  1.00 55.06  ? 121 ARG A CZ  1 
ATOM   863  N  NH1 . ARG A 1 121 ? -11.894 -7.004  13.693  1.00 54.54  ? 121 ARG A NH1 1 
ATOM   864  N  NH2 . ARG A 1 121 ? -9.595  -6.862  13.752  1.00 54.47  ? 121 ARG A NH2 1 
ATOM   865  N  N   . PRO A 1 122 ? -13.537 -11.951 7.992   1.00 40.06  ? 122 PRO A N   1 
ATOM   866  C  CA  . PRO A 1 122 ? -14.376 -11.855 6.795   1.00 39.39  ? 122 PRO A CA  1 
ATOM   867  C  C   . PRO A 1 122 ? -15.403 -10.724 6.934   1.00 38.68  ? 122 PRO A C   1 
ATOM   868  O  O   . PRO A 1 122 ? -15.947 -10.503 8.018   1.00 38.36  ? 122 PRO A O   1 
ATOM   869  C  CB  . PRO A 1 122 ? -15.055 -13.229 6.734   1.00 39.50  ? 122 PRO A CB  1 
ATOM   870  C  CG  . PRO A 1 122 ? -14.129 -14.137 7.503   1.00 40.10  ? 122 PRO A CG  1 
ATOM   871  C  CD  . PRO A 1 122 ? -13.645 -13.282 8.622   1.00 40.01  ? 122 PRO A CD  1 
ATOM   872  N  N   . GLY A 1 123 ? -15.627 -9.992  5.850   1.00 37.65  ? 123 GLY A N   1 
ATOM   873  C  CA  . GLY A 1 123 ? -16.566 -8.876  5.876   1.00 36.35  ? 123 GLY A CA  1 
ATOM   874  C  C   . GLY A 1 123 ? -16.175 -7.829  4.861   1.00 35.55  ? 123 GLY A C   1 
ATOM   875  O  O   . GLY A 1 123 ? -15.312 -8.069  4.018   1.00 35.01  ? 123 GLY A O   1 
ATOM   876  N  N   . ARG A 1 124 ? -16.805 -6.663  4.956   1.00 35.00  ? 124 ARG A N   1 
ATOM   877  C  CA  . ARG A 1 124 ? -16.648 -5.586  3.967   1.00 34.79  ? 124 ARG A CA  1 
ATOM   878  C  C   . ARG A 1 124 ? -15.231 -4.974  3.941   1.00 33.57  ? 124 ARG A C   1 
ATOM   879  O  O   . ARG A 1 124 ? -14.719 -4.624  2.880   1.00 32.65  ? 124 ARG A O   1 
ATOM   880  C  CB  . ARG A 1 124 ? -17.688 -4.498  4.254   1.00 35.33  ? 124 ARG A CB  1 
ATOM   881  C  CG  . ARG A 1 124 ? -18.577 -4.165  3.091   1.00 38.65  ? 124 ARG A CG  1 
ATOM   882  C  CD  . ARG A 1 124 ? -19.941 -3.583  3.527   1.00 44.65  ? 124 ARG A CD  1 
ATOM   883  N  NE  . ARG A 1 124 ? -19.859 -2.432  4.455   1.00 47.08  ? 124 ARG A NE  1 
ATOM   884  C  CZ  . ARG A 1 124 ? -19.513 -1.187  4.119   1.00 46.76  ? 124 ARG A CZ  1 
ATOM   885  N  NH1 . ARG A 1 124 ? -19.168 -0.889  2.866   1.00 46.04  ? 124 ARG A NH1 1 
ATOM   886  N  NH2 . ARG A 1 124 ? -19.506 -0.235  5.049   1.00 46.57  ? 124 ARG A NH2 1 
ATOM   887  N  N   . VAL A 1 125 ? -14.599 -4.854  5.108   1.00 32.78  ? 125 VAL A N   1 
ATOM   888  C  CA  . VAL A 1 125 ? -13.263 -4.247  5.175   1.00 32.65  ? 125 VAL A CA  1 
ATOM   889  C  C   . VAL A 1 125 ? -12.240 -5.173  4.519   1.00 32.84  ? 125 VAL A C   1 
ATOM   890  O  O   . VAL A 1 125 ? -11.490 -4.741  3.660   1.00 32.44  ? 125 VAL A O   1 
ATOM   891  C  CB  . VAL A 1 125 ? -12.852 -3.830  6.612   1.00 32.57  ? 125 VAL A CB  1 
ATOM   892  C  CG1 . VAL A 1 125 ? -11.380 -3.379  6.651   1.00 32.41  ? 125 VAL A CG1 1 
ATOM   893  C  CG2 . VAL A 1 125 ? -13.771 -2.735  7.127   1.00 31.08  ? 125 VAL A CG2 1 
ATOM   894  N  N   . ARG A 1 126 ? -12.265 -6.452  4.894   1.00 33.11  ? 126 ARG A N   1 
ATOM   895  C  CA  . ARG A 1 126 ? -11.390 -7.461  4.308   1.00 33.95  ? 126 ARG A CA  1 
ATOM   896  C  C   . ARG A 1 126 ? -11.550 -7.526  2.778   1.00 33.26  ? 126 ARG A C   1 
ATOM   897  O  O   . ARG A 1 126 ? -10.579 -7.611  2.035   1.00 33.10  ? 126 ARG A O   1 
ATOM   898  C  CB  . ARG A 1 126 ? -11.702 -8.832  4.917   1.00 34.52  ? 126 ARG A CB  1 
ATOM   899  C  CG  . ARG A 1 126 ? -10.870 -9.967  4.341   1.00 36.22  ? 126 ARG A CG  1 
ATOM   900  C  CD  . ARG A 1 126 ? -11.604 -11.261 4.524   1.00 40.57  ? 126 ARG A CD  1 
ATOM   901  N  NE  . ARG A 1 126 ? -10.705 -12.396 4.556   1.00 43.21  ? 126 ARG A NE  1 
ATOM   902  C  CZ  . ARG A 1 126 ? -10.263 -13.035 3.483   1.00 46.53  ? 126 ARG A CZ  1 
ATOM   903  N  NH1 . ARG A 1 126 ? -10.637 -12.648 2.259   1.00 48.59  ? 126 ARG A NH1 1 
ATOM   904  N  NH2 . ARG A 1 126 ? -9.444  -14.072 3.640   1.00 46.77  ? 126 ARG A NH2 1 
ATOM   905  N  N   . ASP A 1 127 ? -12.784 -7.467  2.311   1.00 32.77  ? 127 ASP A N   1 
ATOM   906  C  CA  . ASP A 1 127 ? -13.025 -7.435  0.876   1.00 32.06  ? 127 ASP A CA  1 
ATOM   907  C  C   . ASP A 1 127 ? -12.364 -6.212  0.218   1.00 31.09  ? 127 ASP A C   1 
ATOM   908  O  O   . ASP A 1 127 ? -11.806 -6.311  -0.855  1.00 30.92  ? 127 ASP A O   1 
ATOM   909  C  CB  . ASP A 1 127 ? -14.522 -7.464  0.612   1.00 32.45  ? 127 ASP A CB  1 
ATOM   910  C  CG  . ASP A 1 127 ? -14.850 -7.216  -0.832  1.00 34.84  ? 127 ASP A CG  1 
ATOM   911  O  OD1 . ASP A 1 127 ? -14.796 -8.170  -1.634  1.00 34.13  ? 127 ASP A OD1 1 
ATOM   912  O  OD2 . ASP A 1 127 ? -15.154 -6.048  -1.165  1.00 40.83  ? 127 ASP A OD2 1 
ATOM   913  N  N   . ALA A 1 128 ? -12.408 -5.063  0.874   1.00 30.87  ? 128 ALA A N   1 
ATOM   914  C  CA  . ALA A 1 128 ? -11.719 -3.869  0.366   1.00 30.53  ? 128 ALA A CA  1 
ATOM   915  C  C   . ALA A 1 128 ? -10.175 -4.014  0.376   1.00 30.15  ? 128 ALA A C   1 
ATOM   916  O  O   . ALA A 1 128 ? -9.498  -3.551  -0.545  1.00 29.18  ? 128 ALA A O   1 
ATOM   917  C  CB  . ALA A 1 128 ? -12.154 -2.625  1.135   1.00 30.36  ? 128 ALA A CB  1 
ATOM   918  N  N   . VAL A 1 129 ? -9.638  -4.662  1.413   1.00 30.19  ? 129 VAL A N   1 
ATOM   919  C  CA  . VAL A 1 129 ? -8.200  -4.960  1.497   1.00 30.55  ? 129 VAL A CA  1 
ATOM   920  C  C   . VAL A 1 129 ? -7.767  -5.860  0.342   1.00 30.16  ? 129 VAL A C   1 
ATOM   921  O  O   . VAL A 1 129 ? -6.751  -5.620  -0.299  1.00 30.24  ? 129 VAL A O   1 
ATOM   922  C  CB  . VAL A 1 129 ? -7.812  -5.583  2.879   1.00 30.86  ? 129 VAL A CB  1 
ATOM   923  C  CG1 . VAL A 1 129 ? -6.335  -5.994  2.905   1.00 30.58  ? 129 VAL A CG1 1 
ATOM   924  C  CG2 . VAL A 1 129 ? -8.102  -4.601  4.014   1.00 31.43  ? 129 VAL A CG2 1 
ATOM   925  N  N   . ALA A 1 130 ? -8.572  -6.878  0.065   1.00 30.81  ? 130 ALA A N   1 
ATOM   926  C  CA  . ALA A 1 130 ? -8.329  -7.789  -1.052  1.00 31.40  ? 130 ALA A CA  1 
ATOM   927  C  C   . ALA A 1 130 ? -8.329  -7.012  -2.369  1.00 31.56  ? 130 ALA A C   1 
ATOM   928  O  O   . ALA A 1 130 ? -7.472  -7.225  -3.214  1.00 31.40  ? 130 ALA A O   1 
ATOM   929  C  CB  . ALA A 1 130 ? -9.386  -8.914  -1.071  1.00 31.06  ? 130 ALA A CB  1 
ATOM   930  N  N   . GLU A 1 131 ? -9.273  -6.090  -2.531  1.00 32.10  ? 131 GLU A N   1 
ATOM   931  C  CA  . GLU A 1 131 ? -9.353  -5.295  -3.758  1.00 33.66  ? 131 GLU A CA  1 
ATOM   932  C  C   . GLU A 1 131 ? -8.091  -4.460  -4.048  1.00 33.33  ? 131 GLU A C   1 
ATOM   933  O  O   . GLU A 1 131 ? -7.566  -4.462  -5.175  1.00 32.69  ? 131 GLU A O   1 
ATOM   934  C  CB  . GLU A 1 131 ? -10.587 -4.392  -3.746  1.00 34.07  ? 131 GLU A CB  1 
ATOM   935  C  CG  . GLU A 1 131 ? -11.656 -4.799  -4.735  1.00 41.63  ? 131 GLU A CG  1 
ATOM   936  C  CD  . GLU A 1 131 ? -11.083 -4.976  -6.146  1.00 49.68  ? 131 GLU A CD  1 
ATOM   937  O  OE1 . GLU A 1 131 ? -10.459 -4.001  -6.662  1.00 52.17  ? 131 GLU A OE1 1 
ATOM   938  O  OE2 . GLU A 1 131 ? -11.250 -6.094  -6.721  1.00 51.85  ? 131 GLU A OE2 1 
ATOM   939  N  N   . VAL A 1 132 ? -7.661  -3.724  -3.029  1.00 32.75  ? 132 VAL A N   1 
ATOM   940  C  CA  . VAL A 1 132 ? -6.431  -2.949  -3.050  1.00 33.66  ? 132 VAL A CA  1 
ATOM   941  C  C   . VAL A 1 132 ? -5.219  -3.814  -3.397  1.00 33.55  ? 132 VAL A C   1 
ATOM   942  O  O   . VAL A 1 132 ? -4.415  -3.440  -4.230  1.00 33.69  ? 132 VAL A O   1 
ATOM   943  C  CB  . VAL A 1 132 ? -6.214  -2.256  -1.642  1.00 33.71  ? 132 VAL A CB  1 
ATOM   944  C  CG1 . VAL A 1 132 ? -4.763  -1.984  -1.356  1.00 35.92  ? 132 VAL A CG1 1 
ATOM   945  C  CG2 . VAL A 1 132 ? -7.058  -1.014  -1.521  1.00 33.57  ? 132 VAL A CG2 1 
ATOM   946  N  N   . TRP A 1 133 ? -5.069  -4.960  -2.729  1.00 33.67  ? 133 TRP A N   1 
ATOM   947  C  CA  . TRP A 1 133 ? -3.898  -5.777  -2.938  1.00 33.23  ? 133 TRP A CA  1 
ATOM   948  C  C   . TRP A 1 133 ? -3.880  -6.355  -4.331  1.00 32.70  ? 133 TRP A C   1 
ATOM   949  O  O   . TRP A 1 133 ? -2.808  -6.470  -4.964  1.00 32.30  ? 133 TRP A O   1 
ATOM   950  C  CB  . TRP A 1 133 ? -3.762  -6.845  -1.845  1.00 34.63  ? 133 TRP A CB  1 
ATOM   951  C  CG  . TRP A 1 133 ? -2.977  -6.245  -0.724  1.00 38.43  ? 133 TRP A CG  1 
ATOM   952  C  CD1 . TRP A 1 133 ? -3.473  -5.590  0.395   1.00 39.93  ? 133 TRP A CD1 1 
ATOM   953  C  CD2 . TRP A 1 133 ? -1.549  -6.145  -0.644  1.00 39.40  ? 133 TRP A CD2 1 
ATOM   954  N  NE1 . TRP A 1 133 ? -2.427  -5.128  1.176   1.00 40.73  ? 133 TRP A NE1 1 
ATOM   955  C  CE2 . TRP A 1 133 ? -1.240  -5.464  0.562   1.00 41.29  ? 133 TRP A CE2 1 
ATOM   956  C  CE3 . TRP A 1 133 ? -0.502  -6.599  -1.453  1.00 40.47  ? 133 TRP A CE3 1 
ATOM   957  C  CZ2 . TRP A 1 133 ? 0.086   -5.215  0.960   1.00 39.83  ? 133 TRP A CZ2 1 
ATOM   958  C  CZ3 . TRP A 1 133 ? 0.807   -6.347  -1.058  1.00 39.53  ? 133 TRP A CZ3 1 
ATOM   959  C  CH2 . TRP A 1 133 ? 1.091   -5.664  0.133   1.00 39.27  ? 133 TRP A CH2 1 
ATOM   960  N  N   . SER A 1 134 ? -5.074  -6.670  -4.818  1.00 31.21  ? 134 SER A N   1 
ATOM   961  C  CA  . SER A 1 134 ? -5.267  -7.091  -6.200  1.00 31.83  ? 134 SER A CA  1 
ATOM   962  C  C   . SER A 1 134 ? -4.814  -6.045  -7.237  1.00 31.50  ? 134 SER A C   1 
ATOM   963  O  O   . SER A 1 134 ? -4.217  -6.391  -8.260  1.00 31.80  ? 134 SER A O   1 
ATOM   964  C  CB  . SER A 1 134 ? -6.749  -7.456  -6.414  1.00 31.07  ? 134 SER A CB  1 
ATOM   965  O  OG  . SER A 1 134 ? -6.970  -7.780  -7.752  1.00 33.40  ? 134 SER A OG  1 
ATOM   966  N  N   . ARG A 1 135 ? -5.107  -4.774  -6.993  1.00 31.55  ? 135 ARG A N   1 
ATOM   967  C  CA  . ARG A 1 135 ? -4.711  -3.730  -7.944  1.00 31.93  ? 135 ARG A CA  1 
ATOM   968  C  C   . ARG A 1 135 ? -3.209  -3.553  -7.957  1.00 31.50  ? 135 ARG A C   1 
ATOM   969  O  O   . ARG A 1 135 ? -2.623  -3.331  -9.005  1.00 31.18  ? 135 ARG A O   1 
ATOM   970  C  CB  . ARG A 1 135 ? -5.356  -2.385  -7.610  1.00 31.79  ? 135 ARG A CB  1 
ATOM   971  C  CG  . ARG A 1 135 ? -6.854  -2.319  -7.792  1.00 35.52  ? 135 ARG A CG  1 
ATOM   972  C  CD  . ARG A 1 135 ? -7.231  -2.303  -9.243  1.00 39.70  ? 135 ARG A CD  1 
ATOM   973  N  NE  . ARG A 1 135 ? -8.635  -1.944  -9.387  1.00 44.75  ? 135 ARG A NE  1 
ATOM   974  C  CZ  . ARG A 1 135 ? -9.293  -1.904  -10.537 1.00 44.37  ? 135 ARG A CZ  1 
ATOM   975  N  NH1 . ARG A 1 135 ? -8.671  -2.188  -11.674 1.00 43.69  ? 135 ARG A NH1 1 
ATOM   976  N  NH2 . ARG A 1 135 ? -10.576 -1.568  -10.539 1.00 45.64  ? 135 ARG A NH2 1 
ATOM   977  N  N   . TRP A 1 136 ? -2.606  -3.599  -6.772  1.00 31.65  ? 136 TRP A N   1 
ATOM   978  C  CA  . TRP A 1 136 ? -1.171  -3.489  -6.624  1.00 31.66  ? 136 TRP A CA  1 
ATOM   979  C  C   . TRP A 1 136 ? -0.439  -4.627  -7.346  1.00 31.95  ? 136 TRP A C   1 
ATOM   980  O  O   . TRP A 1 136 ? 0.506   -4.376  -8.092  1.00 31.86  ? 136 TRP A O   1 
ATOM   981  C  CB  . TRP A 1 136 ? -0.813  -3.454  -5.135  1.00 32.12  ? 136 TRP A CB  1 
ATOM   982  C  CG  . TRP A 1 136 ? 0.670   -3.523  -4.869  1.00 33.21  ? 136 TRP A CG  1 
ATOM   983  C  CD1 . TRP A 1 136 ? 1.314   -4.408  -4.054  1.00 34.06  ? 136 TRP A CD1 1 
ATOM   984  C  CD2 . TRP A 1 136 ? 1.681   -2.667  -5.408  1.00 32.96  ? 136 TRP A CD2 1 
ATOM   985  N  NE1 . TRP A 1 136 ? 2.668   -4.156  -4.045  1.00 34.23  ? 136 TRP A NE1 1 
ATOM   986  C  CE2 . TRP A 1 136 ? 2.920   -3.094  -4.873  1.00 33.19  ? 136 TRP A CE2 1 
ATOM   987  C  CE3 . TRP A 1 136 ? 1.665   -1.588  -6.305  1.00 34.72  ? 136 TRP A CE3 1 
ATOM   988  C  CZ2 . TRP A 1 136 ? 4.130   -2.485  -5.202  1.00 33.22  ? 136 TRP A CZ2 1 
ATOM   989  C  CZ3 . TRP A 1 136 ? 2.889   -0.969  -6.631  1.00 34.03  ? 136 TRP A CZ3 1 
ATOM   990  C  CH2 . TRP A 1 136 ? 4.092   -1.424  -6.082  1.00 33.56  ? 136 TRP A CH2 1 
ATOM   991  N  N   . ARG A 1 137 ? -0.877  -5.874  -7.114  1.00 31.92  ? 137 ARG A N   1 
ATOM   992  C  CA  . ARG A 1 137 ? -0.285  -7.055  -7.739  1.00 32.50  ? 137 ARG A CA  1 
ATOM   993  C  C   . ARG A 1 137 ? -0.416  -6.966  -9.260  1.00 31.62  ? 137 ARG A C   1 
ATOM   994  O  O   . ARG A 1 137 ? 0.487   -7.342  -9.989  1.00 30.82  ? 137 ARG A O   1 
ATOM   995  C  CB  . ARG A 1 137 ? -0.963  -8.358  -7.228  1.00 31.87  ? 137 ARG A CB  1 
ATOM   996  C  CG  . ARG A 1 137 ? -0.492  -8.803  -5.850  1.00 35.23  ? 137 ARG A CG  1 
ATOM   997  C  CD  . ARG A 1 137 ? -1.364  -9.917  -5.240  1.00 35.73  ? 137 ARG A CD  1 
ATOM   998  N  NE  . ARG A 1 137 ? -1.363  -11.168 -6.004  1.00 42.21  ? 137 ARG A NE  1 
ATOM   999  C  CZ  . ARG A 1 137 ? -0.358  -12.055 -6.010  1.00 46.84  ? 137 ARG A CZ  1 
ATOM   1000 N  NH1 . ARG A 1 137 ? 0.767   -11.853 -5.300  1.00 49.39  ? 137 ARG A NH1 1 
ATOM   1001 N  NH2 . ARG A 1 137 ? -0.471  -13.162 -6.731  1.00 47.39  ? 137 ARG A NH2 1 
ATOM   1002 N  N   . GLU A 1 138 ? -1.556  -6.471  -9.730  1.00 31.20  ? 138 GLU A N   1 
ATOM   1003 C  CA  . GLU A 1 138 ? -1.761  -6.327  -11.154 1.00 31.73  ? 138 GLU A CA  1 
ATOM   1004 C  C   . GLU A 1 138 ? -0.812  -5.280  -11.775 1.00 31.54  ? 138 GLU A C   1 
ATOM   1005 O  O   . GLU A 1 138 ? -0.369  -5.427  -12.916 1.00 30.97  ? 138 GLU A O   1 
ATOM   1006 C  CB  . GLU A 1 138 ? -3.237  -6.050  -11.466 1.00 31.89  ? 138 GLU A CB  1 
ATOM   1007 C  CG  . GLU A 1 138 ? -3.590  -5.875  -12.977 1.00 33.58  ? 138 GLU A CG  1 
ATOM   1008 C  CD  . GLU A 1 138 ? -3.136  -7.049  -13.905 1.00 37.67  ? 138 GLU A CD  1 
ATOM   1009 O  OE1 . GLU A 1 138 ? -2.952  -8.204  -13.462 1.00 38.76  ? 138 GLU A OE1 1 
ATOM   1010 O  OE2 . GLU A 1 138 ? -2.982  -6.811  -15.128 1.00 42.53  ? 138 GLU A OE2 1 
ATOM   1011 N  N   . GLN A 1 139 ? -0.496  -4.230  -11.031 1.00 31.67  ? 139 GLN A N   1 
ATOM   1012 C  CA  . GLN A 1 139 ? 0.386   -3.181  -11.566 1.00 32.39  ? 139 GLN A CA  1 
ATOM   1013 C  C   . GLN A 1 139 ? 1.788   -3.776  -11.803 1.00 32.51  ? 139 GLN A C   1 
ATOM   1014 O  O   . GLN A 1 139 ? 2.430   -3.513  -12.820 1.00 32.34  ? 139 GLN A O   1 
ATOM   1015 C  CB  . GLN A 1 139 ? 0.417   -1.974  -10.606 1.00 32.36  ? 139 GLN A CB  1 
ATOM   1016 C  CG  . GLN A 1 139 ? 1.394   -0.842  -10.969 1.00 33.41  ? 139 GLN A CG  1 
ATOM   1017 C  CD  . GLN A 1 139 ? 1.164   -0.258  -12.351 1.00 34.34  ? 139 GLN A CD  1 
ATOM   1018 O  OE1 . GLN A 1 139 ? 0.046   0.084   -12.719 1.00 35.74  ? 139 GLN A OE1 1 
ATOM   1019 N  NE2 . GLN A 1 139 ? 2.227   -0.161  -13.127 1.00 35.66  ? 139 GLN A NE2 1 
ATOM   1020 N  N   . LEU A 1 140 ? 2.232   -4.613  -10.870 1.00 32.49  ? 140 LEU A N   1 
ATOM   1021 C  CA  . LEU A 1 140 ? 3.503   -5.309  -10.998 1.00 32.92  ? 140 LEU A CA  1 
ATOM   1022 C  C   . LEU A 1 140 ? 3.458   -6.344  -12.108 1.00 33.51  ? 140 LEU A C   1 
ATOM   1023 O  O   . LEU A 1 140 ? 4.385   -6.427  -12.911 1.00 33.64  ? 140 LEU A O   1 
ATOM   1024 C  CB  . LEU A 1 140 ? 3.893   -5.974  -9.678  1.00 32.12  ? 140 LEU A CB  1 
ATOM   1025 C  CG  . LEU A 1 140 ? 4.081   -5.017  -8.485  1.00 33.53  ? 140 LEU A CG  1 
ATOM   1026 C  CD1 . LEU A 1 140 ? 4.223   -5.798  -7.169  1.00 31.34  ? 140 LEU A CD1 1 
ATOM   1027 C  CD2 . LEU A 1 140 ? 5.281   -4.117  -8.696  1.00 31.71  ? 140 LEU A CD2 1 
ATOM   1028 N  N   . ARG A 1 141 ? 2.373   -7.120  -12.148 1.00 33.74  ? 141 ARG A N   1 
ATOM   1029 C  CA  . ARG A 1 141 ? 2.216   -8.215  -13.095 1.00 35.05  ? 141 ARG A CA  1 
ATOM   1030 C  C   . ARG A 1 141 ? 2.153   -7.718  -14.532 1.00 34.97  ? 141 ARG A C   1 
ATOM   1031 O  O   . ARG A 1 141 ? 2.667   -8.385  -15.437 1.00 35.63  ? 141 ARG A O   1 
ATOM   1032 C  CB  . ARG A 1 141 ? 0.961   -9.020  -12.757 1.00 34.70  ? 141 ARG A CB  1 
ATOM   1033 C  CG  . ARG A 1 141 ? 0.761   -10.280 -13.581 1.00 37.16  ? 141 ARG A CG  1 
ATOM   1034 C  CD  . ARG A 1 141 ? -0.582  -10.935 -13.264 1.00 37.45  ? 141 ARG A CD  1 
ATOM   1035 N  NE  . ARG A 1 141 ? -0.685  -11.284 -11.835 1.00 44.34  ? 141 ARG A NE  1 
ATOM   1036 C  CZ  . ARG A 1 141 ? -1.571  -10.770 -10.973 1.00 43.57  ? 141 ARG A CZ  1 
ATOM   1037 N  NH1 . ARG A 1 141 ? -2.477  -9.879  -11.375 1.00 42.40  ? 141 ARG A NH1 1 
ATOM   1038 N  NH2 . ARG A 1 141 ? -1.563  -11.177 -9.707  1.00 43.80  ? 141 ARG A NH2 1 
ATOM   1039 N  N   . ALA A 1 142 ? 1.530   -6.554  -14.742 1.00 34.30  ? 142 ALA A N   1 
ATOM   1040 C  CA  . ALA A 1 142 ? 1.350   -6.011  -16.089 1.00 34.15  ? 142 ALA A CA  1 
ATOM   1041 C  C   . ALA A 1 142 ? 2.688   -5.643  -16.713 1.00 34.17  ? 142 ALA A C   1 
ATOM   1042 O  O   . ALA A 1 142 ? 2.877   -5.807  -17.920 1.00 33.77  ? 142 ALA A O   1 
ATOM   1043 C  CB  . ALA A 1 142 ? 0.422   -4.799  -16.073 1.00 33.96  ? 142 ALA A CB  1 
ATOM   1044 N  N   . ASP A 1 143 ? 3.607   -5.149  -15.884 1.00 34.58  ? 143 ASP A N   1 
ATOM   1045 C  CA  . ASP A 1 143 ? 4.914   -4.721  -16.355 1.00 35.15  ? 143 ASP A CA  1 
ATOM   1046 C  C   . ASP A 1 143 ? 5.853   -5.897  -16.544 1.00 34.44  ? 143 ASP A C   1 
ATOM   1047 O  O   . ASP A 1 143 ? 6.654   -5.907  -17.468 1.00 34.13  ? 143 ASP A O   1 
ATOM   1048 C  CB  . ASP A 1 143 ? 5.509   -3.624  -15.457 1.00 35.45  ? 143 ASP A CB  1 
ATOM   1049 C  CG  . ASP A 1 143 ? 4.961   -2.215  -15.808 1.00 40.02  ? 143 ASP A CG  1 
ATOM   1050 O  OD1 . ASP A 1 143 ? 4.883   -1.861  -17.014 1.00 40.52  ? 143 ASP A OD1 1 
ATOM   1051 O  OD2 . ASP A 1 143 ? 4.584   -1.461  -14.880 1.00 43.78  ? 143 ASP A OD2 1 
ATOM   1052 N  N   . LEU A 1 144 ? 5.742   -6.904  -15.678 1.00 34.66  ? 144 LEU A N   1 
ATOM   1053 C  CA  . LEU A 1 144 ? 6.433   -8.161  -15.915 1.00 34.01  ? 144 LEU A CA  1 
ATOM   1054 C  C   . LEU A 1 144 ? 5.951   -8.802  -17.206 1.00 33.64  ? 144 LEU A C   1 
ATOM   1055 O  O   . LEU A 1 144 ? 6.748   -9.360  -17.952 1.00 33.18  ? 144 LEU A O   1 
ATOM   1056 C  CB  . LEU A 1 144 ? 6.252   -9.136  -14.748 1.00 34.21  ? 144 LEU A CB  1 
ATOM   1057 C  CG  . LEU A 1 144 ? 7.073   -8.848  -13.473 1.00 35.00  ? 144 LEU A CG  1 
ATOM   1058 C  CD1 . LEU A 1 144 ? 6.468   -9.510  -12.267 1.00 31.19  ? 144 LEU A CD1 1 
ATOM   1059 C  CD2 . LEU A 1 144 ? 8.537   -9.279  -13.654 1.00 34.39  ? 144 LEU A CD2 1 
ATOM   1060 N  N   . THR A 1 145 ? 4.647   -8.729  -17.463 1.00 33.55  ? 145 THR A N   1 
ATOM   1061 C  CA  . THR A 1 145 ? 4.065   -9.366  -18.640 1.00 33.32  ? 145 THR A CA  1 
ATOM   1062 C  C   . THR A 1 145 ? 4.477   -8.613  -19.895 1.00 32.96  ? 145 THR A C   1 
ATOM   1063 O  O   . THR A 1 145 ? 4.851   -9.227  -20.908 1.00 32.83  ? 145 THR A O   1 
ATOM   1064 C  CB  . THR A 1 145 ? 2.533   -9.503  -18.526 1.00 33.42  ? 145 THR A CB  1 
ATOM   1065 O  OG1 . THR A 1 145 ? 2.227   -10.321 -17.391 1.00 33.71  ? 145 THR A OG1 1 
ATOM   1066 C  CG2 . THR A 1 145 ? 1.953   -10.170 -19.768 1.00 33.25  ? 145 THR A CG2 1 
ATOM   1067 N  N   . ALA A 1 146 ? 4.437   -7.283  -19.805 1.00 32.38  ? 146 ALA A N   1 
ATOM   1068 C  CA  . ALA A 1 146 ? 4.918   -6.428  -20.874 1.00 32.01  ? 146 ALA A CA  1 
ATOM   1069 C  C   . ALA A 1 146 ? 6.380   -6.714  -21.202 1.00 31.56  ? 146 ALA A C   1 
ATOM   1070 O  O   . ALA A 1 146 ? 6.745   -6.697  -22.351 1.00 31.70  ? 146 ALA A O   1 
ATOM   1071 C  CB  . ALA A 1 146 ? 4.719   -4.961  -20.522 1.00 31.46  ? 146 ALA A CB  1 
ATOM   1072 N  N   . ALA A 1 147 ? 7.202   -6.991  -20.189 1.00 31.80  ? 147 ALA A N   1 
ATOM   1073 C  CA  . ALA A 1 147 ? 8.648   -7.186  -20.358 1.00 31.69  ? 147 ALA A CA  1 
ATOM   1074 C  C   . ALA A 1 147 ? 8.957   -8.461  -21.117 1.00 31.85  ? 147 ALA A C   1 
ATOM   1075 O  O   . ALA A 1 147 ? 9.894   -8.512  -21.915 1.00 31.93  ? 147 ALA A O   1 
ATOM   1076 C  CB  . ALA A 1 147 ? 9.340   -7.221  -19.016 1.00 31.40  ? 147 ALA A CB  1 
ATOM   1077 N  N   . VAL A 1 148 ? 8.187   -9.503  -20.837 1.00 31.97  ? 148 VAL A N   1 
ATOM   1078 C  CA  . VAL A 1 148 ? 8.273   -10.736 -21.604 1.00 31.89  ? 148 VAL A CA  1 
ATOM   1079 C  C   . VAL A 1 148 ? 7.801   -10.446 -23.034 1.00 32.67  ? 148 VAL A C   1 
ATOM   1080 O  O   . VAL A 1 148 ? 8.529   -10.712 -23.995 1.00 32.93  ? 148 VAL A O   1 
ATOM   1081 C  CB  . VAL A 1 148 ? 7.434   -11.857 -20.946 1.00 32.24  ? 148 VAL A CB  1 
ATOM   1082 C  CG1 . VAL A 1 148 ? 7.409   -13.100 -21.829 1.00 31.45  ? 148 VAL A CG1 1 
ATOM   1083 C  CG2 . VAL A 1 148 ? 7.949   -12.165 -19.529 1.00 29.69  ? 148 VAL A CG2 1 
ATOM   1084 N  N   . ASP A 1 149 ? 6.608   -9.863  -23.168 1.00 32.91  ? 149 ASP A N   1 
ATOM   1085 C  CA  . ASP A 1 149 ? 6.081   -9.458  -24.479 1.00 33.91  ? 149 ASP A CA  1 
ATOM   1086 C  C   . ASP A 1 149 ? 7.075   -8.673  -25.346 1.00 34.01  ? 149 ASP A C   1 
ATOM   1087 O  O   . ASP A 1 149 ? 7.132   -8.883  -26.555 1.00 33.42  ? 149 ASP A O   1 
ATOM   1088 C  CB  . ASP A 1 149 ? 4.796   -8.637  -24.332 1.00 33.80  ? 149 ASP A CB  1 
ATOM   1089 C  CG  . ASP A 1 149 ? 3.598   -9.473  -23.917 1.00 35.56  ? 149 ASP A CG  1 
ATOM   1090 O  OD1 . ASP A 1 149 ? 3.603   -10.710 -24.071 1.00 37.33  ? 149 ASP A OD1 1 
ATOM   1091 O  OD2 . ASP A 1 149 ? 2.616   -8.877  -23.428 1.00 39.14  ? 149 ASP A OD2 1 
ATOM   1092 N  N   . LYS A 1 150 ? 7.834   -7.764  -24.729 1.00 34.39  ? 150 LYS A N   1 
ATOM   1093 C  CA  . LYS A 1 150 ? 8.817   -6.946  -25.455 1.00 34.56  ? 150 LYS A CA  1 
ATOM   1094 C  C   . LYS A 1 150 ? 10.153  -7.648  -25.662 1.00 34.59  ? 150 LYS A C   1 
ATOM   1095 O  O   . LYS A 1 150 ? 11.035  -7.124  -26.338 1.00 34.60  ? 150 LYS A O   1 
ATOM   1096 C  CB  . LYS A 1 150 ? 9.035   -5.604  -24.752 1.00 34.64  ? 150 LYS A CB  1 
ATOM   1097 C  CG  . LYS A 1 150 ? 7.835   -4.662  -24.844 1.00 35.36  ? 150 LYS A CG  1 
ATOM   1098 C  CD  . LYS A 1 150 ? 8.017   -3.366  -24.063 1.00 34.77  ? 150 LYS A CD  1 
ATOM   1099 C  CE  . LYS A 1 150 ? 6.838   -2.449  -24.337 1.00 35.40  ? 150 LYS A CE  1 
ATOM   1100 N  NZ  . LYS A 1 150 ? 7.010   -1.030  -23.895 1.00 35.61  ? 150 LYS A NZ  1 
ATOM   1101 N  N   . GLY A 1 151 ? 10.311  -8.830  -25.078 1.00 34.71  ? 151 GLY A N   1 
ATOM   1102 C  CA  . GLY A 1 151 ? 11.561  -9.558  -25.200 1.00 34.84  ? 151 GLY A CA  1 
ATOM   1103 C  C   . GLY A 1 151 ? 12.648  -9.063  -24.264 1.00 35.08  ? 151 GLY A C   1 
ATOM   1104 O  O   . GLY A 1 151 ? 13.816  -9.393  -24.449 1.00 34.78  ? 151 GLY A O   1 
ATOM   1105 N  N   . GLU A 1 152 ? 12.270  -8.280  -23.251 1.00 34.95  ? 152 GLU A N   1 
ATOM   1106 C  CA  . GLU A 1 152 ? 13.228  -7.839  -22.237 1.00 35.46  ? 152 GLU A CA  1 
ATOM   1107 C  C   . GLU A 1 152 ? 13.503  -8.929  -21.192 1.00 35.39  ? 152 GLU A C   1 
ATOM   1108 O  O   . GLU A 1 152 ? 14.523  -8.898  -20.502 1.00 36.05  ? 152 GLU A O   1 
ATOM   1109 C  CB  . GLU A 1 152 ? 12.740  -6.592  -21.533 1.00 36.09  ? 152 GLU A CB  1 
ATOM   1110 C  CG  . GLU A 1 152 ? 12.428  -5.402  -22.433 1.00 37.79  ? 152 GLU A CG  1 
ATOM   1111 C  CD  . GLU A 1 152 ? 11.934  -4.215  -21.617 1.00 40.88  ? 152 GLU A CD  1 
ATOM   1112 O  OE1 . GLU A 1 152 ? 10.922  -4.355  -20.886 1.00 40.87  ? 152 GLU A OE1 1 
ATOM   1113 O  OE2 . GLU A 1 152 ? 12.575  -3.141  -21.699 1.00 44.25  ? 152 GLU A OE2 1 
ATOM   1114 N  N   . LEU A 1 153 ? 12.578  -9.874  -21.060 1.00 34.58  ? 153 LEU A N   1 
ATOM   1115 C  CA  . LEU A 1 153 ? 12.808  -11.084 -20.270 1.00 34.31  ? 153 LEU A CA  1 
ATOM   1116 C  C   . LEU A 1 153 ? 12.653  -12.268 -21.214 1.00 34.54  ? 153 LEU A C   1 
ATOM   1117 O  O   . LEU A 1 153 ? 11.944  -12.152 -22.209 1.00 35.17  ? 153 LEU A O   1 
ATOM   1118 C  CB  . LEU A 1 153 ? 11.804  -11.188 -19.117 1.00 33.40  ? 153 LEU A CB  1 
ATOM   1119 C  CG  . LEU A 1 153 ? 11.833  -10.103 -18.038 1.00 32.14  ? 153 LEU A CG  1 
ATOM   1120 C  CD1 . LEU A 1 153 ? 10.553  -10.163 -17.158 1.00 30.00  ? 153 LEU A CD1 1 
ATOM   1121 C  CD2 . LEU A 1 153 ? 13.123  -10.201 -17.208 1.00 31.35  ? 153 LEU A CD2 1 
ATOM   1122 N  N   . PRO A 1 154 ? 13.304  -13.407 -20.912 1.00 34.74  ? 154 PRO A N   1 
ATOM   1123 C  CA  . PRO A 1 154 ? 13.240  -14.572 -21.817 1.00 35.15  ? 154 PRO A CA  1 
ATOM   1124 C  C   . PRO A 1 154 ? 11.814  -15.078 -21.992 1.00 35.45  ? 154 PRO A C   1 
ATOM   1125 O  O   . PRO A 1 154 ? 10.963  -14.830 -21.133 1.00 35.41  ? 154 PRO A O   1 
ATOM   1126 C  CB  . PRO A 1 154 ? 14.114  -15.624 -21.119 1.00 34.84  ? 154 PRO A CB  1 
ATOM   1127 C  CG  . PRO A 1 154 ? 14.169  -15.182 -19.671 1.00 35.42  ? 154 PRO A CG  1 
ATOM   1128 C  CD  . PRO A 1 154 ? 14.130  -13.676 -19.721 1.00 34.78  ? 154 PRO A CD  1 
ATOM   1129 N  N   . ALA A 1 155 ? 11.566  -15.767 -23.101 1.00 35.67  ? 155 ALA A N   1 
ATOM   1130 C  CA  . ALA A 1 155 ? 10.223  -16.211 -23.474 1.00 36.37  ? 155 ALA A CA  1 
ATOM   1131 C  C   . ALA A 1 155 ? 9.526   -17.101 -22.425 1.00 36.57  ? 155 ALA A C   1 
ATOM   1132 O  O   . ALA A 1 155 ? 8.321   -16.959 -22.192 1.00 37.73  ? 155 ALA A O   1 
ATOM   1133 C  CB  . ALA A 1 155 ? 10.263  -16.918 -24.833 1.00 36.24  ? 155 ALA A CB  1 
ATOM   1134 N  N   . GLY A 1 156 ? 10.271  -18.004 -21.792 1.00 36.14  ? 156 GLY A N   1 
ATOM   1135 C  CA  . GLY A 1 156 ? 9.694   -18.892 -20.791 1.00 35.53  ? 156 GLY A CA  1 
ATOM   1136 C  C   . GLY A 1 156 ? 9.758   -18.381 -19.358 1.00 35.29  ? 156 GLY A C   1 
ATOM   1137 O  O   . GLY A 1 156 ? 9.661   -19.174 -18.411 1.00 35.97  ? 156 GLY A O   1 
ATOM   1138 N  N   . PHE A 1 157 ? 9.935   -17.072 -19.194 1.00 33.97  ? 157 PHE A N   1 
ATOM   1139 C  CA  . PHE A 1 157 ? 10.032  -16.463 -17.878 1.00 33.55  ? 157 PHE A CA  1 
ATOM   1140 C  C   . PHE A 1 157 ? 8.716   -16.633 -17.124 1.00 33.49  ? 157 PHE A C   1 
ATOM   1141 O  O   . PHE A 1 157 ? 7.636   -16.405 -17.690 1.00 33.44  ? 157 PHE A O   1 
ATOM   1142 C  CB  . PHE A 1 157 ? 10.375  -14.975 -18.006 1.00 33.08  ? 157 PHE A CB  1 
ATOM   1143 C  CG  . PHE A 1 157 ? 10.574  -14.274 -16.687 1.00 33.23  ? 157 PHE A CG  1 
ATOM   1144 C  CD1 . PHE A 1 157 ? 11.829  -14.224 -16.099 1.00 31.63  ? 157 PHE A CD1 1 
ATOM   1145 C  CD2 . PHE A 1 157 ? 9.502   -13.648 -16.039 1.00 32.38  ? 157 PHE A CD2 1 
ATOM   1146 C  CE1 . PHE A 1 157 ? 12.005  -13.569 -14.892 1.00 32.14  ? 157 PHE A CE1 1 
ATOM   1147 C  CE2 . PHE A 1 157 ? 9.680   -12.991 -14.828 1.00 31.72  ? 157 PHE A CE2 1 
ATOM   1148 C  CZ  . PHE A 1 157 ? 10.929  -12.960 -14.255 1.00 31.17  ? 157 PHE A CZ  1 
ATOM   1149 N  N   . ASP A 1 158 ? 8.821   -17.019 -15.850 1.00 32.99  ? 158 ASP A N   1 
ATOM   1150 C  CA  . ASP A 1 158 ? 7.658   -17.286 -14.997 1.00 32.84  ? 158 ASP A CA  1 
ATOM   1151 C  C   . ASP A 1 158 ? 7.258   -16.026 -14.232 1.00 32.47  ? 158 ASP A C   1 
ATOM   1152 O  O   . ASP A 1 158 ? 7.864   -15.652 -13.218 1.00 31.85  ? 158 ASP A O   1 
ATOM   1153 C  CB  . ASP A 1 158 ? 7.937   -18.490 -14.073 1.00 33.32  ? 158 ASP A CB  1 
ATOM   1154 C  CG  . ASP A 1 158 ? 6.764   -18.835 -13.152 1.00 35.01  ? 158 ASP A CG  1 
ATOM   1155 O  OD1 . ASP A 1 158 ? 5.798   -18.051 -13.037 1.00 37.26  ? 158 ASP A OD1 1 
ATOM   1156 O  OD2 . ASP A 1 158 ? 6.815   -19.911 -12.522 1.00 38.53  ? 158 ASP A OD2 1 
ATOM   1157 N  N   . VAL A 1 159 ? 6.225   -15.374 -14.759 1.00 32.25  ? 159 VAL A N   1 
ATOM   1158 C  CA  . VAL A 1 159 ? 5.758   -14.086 -14.285 1.00 31.46  ? 159 VAL A CA  1 
ATOM   1159 C  C   . VAL A 1 159 ? 5.256   -14.139 -12.842 1.00 31.91  ? 159 VAL A C   1 
ATOM   1160 O  O   . VAL A 1 159 ? 5.589   -13.259 -12.051 1.00 31.14  ? 159 VAL A O   1 
ATOM   1161 C  CB  . VAL A 1 159 ? 4.709   -13.468 -15.277 1.00 31.75  ? 159 VAL A CB  1 
ATOM   1162 C  CG1 . VAL A 1 159 ? 3.836   -12.373 -14.632 1.00 28.64  ? 159 VAL A CG1 1 
ATOM   1163 C  CG2 . VAL A 1 159 ? 5.407   -12.938 -16.522 1.00 30.88  ? 159 VAL A CG2 1 
ATOM   1164 N  N   . GLU A 1 160 ? 4.481   -15.173 -12.504 1.00 32.14  ? 160 GLU A N   1 
ATOM   1165 C  CA  . GLU A 1 160 ? 3.905   -15.288 -11.162 1.00 32.89  ? 160 GLU A CA  1 
ATOM   1166 C  C   . GLU A 1 160 ? 4.937   -15.621 -10.069 1.00 31.49  ? 160 GLU A C   1 
ATOM   1167 O  O   . GLU A 1 160 ? 4.793   -15.184 -8.933  1.00 31.59  ? 160 GLU A O   1 
ATOM   1168 C  CB  . GLU A 1 160 ? 2.725   -16.275 -11.128 1.00 34.15  ? 160 GLU A CB  1 
ATOM   1169 C  CG  . GLU A 1 160 ? 1.481   -15.836 -11.937 1.00 37.55  ? 160 GLU A CG  1 
ATOM   1170 C  CD  . GLU A 1 160 ? 0.965   -14.455 -11.537 1.00 44.14  ? 160 GLU A CD  1 
ATOM   1171 O  OE1 . GLU A 1 160 ? 0.556   -14.268 -10.365 1.00 47.18  ? 160 GLU A OE1 1 
ATOM   1172 O  OE2 . GLU A 1 160 ? 0.961   -13.545 -12.404 1.00 47.74  ? 160 GLU A OE2 1 
ATOM   1173 N  N   . GLN A 1 161 ? 5.969   -16.373 -10.423 1.00 30.14  ? 161 GLN A N   1 
ATOM   1174 C  CA  . GLN A 1 161 ? 7.101   -16.625 -9.526  1.00 29.11  ? 161 GLN A CA  1 
ATOM   1175 C  C   . GLN A 1 161 ? 7.764   -15.295 -9.164  1.00 29.10  ? 161 GLN A C   1 
ATOM   1176 O  O   . GLN A 1 161 ? 7.932   -14.976 -7.976  1.00 28.25  ? 161 GLN A O   1 
ATOM   1177 C  CB  . GLN A 1 161 ? 8.104   -17.564 -10.204 1.00 28.84  ? 161 GLN A CB  1 
ATOM   1178 C  CG  . GLN A 1 161 ? 9.169   -18.207 -9.287  1.00 29.29  ? 161 GLN A CG  1 
ATOM   1179 C  CD  . GLN A 1 161 ? 8.597   -18.702 -7.948  1.00 29.10  ? 161 GLN A CD  1 
ATOM   1180 O  OE1 . GLN A 1 161 ? 7.592   -19.422 -7.915  1.00 28.42  ? 161 GLN A OE1 1 
ATOM   1181 N  NE2 . GLN A 1 161 ? 9.225   -18.298 -6.850  1.00 25.51  ? 161 GLN A NE2 1 
ATOM   1182 N  N   . ALA A 1 162 ? 8.124   -14.520 -10.185 1.00 27.98  ? 162 ALA A N   1 
ATOM   1183 C  CA  . ALA A 1 162 ? 8.767   -13.225 -9.962  1.00 28.99  ? 162 ALA A CA  1 
ATOM   1184 C  C   . ALA A 1 162 ? 7.904   -12.312 -9.119  1.00 28.98  ? 162 ALA A C   1 
ATOM   1185 O  O   . ALA A 1 162 ? 8.407   -11.656 -8.196  1.00 29.20  ? 162 ALA A O   1 
ATOM   1186 C  CB  . ALA A 1 162 ? 9.125   -12.548 -11.282 1.00 28.90  ? 162 ALA A CB  1 
ATOM   1187 N  N   . LEU A 1 163 ? 6.608   -12.286 -9.431  1.00 29.09  ? 163 LEU A N   1 
ATOM   1188 C  CA  . LEU A 1 163 ? 5.636   -11.487 -8.688  1.00 28.93  ? 163 LEU A CA  1 
ATOM   1189 C  C   . LEU A 1 163 ? 5.564   -11.883 -7.225  1.00 27.59  ? 163 LEU A C   1 
ATOM   1190 O  O   . LEU A 1 163 ? 5.626   -11.020 -6.329  1.00 27.01  ? 163 LEU A O   1 
ATOM   1191 C  CB  . LEU A 1 163 ? 4.258   -11.577 -9.345  1.00 30.11  ? 163 LEU A CB  1 
ATOM   1192 C  CG  . LEU A 1 163 ? 3.103   -10.767 -8.719  1.00 32.26  ? 163 LEU A CG  1 
ATOM   1193 C  CD1 . LEU A 1 163 ? 3.426   -9.294  -8.697  1.00 33.05  ? 163 LEU A CD1 1 
ATOM   1194 C  CD2 . LEU A 1 163 ? 1.899   -10.986 -9.564  1.00 33.96  ? 163 LEU A CD2 1 
ATOM   1195 N  N   . PHE A 1 164 ? 5.475   -13.187 -6.979  1.00 26.76  ? 164 PHE A N   1 
ATOM   1196 C  CA  . PHE A 1 164 ? 5.478   -13.712 -5.617  1.00 26.40  ? 164 PHE A CA  1 
ATOM   1197 C  C   . PHE A 1 164 ? 6.682   -13.154 -4.833  1.00 26.67  ? 164 PHE A C   1 
ATOM   1198 O  O   . PHE A 1 164 ? 6.534   -12.652 -3.710  1.00 25.63  ? 164 PHE A O   1 
ATOM   1199 C  CB  . PHE A 1 164 ? 5.532   -15.268 -5.626  1.00 25.96  ? 164 PHE A CB  1 
ATOM   1200 C  CG  . PHE A 1 164 ? 5.584   -15.869 -4.254  1.00 25.03  ? 164 PHE A CG  1 
ATOM   1201 C  CD1 . PHE A 1 164 ? 4.408   -16.086 -3.531  1.00 24.19  ? 164 PHE A CD1 1 
ATOM   1202 C  CD2 . PHE A 1 164 ? 6.815   -16.154 -3.646  1.00 24.12  ? 164 PHE A CD2 1 
ATOM   1203 C  CE1 . PHE A 1 164 ? 4.465   -16.632 -2.231  1.00 25.90  ? 164 PHE A CE1 1 
ATOM   1204 C  CE2 . PHE A 1 164 ? 6.876   -16.694 -2.350  1.00 24.24  ? 164 PHE A CE2 1 
ATOM   1205 C  CZ  . PHE A 1 164 ? 5.697   -16.932 -1.642  1.00 22.94  ? 164 PHE A CZ  1 
ATOM   1206 N  N   . GLU A 1 165 ? 7.863   -13.235 -5.456  1.00 26.51  ? 165 GLU A N   1 
ATOM   1207 C  CA  . GLU A 1 165 ? 9.145   -12.884 -4.811  1.00 27.41  ? 165 GLU A CA  1 
ATOM   1208 C  C   . GLU A 1 165 ? 9.297   -11.379 -4.612  1.00 27.21  ? 165 GLU A C   1 
ATOM   1209 O  O   . GLU A 1 165 ? 9.829   -10.929 -3.598  1.00 27.79  ? 165 GLU A O   1 
ATOM   1210 C  CB  . GLU A 1 165 ? 10.321  -13.434 -5.645  1.00 26.94  ? 165 GLU A CB  1 
ATOM   1211 C  CG  . GLU A 1 165 ? 10.515  -14.966 -5.525  1.00 28.23  ? 165 GLU A CG  1 
ATOM   1212 C  CD  . GLU A 1 165 ? 11.467  -15.540 -6.606  1.00 28.70  ? 165 GLU A CD  1 
ATOM   1213 O  OE1 . GLU A 1 165 ? 12.111  -14.745 -7.325  1.00 31.28  ? 165 GLU A OE1 1 
ATOM   1214 O  OE2 . GLU A 1 165 ? 11.550  -16.778 -6.748  1.00 28.54  ? 165 GLU A OE2 1 
ATOM   1215 N  N   . ILE A 1 166 ? 8.832   -10.603 -5.584  1.00 26.86  ? 166 ILE A N   1 
ATOM   1216 C  CA  . ILE A 1 166 ? 8.802   -9.145  -5.450  1.00 27.52  ? 166 ILE A CA  1 
ATOM   1217 C  C   . ILE A 1 166 ? 7.892   -8.635  -4.293  1.00 27.14  ? 166 ILE A C   1 
ATOM   1218 O  O   . ILE A 1 166 ? 8.332   -7.831  -3.470  1.00 26.82  ? 166 ILE A O   1 
ATOM   1219 C  CB  . ILE A 1 166 ? 8.446   -8.465  -6.804  1.00 27.11  ? 166 ILE A CB  1 
ATOM   1220 C  CG1 . ILE A 1 166 ? 9.608   -8.650  -7.773  1.00 27.29  ? 166 ILE A CG1 1 
ATOM   1221 C  CG2 . ILE A 1 166 ? 8.112   -6.977  -6.600  1.00 25.70  ? 166 ILE A CG2 1 
ATOM   1222 C  CD1 . ILE A 1 166 ? 9.270   -8.229  -9.264  1.00 29.41  ? 166 ILE A CD1 1 
ATOM   1223 N  N   . VAL A 1 167 ? 6.644   -9.117  -4.251  1.00 26.87  ? 167 VAL A N   1 
ATOM   1224 C  CA  . VAL A 1 167 ? 5.736   -8.863  -3.146  1.00 27.34  ? 167 VAL A CA  1 
ATOM   1225 C  C   . VAL A 1 167 ? 6.270   -9.336  -1.778  1.00 27.72  ? 167 VAL A C   1 
ATOM   1226 O  O   . VAL A 1 167 ? 6.116   -8.646  -0.754  1.00 27.72  ? 167 VAL A O   1 
ATOM   1227 C  CB  . VAL A 1 167 ? 4.352   -9.502  -3.403  1.00 27.88  ? 167 VAL A CB  1 
ATOM   1228 C  CG1 . VAL A 1 167 ? 3.490   -9.481  -2.117  1.00 28.88  ? 167 VAL A CG1 1 
ATOM   1229 C  CG2 . VAL A 1 167 ? 3.643   -8.792  -4.572  1.00 27.78  ? 167 VAL A CG2 1 
ATOM   1230 N  N   . ALA A 1 168 ? 6.888   -10.514 -1.771  1.00 27.28  ? 168 ALA A N   1 
ATOM   1231 C  CA  . ALA A 1 168 ? 7.515   -11.062 -0.589  1.00 26.72  ? 168 ALA A CA  1 
ATOM   1232 C  C   . ALA A 1 168 ? 8.588   -10.113 -0.020  1.00 26.65  ? 168 ALA A C   1 
ATOM   1233 O  O   . ALA A 1 168 ? 8.663   -9.908  1.189   1.00 27.26  ? 168 ALA A O   1 
ATOM   1234 C  CB  . ALA A 1 168 ? 8.139   -12.400 -0.924  1.00 26.17  ? 168 ALA A CB  1 
ATOM   1235 N  N   . ALA A 1 169 ? 9.432   -9.575  -0.899  1.00 26.69  ? 169 ALA A N   1 
ATOM   1236 C  CA  . ALA A 1 169 ? 10.485  -8.622  -0.512  1.00 26.78  ? 169 ALA A CA  1 
ATOM   1237 C  C   . ALA A 1 169 ? 9.893   -7.364  0.160   1.00 26.45  ? 169 ALA A C   1 
ATOM   1238 O  O   . ALA A 1 169 ? 10.424  -6.904  1.164   1.00 26.63  ? 169 ALA A O   1 
ATOM   1239 C  CB  . ALA A 1 169 ? 11.359  -8.251  -1.715  1.00 25.50  ? 169 ALA A CB  1 
ATOM   1240 N  N   . GLY A 1 170 ? 8.799   -6.837  -0.396  1.00 26.71  ? 170 GLY A N   1 
ATOM   1241 C  CA  . GLY A 1 170 ? 8.073   -5.717  0.184   1.00 26.28  ? 170 GLY A CA  1 
ATOM   1242 C  C   . GLY A 1 170 ? 7.543   -6.021  1.584   1.00 26.89  ? 170 GLY A C   1 
ATOM   1243 O  O   . GLY A 1 170 ? 7.722   -5.231  2.518   1.00 27.53  ? 170 GLY A O   1 
ATOM   1244 N  N   . LEU A 1 171 ? 6.900   -7.172  1.742   1.00 26.41  ? 171 LEU A N   1 
ATOM   1245 C  CA  . LEU A 1 171 ? 6.388   -7.608  3.050   1.00 26.70  ? 171 LEU A CA  1 
ATOM   1246 C  C   . LEU A 1 171 ? 7.490   -7.755  4.083   1.00 26.41  ? 171 LEU A C   1 
ATOM   1247 O  O   . LEU A 1 171 ? 7.316   -7.355  5.233   1.00 27.26  ? 171 LEU A O   1 
ATOM   1248 C  CB  . LEU A 1 171 ? 5.636   -8.921  2.941   1.00 26.65  ? 171 LEU A CB  1 
ATOM   1249 C  CG  . LEU A 1 171 ? 4.347   -9.004  2.105   1.00 28.41  ? 171 LEU A CG  1 
ATOM   1250 C  CD1 . LEU A 1 171 ? 3.868   -10.456 2.243   1.00 27.48  ? 171 LEU A CD1 1 
ATOM   1251 C  CD2 . LEU A 1 171 ? 3.249   -8.034  2.554   1.00 25.44  ? 171 LEU A CD2 1 
ATOM   1252 N  N   . ALA A 1 172 ? 8.611   -8.338  3.683   1.00 26.19  ? 172 ALA A N   1 
ATOM   1253 C  CA  . ALA A 1 172 ? 9.761   -8.485  4.595   1.00 26.28  ? 172 ALA A CA  1 
ATOM   1254 C  C   . ALA A 1 172 ? 10.448  -7.160  4.928   1.00 25.74  ? 172 ALA A C   1 
ATOM   1255 O  O   . ALA A 1 172 ? 10.882  -6.948  6.066   1.00 25.76  ? 172 ALA A O   1 
ATOM   1256 C  CB  . ALA A 1 172 ? 10.780  -9.484  4.039   1.00 25.92  ? 172 ALA A CB  1 
ATOM   1257 N  N   . LEU A 1 173 ? 10.550  -6.268  3.946   1.00 25.56  ? 173 LEU A N   1 
ATOM   1258 C  CA  . LEU A 1 173 ? 11.083  -4.941  4.208   1.00 25.31  ? 173 LEU A CA  1 
ATOM   1259 C  C   . LEU A 1 173 ? 10.220  -4.184  5.238   1.00 25.63  ? 173 LEU A C   1 
ATOM   1260 O  O   . LEU A 1 173 ? 10.758  -3.586  6.193   1.00 25.48  ? 173 LEU A O   1 
ATOM   1261 C  CB  . LEU A 1 173 ? 11.203  -4.151  2.903   1.00 25.37  ? 173 LEU A CB  1 
ATOM   1262 C  CG  . LEU A 1 173 ? 11.680  -2.694  2.952   1.00 25.98  ? 173 LEU A CG  1 
ATOM   1263 C  CD1 . LEU A 1 173 ? 12.966  -2.493  3.755   1.00 25.19  ? 173 LEU A CD1 1 
ATOM   1264 C  CD2 . LEU A 1 173 ? 11.813  -2.101  1.544   1.00 25.05  ? 173 LEU A CD2 1 
ATOM   1265 N  N   . ASN A 1 174 ? 8.908   -4.212  5.058   1.00 25.48  ? 174 ASN A N   1 
ATOM   1266 C  CA  . ASN A 1 174 ? 8.009   -3.527  6.003   1.00 27.82  ? 174 ASN A CA  1 
ATOM   1267 C  C   . ASN A 1 174 ? 8.113   -4.078  7.432   1.00 27.76  ? 174 ASN A C   1 
ATOM   1268 O  O   . ASN A 1 174 ? 8.187   -3.315  8.387   1.00 27.54  ? 174 ASN A O   1 
ATOM   1269 C  CB  . ASN A 1 174 ? 6.538   -3.540  5.543   1.00 28.34  ? 174 ASN A CB  1 
ATOM   1270 C  CG  . ASN A 1 174 ? 5.655   -2.574  6.367   1.00 28.81  ? 174 ASN A CG  1 
ATOM   1271 O  OD1 . ASN A 1 174 ? 4.872   -3.010  7.211   1.00 31.14  ? 174 ASN A OD1 1 
ATOM   1272 N  ND2 . ASN A 1 174 ? 5.810   -1.265  6.138   1.00 26.27  ? 174 ASN A ND2 1 
ATOM   1273 N  N   . ALA A 1 175 ? 8.142   -5.406  7.554   1.00 28.18  ? 175 ALA A N   1 
ATOM   1274 C  CA  . ALA A 1 175 ? 8.317   -6.070  8.846   1.00 28.23  ? 175 ALA A CA  1 
ATOM   1275 C  C   . ALA A 1 175 ? 9.632   -5.679  9.545   1.00 28.94  ? 175 ALA A C   1 
ATOM   1276 O  O   . ALA A 1 175 ? 9.650   -5.368  10.745  1.00 28.33  ? 175 ALA A O   1 
ATOM   1277 C  CB  . ALA A 1 175 ? 8.259   -7.576  8.647   1.00 28.64  ? 175 ALA A CB  1 
ATOM   1278 N  N   . ALA A 1 176 ? 10.727  -5.697  8.783   1.00 28.50  ? 176 ALA A N   1 
ATOM   1279 C  CA  . ALA A 1 176 ? 12.057  -5.335  9.307   1.00 28.36  ? 176 ALA A CA  1 
ATOM   1280 C  C   . ALA A 1 176 ? 12.142  -3.868  9.726   1.00 28.28  ? 176 ALA A C   1 
ATOM   1281 O  O   . ALA A 1 176 ? 12.710  -3.548  10.778  1.00 27.50  ? 176 ALA A O   1 
ATOM   1282 C  CB  . ALA A 1 176 ? 13.121  -5.629  8.283   1.00 27.78  ? 176 ALA A CB  1 
ATOM   1283 N  N   . MET A 1 177 ? 11.595  -2.984  8.888   1.00 28.74  ? 177 MET A N   1 
ATOM   1284 C  CA  . MET A 1 177 ? 11.569  -1.551  9.185   1.00 28.70  ? 177 MET A CA  1 
ATOM   1285 C  C   . MET A 1 177 ? 10.739  -1.291  10.438  1.00 29.35  ? 177 MET A C   1 
ATOM   1286 O  O   . MET A 1 177 ? 11.189  -0.628  11.357  1.00 29.68  ? 177 MET A O   1 
ATOM   1287 C  CB  . MET A 1 177 ? 11.004  -0.753  7.998   1.00 28.61  ? 177 MET A CB  1 
ATOM   1288 C  CG  . MET A 1 177 ? 11.999  -0.427  6.910   1.00 27.23  ? 177 MET A CG  1 
ATOM   1289 S  SD  . MET A 1 177 ? 13.537  0.435   7.435   1.00 27.16  ? 177 MET A SD  1 
ATOM   1290 C  CE  . MET A 1 177 ? 12.871  1.857   8.264   1.00 26.75  ? 177 MET A CE  1 
ATOM   1291 N  N   . GLN A 1 178 ? 9.539   -1.852  10.491  1.00 30.23  ? 178 GLN A N   1 
ATOM   1292 C  CA  . GLN A 1 178 ? 8.636   -1.563  11.598  1.00 31.26  ? 178 GLN A CA  1 
ATOM   1293 C  C   . GLN A 1 178 ? 9.026   -2.236  12.912  1.00 32.49  ? 178 GLN A C   1 
ATOM   1294 O  O   . GLN A 1 178 ? 9.100   -1.577  13.957  1.00 32.26  ? 178 GLN A O   1 
ATOM   1295 C  CB  . GLN A 1 178 ? 7.184   -1.853  11.201  1.00 31.23  ? 178 GLN A CB  1 
ATOM   1296 C  CG  . GLN A 1 178 ? 6.705   -0.949  10.061  1.00 31.06  ? 178 GLN A CG  1 
ATOM   1297 C  CD  . GLN A 1 178 ? 6.977   0.527   10.334  1.00 32.50  ? 178 GLN A CD  1 
ATOM   1298 O  OE1 . GLN A 1 178 ? 6.561   1.058   11.373  1.00 31.85  ? 178 GLN A OE1 1 
ATOM   1299 N  NE2 . GLN A 1 178 ? 7.675   1.192   9.410   1.00 29.64  ? 178 GLN A NE2 1 
ATOM   1300 N  N   . LEU A 1 179 ? 9.315   -3.533  12.860  1.00 33.23  ? 179 LEU A N   1 
ATOM   1301 C  CA  . LEU A 1 179 ? 9.739   -4.235  14.059  1.00 34.22  ? 179 LEU A CA  1 
ATOM   1302 C  C   . LEU A 1 179 ? 11.180  -3.913  14.507  1.00 34.81  ? 179 LEU A C   1 
ATOM   1303 O  O   . LEU A 1 179 ? 11.406  -3.532  15.648  1.00 33.95  ? 179 LEU A O   1 
ATOM   1304 C  CB  . LEU A 1 179 ? 9.569   -5.741  13.890  1.00 34.08  ? 179 LEU A CB  1 
ATOM   1305 C  CG  . LEU A 1 179 ? 9.839   -6.497  15.196  1.00 35.88  ? 179 LEU A CG  1 
ATOM   1306 C  CD1 . LEU A 1 179 ? 8.563   -6.621  15.981  1.00 36.30  ? 179 LEU A CD1 1 
ATOM   1307 C  CD2 . LEU A 1 179 ? 10.421  -7.866  14.880  1.00 39.05  ? 179 LEU A CD2 1 
ATOM   1308 N  N   . GLN A 1 180 ? 12.142  -4.063  13.601  1.00 35.93  ? 180 GLN A N   1 
ATOM   1309 C  CA  . GLN A 1 180 ? 13.559  -3.988  13.959  1.00 37.42  ? 180 GLN A CA  1 
ATOM   1310 C  C   . GLN A 1 180 ? 14.210  -2.629  13.679  1.00 36.42  ? 180 GLN A C   1 
ATOM   1311 O  O   . GLN A 1 180 ? 15.372  -2.441  14.018  1.00 36.96  ? 180 GLN A O   1 
ATOM   1312 C  CB  . GLN A 1 180 ? 14.343  -5.092  13.227  1.00 37.49  ? 180 GLN A CB  1 
ATOM   1313 C  CG  . GLN A 1 180 ? 13.687  -6.482  13.259  1.00 40.59  ? 180 GLN A CG  1 
ATOM   1314 C  CD  . GLN A 1 180 ? 14.164  -7.467  12.161  1.00 41.42  ? 180 GLN A CD  1 
ATOM   1315 O  OE1 . GLN A 1 180 ? 14.398  -7.094  11.002  1.00 46.81  ? 180 GLN A OE1 1 
ATOM   1316 N  NE2 . GLN A 1 180 ? 14.272  -8.746  12.533  1.00 46.33  ? 180 GLN A NE2 1 
ATOM   1317 N  N   . HIS A 1 181 ? 13.482  -1.684  13.085  1.00 35.91  ? 181 HIS A N   1 
ATOM   1318 C  CA  . HIS A 1 181 ? 14.102  -0.468  12.508  1.00 36.42  ? 181 HIS A CA  1 
ATOM   1319 C  C   . HIS A 1 181 ? 15.351  -0.832  11.681  1.00 36.58  ? 181 HIS A C   1 
ATOM   1320 O  O   . HIS A 1 181 ? 16.393  -0.156  11.761  1.00 35.91  ? 181 HIS A O   1 
ATOM   1321 C  CB  . HIS A 1 181 ? 14.500  0.557   13.592  1.00 36.36  ? 181 HIS A CB  1 
ATOM   1322 C  CG  . HIS A 1 181 ? 13.458  0.776   14.642  1.00 37.48  ? 181 HIS A CG  1 
ATOM   1323 N  ND1 . HIS A 1 181 ? 12.539  1.803   14.574  1.00 37.29  ? 181 HIS A ND1 1 
ATOM   1324 C  CD2 . HIS A 1 181 ? 13.182  0.093   15.781  1.00 38.09  ? 181 HIS A CD2 1 
ATOM   1325 C  CE1 . HIS A 1 181 ? 11.740  1.741   15.625  1.00 38.77  ? 181 HIS A CE1 1 
ATOM   1326 N  NE2 . HIS A 1 181 ? 12.108  0.713   16.372  1.00 39.42  ? 181 HIS A NE2 1 
ATOM   1327 N  N   . ASP A 1 182 ? 15.267  -1.906  10.903  1.00 36.58  ? 182 ASP A N   1 
ATOM   1328 C  CA  . ASP A 1 182 ? 16.472  -2.431  10.267  1.00 36.63  ? 182 ASP A CA  1 
ATOM   1329 C  C   . ASP A 1 182 ? 16.630  -1.822  8.884   1.00 36.11  ? 182 ASP A C   1 
ATOM   1330 O  O   . ASP A 1 182 ? 15.989  -2.250  7.915   1.00 35.28  ? 182 ASP A O   1 
ATOM   1331 C  CB  . ASP A 1 182 ? 16.444  -3.959  10.234  1.00 37.70  ? 182 ASP A CB  1 
ATOM   1332 C  CG  . ASP A 1 182 ? 17.592  -4.561  9.431   1.00 39.31  ? 182 ASP A CG  1 
ATOM   1333 O  OD1 . ASP A 1 182 ? 18.701  -3.981  9.390   1.00 41.31  ? 182 ASP A OD1 1 
ATOM   1334 O  OD2 . ASP A 1 182 ? 17.366  -5.631  8.833   1.00 41.71  ? 182 ASP A OD2 1 
ATOM   1335 N  N   . ARG A 1 183 ? 17.488  -0.808  8.798   1.00 35.34  ? 183 ARG A N   1 
ATOM   1336 C  CA  . ARG A 1 183 ? 17.633  -0.077  7.540   1.00 34.89  ? 183 ARG A CA  1 
ATOM   1337 C  C   . ARG A 1 183 ? 18.450  -0.820  6.479   1.00 33.73  ? 183 ARG A C   1 
ATOM   1338 O  O   . ARG A 1 183 ? 18.411  -0.462  5.308   1.00 34.10  ? 183 ARG A O   1 
ATOM   1339 C  CB  . ARG A 1 183 ? 18.117  1.355   7.785   1.00 35.05  ? 183 ARG A CB  1 
ATOM   1340 C  CG  . ARG A 1 183 ? 16.969  2.233   8.276   1.00 35.95  ? 183 ARG A CG  1 
ATOM   1341 C  CD  . ARG A 1 183 ? 17.429  3.588   8.795   1.00 39.15  ? 183 ARG A CD  1 
ATOM   1342 N  NE  . ARG A 1 183 ? 16.446  4.087   9.754   1.00 42.75  ? 183 ARG A NE  1 
ATOM   1343 C  CZ  . ARG A 1 183 ? 15.322  4.712   9.430   1.00 44.22  ? 183 ARG A CZ  1 
ATOM   1344 N  NH1 . ARG A 1 183 ? 15.021  4.942   8.162   1.00 47.41  ? 183 ARG A NH1 1 
ATOM   1345 N  NH2 . ARG A 1 183 ? 14.491  5.098   10.378  1.00 46.07  ? 183 ARG A NH2 1 
ATOM   1346 N  N   . THR A 1 184 ? 19.141  -1.878  6.895   1.00 32.06  ? 184 THR A N   1 
ATOM   1347 C  CA  . THR A 1 184 ? 19.783  -2.814  5.965   1.00 31.54  ? 184 THR A CA  1 
ATOM   1348 C  C   . THR A 1 184 ? 18.801  -3.606  5.081   1.00 29.60  ? 184 THR A C   1 
ATOM   1349 O  O   . THR A 1 184 ? 19.165  -4.048  3.994   1.00 29.11  ? 184 THR A O   1 
ATOM   1350 C  CB  . THR A 1 184 ? 20.705  -3.781  6.726   1.00 31.80  ? 184 THR A CB  1 
ATOM   1351 O  OG1 . THR A 1 184 ? 21.607  -3.014  7.540   1.00 33.72  ? 184 THR A OG1 1 
ATOM   1352 C  CG2 . THR A 1 184 ? 21.552  -4.574  5.756   1.00 33.55  ? 184 THR A CG2 1 
ATOM   1353 N  N   . ALA A 1 185 ? 17.567  -3.775  5.551   1.00 28.47  ? 185 ALA A N   1 
ATOM   1354 C  CA  . ALA A 1 185 ? 16.544  -4.560  4.843   1.00 27.73  ? 185 ALA A CA  1 
ATOM   1355 C  C   . ALA A 1 185 ? 16.250  -4.002  3.457   1.00 27.77  ? 185 ALA A C   1 
ATOM   1356 O  O   . ALA A 1 185 ? 15.982  -4.768  2.545   1.00 28.30  ? 185 ALA A O   1 
ATOM   1357 C  CB  . ALA A 1 185 ? 15.278  -4.651  5.654   1.00 27.16  ? 185 ALA A CB  1 
ATOM   1358 N  N   . ALA A 1 186 ? 16.310  -2.675  3.301   1.00 27.23  ? 186 ALA A N   1 
ATOM   1359 C  CA  . ALA A 1 186 ? 16.061  -2.026  2.017   1.00 27.15  ? 186 ALA A CA  1 
ATOM   1360 C  C   . ALA A 1 186 ? 17.042  -2.461  0.931   1.00 27.36  ? 186 ALA A C   1 
ATOM   1361 O  O   . ALA A 1 186 ? 16.635  -2.693  -0.219  1.00 27.22  ? 186 ALA A O   1 
ATOM   1362 C  CB  . ALA A 1 186 ? 16.077  -0.503  2.170   1.00 26.56  ? 186 ALA A CB  1 
ATOM   1363 N  N   . ASP A 1 187 ? 18.319  -2.569  1.283   1.00 27.21  ? 187 ASP A N   1 
ATOM   1364 C  CA  . ASP A 1 187 ? 19.308  -3.019  0.308   1.00 28.50  ? 187 ASP A CA  1 
ATOM   1365 C  C   . ASP A 1 187 ? 19.114  -4.498  -0.009  1.00 28.13  ? 187 ASP A C   1 
ATOM   1366 O  O   . ASP A 1 187 ? 19.318  -4.933  -1.143  1.00 27.97  ? 187 ASP A O   1 
ATOM   1367 C  CB  . ASP A 1 187 ? 20.722  -2.699  0.763   1.00 28.80  ? 187 ASP A CB  1 
ATOM   1368 C  CG  . ASP A 1 187 ? 21.039  -1.217  0.640   1.00 33.33  ? 187 ASP A CG  1 
ATOM   1369 O  OD1 . ASP A 1 187 ? 20.416  -0.537  -0.213  1.00 36.90  ? 187 ASP A OD1 1 
ATOM   1370 O  OD2 . ASP A 1 187 ? 21.915  -0.715  1.386   1.00 38.89  ? 187 ASP A OD2 1 
ATOM   1371 N  N   . ARG A 1 188 ? 18.634  -5.250  0.984   1.00 27.68  ? 188 ARG A N   1 
ATOM   1372 C  CA  . ARG A 1 188 ? 18.290  -6.641  0.756   1.00 27.23  ? 188 ARG A CA  1 
ATOM   1373 C  C   . ARG A 1 188 ? 17.037  -6.786  -0.102  1.00 26.55  ? 188 ARG A C   1 
ATOM   1374 O  O   . ARG A 1 188 ? 16.996  -7.638  -0.974  1.00 26.47  ? 188 ARG A O   1 
ATOM   1375 C  CB  . ARG A 1 188 ? 18.204  -7.413  2.080   1.00 27.11  ? 188 ARG A CB  1 
ATOM   1376 C  CG  . ARG A 1 188 ? 19.562  -7.419  2.795   1.00 29.95  ? 188 ARG A CG  1 
ATOM   1377 C  CD  . ARG A 1 188 ? 19.674  -8.495  3.837   1.00 34.61  ? 188 ARG A CD  1 
ATOM   1378 N  NE  . ARG A 1 188 ? 20.938  -8.377  4.562   1.00 39.40  ? 188 ARG A NE  1 
ATOM   1379 C  CZ  . ARG A 1 188 ? 21.041  -7.938  5.813   1.00 41.77  ? 188 ARG A CZ  1 
ATOM   1380 N  NH1 . ARG A 1 188 ? 19.952  -7.572  6.485   1.00 43.68  ? 188 ARG A NH1 1 
ATOM   1381 N  NH2 . ARG A 1 188 ? 22.235  -7.867  6.398   1.00 43.33  ? 188 ARG A NH2 1 
ATOM   1382 N  N   . ALA A 1 189 ? 16.033  -5.952  0.132   1.00 26.16  ? 189 ALA A N   1 
ATOM   1383 C  CA  . ALA A 1 189 ? 14.868  -5.921  -0.735  1.00 27.09  ? 189 ALA A CA  1 
ATOM   1384 C  C   . ALA A 1 189 ? 15.256  -5.569  -2.182  1.00 27.71  ? 189 ALA A C   1 
ATOM   1385 O  O   . ALA A 1 189 ? 14.757  -6.199  -3.103  1.00 28.37  ? 189 ALA A O   1 
ATOM   1386 C  CB  . ALA A 1 189 ? 13.813  -4.967  -0.218  1.00 26.51  ? 189 ALA A CB  1 
ATOM   1387 N  N   . ARG A 1 190 ? 16.109  -4.559  -2.366  1.00 27.88  ? 190 ARG A N   1 
ATOM   1388 C  CA  . ARG A 1 190 ? 16.599  -4.165  -3.688  1.00 29.02  ? 190 ARG A CA  1 
ATOM   1389 C  C   . ARG A 1 190 ? 17.248  -5.343  -4.420  1.00 29.45  ? 190 ARG A C   1 
ATOM   1390 O  O   . ARG A 1 190 ? 16.930  -5.622  -5.590  1.00 28.53  ? 190 ARG A O   1 
ATOM   1391 C  CB  . ARG A 1 190 ? 17.606  -2.997  -3.584  1.00 29.06  ? 190 ARG A CB  1 
ATOM   1392 C  CG  . ARG A 1 190 ? 16.974  -1.660  -3.264  1.00 28.45  ? 190 ARG A CG  1 
ATOM   1393 C  CD  . ARG A 1 190 ? 17.983  -0.520  -3.146  1.00 29.84  ? 190 ARG A CD  1 
ATOM   1394 N  NE  . ARG A 1 190 ? 17.230  0.710   -2.887  1.00 33.81  ? 190 ARG A NE  1 
ATOM   1395 C  CZ  . ARG A 1 190 ? 17.156  1.341   -1.712  1.00 35.40  ? 190 ARG A CZ  1 
ATOM   1396 N  NH1 . ARG A 1 190 ? 16.389  2.438   -1.590  1.00 31.87  ? 190 ARG A NH1 1 
ATOM   1397 N  NH2 . ARG A 1 190 ? 17.856  0.891   -0.669  1.00 33.76  ? 190 ARG A NH2 1 
ATOM   1398 N  N   . ARG A 1 191 ? 18.138  -6.047  -3.713  1.00 30.10  ? 191 ARG A N   1 
ATOM   1399 C  CA  . ARG A 1 191 ? 18.831  -7.212  -4.280  1.00 31.35  ? 191 ARG A CA  1 
ATOM   1400 C  C   . ARG A 1 191 ? 17.873  -8.367  -4.576  1.00 30.27  ? 191 ARG A C   1 
ATOM   1401 O  O   . ARG A 1 191 ? 18.060  -9.091  -5.548  1.00 29.95  ? 191 ARG A O   1 
ATOM   1402 C  CB  . ARG A 1 191 ? 19.971  -7.684  -3.354  1.00 31.01  ? 191 ARG A CB  1 
ATOM   1403 C  CG  . ARG A 1 191 ? 21.117  -6.668  -3.272  1.00 34.01  ? 191 ARG A CG  1 
ATOM   1404 C  CD  . ARG A 1 191 ? 22.155  -6.992  -2.176  1.00 35.27  ? 191 ARG A CD  1 
ATOM   1405 N  NE  . ARG A 1 191 ? 22.686  -5.760  -1.572  1.00 42.90  ? 191 ARG A NE  1 
ATOM   1406 C  CZ  . ARG A 1 191 ? 23.812  -5.147  -1.945  1.00 45.85  ? 191 ARG A CZ  1 
ATOM   1407 N  NH1 . ARG A 1 191 ? 24.574  -5.658  -2.915  1.00 48.55  ? 191 ARG A NH1 1 
ATOM   1408 N  NH2 . ARG A 1 191 ? 24.198  -4.029  -1.325  1.00 47.04  ? 191 ARG A NH2 1 
ATOM   1409 N  N   . ALA A 1 192 ? 16.846  -8.523  -3.750  1.00 29.86  ? 192 ALA A N   1 
ATOM   1410 C  CA  . ALA A 1 192 ? 15.869  -9.602  -3.912  1.00 30.28  ? 192 ALA A CA  1 
ATOM   1411 C  C   . ALA A 1 192 ? 15.012  -9.350  -5.138  1.00 30.73  ? 192 ALA A C   1 
ATOM   1412 O  O   . ALA A 1 192 ? 14.606  -10.283 -5.820  1.00 30.90  ? 192 ALA A O   1 
ATOM   1413 C  CB  . ALA A 1 192 ? 14.991  -9.740  -2.661  1.00 29.60  ? 192 ALA A CB  1 
ATOM   1414 N  N   . ILE A 1 193 ? 14.741  -8.079  -5.413  1.00 32.08  ? 193 ILE A N   1 
ATOM   1415 C  CA  . ILE A 1 193 ? 13.961  -7.686  -6.589  1.00 33.74  ? 193 ILE A CA  1 
ATOM   1416 C  C   . ILE A 1 193 ? 14.752  -7.932  -7.880  1.00 34.56  ? 193 ILE A C   1 
ATOM   1417 O  O   . ILE A 1 193 ? 14.225  -8.537  -8.830  1.00 34.97  ? 193 ILE A O   1 
ATOM   1418 C  CB  . ILE A 1 193 ? 13.405  -6.246  -6.461  1.00 33.80  ? 193 ILE A CB  1 
ATOM   1419 C  CG1 . ILE A 1 193 ? 12.290  -6.231  -5.402  1.00 33.87  ? 193 ILE A CG1 1 
ATOM   1420 C  CG2 . ILE A 1 193 ? 12.879  -5.751  -7.796  1.00 35.21  ? 193 ILE A CG2 1 
ATOM   1421 C  CD1 . ILE A 1 193 ? 12.099  -4.919  -4.656  1.00 36.41  ? 193 ILE A CD1 1 
ATOM   1422 N  N   . GLU A 1 194 ? 16.024  -7.537  -7.899  1.00 34.43  ? 194 GLU A N   1 
ATOM   1423 C  CA  . GLU A 1 194 ? 16.869  -7.870  -9.043  1.00 34.82  ? 194 GLU A CA  1 
ATOM   1424 C  C   . GLU A 1 194 ? 16.991  -9.374  -9.268  1.00 34.80  ? 194 GLU A C   1 
ATOM   1425 O  O   . GLU A 1 194 ? 16.850  -9.840  -10.388 1.00 35.42  ? 194 GLU A O   1 
ATOM   1426 C  CB  . GLU A 1 194 ? 18.239  -7.195  -8.948  1.00 34.86  ? 194 GLU A CB  1 
ATOM   1427 C  CG  . GLU A 1 194 ? 18.208  -5.716  -9.354  1.00 37.96  ? 194 GLU A CG  1 
ATOM   1428 C  CD  . GLU A 1 194 ? 17.654  -5.459  -10.778 1.00 42.22  ? 194 GLU A CD  1 
ATOM   1429 O  OE1 . GLU A 1 194 ? 18.013  -6.212  -11.721 1.00 41.36  ? 194 GLU A OE1 1 
ATOM   1430 O  OE2 . GLU A 1 194 ? 16.874  -4.476  -10.962 1.00 44.11  ? 194 GLU A OE2 1 
ATOM   1431 N  N   . ARG A 1 195 ? 17.221  -10.137 -8.202  1.00 34.32  ? 195 ARG A N   1 
ATOM   1432 C  CA  . ARG A 1 195 ? 17.258  -11.586 -8.299  1.00 34.89  ? 195 ARG A CA  1 
ATOM   1433 C  C   . ARG A 1 195 ? 15.940  -12.204 -8.773  1.00 34.52  ? 195 ARG A C   1 
ATOM   1434 O  O   . ARG A 1 195 ? 15.955  -13.218 -9.460  1.00 34.58  ? 195 ARG A O   1 
ATOM   1435 C  CB  . ARG A 1 195 ? 17.709  -12.214 -6.973  1.00 34.83  ? 195 ARG A CB  1 
ATOM   1436 C  CG  . ARG A 1 195 ? 19.137  -11.829 -6.558  1.00 35.51  ? 195 ARG A CG  1 
ATOM   1437 C  CD  . ARG A 1 195 ? 19.504  -12.389 -5.165  1.00 36.97  ? 195 ARG A CD  1 
ATOM   1438 N  NE  . ARG A 1 195 ? 20.141  -13.697 -5.266  1.00 42.91  ? 195 ARG A NE  1 
ATOM   1439 C  CZ  . ARG A 1 195 ? 19.475  -14.827 -5.444  1.00 46.97  ? 195 ARG A CZ  1 
ATOM   1440 N  NH1 . ARG A 1 195 ? 18.155  -14.808 -5.533  1.00 50.22  ? 195 ARG A NH1 1 
ATOM   1441 N  NH2 . ARG A 1 195 ? 20.120  -15.979 -5.536  1.00 51.37  ? 195 ARG A NH2 1 
ATOM   1442 N  N   . ALA A 1 196 ? 14.806  -11.603 -8.413  1.00 34.77  ? 196 ALA A N   1 
ATOM   1443 C  CA  . ALA A 1 196 ? 13.515  -12.036 -8.942  1.00 35.10  ? 196 ALA A CA  1 
ATOM   1444 C  C   . ALA A 1 196 ? 13.473  -11.922 -10.481 1.00 35.71  ? 196 ALA A C   1 
ATOM   1445 O  O   . ALA A 1 196 ? 12.931  -12.793 -11.160 1.00 35.72  ? 196 ALA A O   1 
ATOM   1446 C  CB  . ALA A 1 196 ? 12.370  -11.244 -8.302  1.00 34.63  ? 196 ALA A CB  1 
ATOM   1447 N  N   . LEU A 1 197 ? 14.084  -10.872 -11.021 1.00 36.23  ? 197 LEU A N   1 
ATOM   1448 C  CA  . LEU A 1 197 ? 14.075  -10.626 -12.458 1.00 37.37  ? 197 LEU A CA  1 
ATOM   1449 C  C   . LEU A 1 197 ? 15.026  -11.529 -13.234 1.00 38.46  ? 197 LEU A C   1 
ATOM   1450 O  O   . LEU A 1 197 ? 14.921  -11.610 -14.452 1.00 38.69  ? 197 LEU A O   1 
ATOM   1451 C  CB  . LEU A 1 197 ? 14.373  -9.143  -12.767 1.00 36.84  ? 197 LEU A CB  1 
ATOM   1452 C  CG  . LEU A 1 197 ? 13.479  -8.137  -12.037 1.00 36.71  ? 197 LEU A CG  1 
ATOM   1453 C  CD1 . LEU A 1 197 ? 13.816  -6.683  -12.374 1.00 35.80  ? 197 LEU A CD1 1 
ATOM   1454 C  CD2 . LEU A 1 197 ? 12.018  -8.424  -12.335 1.00 37.19  ? 197 LEU A CD2 1 
ATOM   1455 N  N   . ALA A 1 198 ? 15.921  -12.221 -12.531 1.00 39.42  ? 198 ALA A N   1 
ATOM   1456 C  CA  . ALA A 1 198 ? 16.984  -12.987 -13.185 1.00 41.34  ? 198 ALA A CA  1 
ATOM   1457 C  C   . ALA A 1 198 ? 16.667  -14.440 -13.552 1.00 42.48  ? 198 ALA A C   1 
ATOM   1458 O  O   . ALA A 1 198 ? 17.322  -14.981 -14.432 1.00 43.65  ? 198 ALA A O   1 
ATOM   1459 C  CB  . ALA A 1 198 ? 18.304  -12.897 -12.402 1.00 40.91  ? 198 ALA A CB  1 
ATOM   1460 N  N   . GLN A 1 199 ? 15.698  -15.098 -12.923 1.00 43.56  ? 199 GLN A N   1 
ATOM   1461 C  CA  . GLN A 1 199 ? 15.276  -16.382 -13.524 1.00 44.98  ? 199 GLN A CA  1 
ATOM   1462 C  C   . GLN A 1 199 ? 13.834  -16.821 -13.270 1.00 44.96  ? 199 GLN A C   1 
ATOM   1463 O  O   . GLN A 1 199 ? 13.411  -17.884 -13.751 1.00 46.03  ? 199 GLN A O   1 
ATOM   1464 C  CB  . GLN A 1 199 ? 16.239  -17.524 -13.171 1.00 44.73  ? 199 GLN A CB  1 
ATOM   1465 C  CG  . GLN A 1 199 ? 15.793  -18.893 -13.687 1.00 47.13  ? 199 GLN A CG  1 
ATOM   1466 C  CD  . GLN A 1 199 ? 16.466  -19.325 -14.979 1.00 50.03  ? 199 GLN A CD  1 
ATOM   1467 O  OE1 . GLN A 1 199 ? 16.775  -20.513 -15.158 1.00 50.61  ? 199 GLN A OE1 1 
ATOM   1468 N  NE2 . GLN A 1 199 ? 16.703  -18.370 -15.883 1.00 49.94  ? 199 GLN A NE2 1 
ATOM   1469 N  N   . SER A 1 200 ? 13.084  -16.019 -12.536 1.00 44.36  ? 200 SER A N   1 
ATOM   1470 C  CA  . SER A 1 200 ? 11.712  -16.390 -12.156 1.00 43.33  ? 200 SER A CA  1 
ATOM   1471 C  C   . SER A 1 200 ? 10.827  -16.595 -13.371 1.00 42.90  ? 200 SER A C   1 
ATOM   1472 O  O   . SER A 1 200 ? 11.161  -17.379 -14.273 1.00 41.58  ? 200 SER A O   1 
ATOM   1473 C  CB  . SER A 1 200 ? 11.103  -15.332 -11.227 1.00 43.44  ? 200 SER A CB  1 
ATOM   1474 O  OG  . SER A 1 200 ? 11.966  -14.973 -10.152 1.00 39.49  ? 200 SER A OG  1 
HETATM 1475 CA CA  . CA  B 2 .   ? -4.288  -6.695  -17.138 1.00 103.79 ? 201 CA  A CA  1 
HETATM 1476 S  S   . SO4 C 3 .   ? -4.594  -12.454 10.777  1.00 43.75  ? 202 SO4 A S   1 
HETATM 1477 O  O1  . SO4 C 3 .   ? -4.264  -12.248 12.195  1.00 48.40  ? 202 SO4 A O1  1 
HETATM 1478 O  O2  . SO4 C 3 .   ? -5.613  -11.462 10.442  1.00 46.21  ? 202 SO4 A O2  1 
HETATM 1479 O  O3  . SO4 C 3 .   ? -3.382  -12.414 9.928   1.00 44.40  ? 202 SO4 A O3  1 
HETATM 1480 O  O4  . SO4 C 3 .   ? -5.243  -13.779 10.633  1.00 46.89  ? 202 SO4 A O4  1 
HETATM 1481 O  O   . HOH D 4 .   ? -15.074 -11.935 3.142   0.50 23.50  ? 203 HOH A O   1 
HETATM 1482 O  O   . HOH D 4 .   ? -18.081 4.169   15.293  1.00 28.38  ? 204 HOH A O   1 
HETATM 1483 O  O   . HOH D 4 .   ? -0.906  1.927   2.887   1.00 55.72  ? 205 HOH A O   1 
HETATM 1484 O  O   . HOH D 4 .   ? 3.089   4.489   5.211   1.00 30.31  ? 206 HOH A O   1 
HETATM 1485 O  O   . HOH D 4 .   ? -14.011 -7.468  7.248   1.00 22.17  ? 207 HOH A O   1 
HETATM 1486 O  O   . HOH D 4 .   ? 10.465  -1.429  -20.465 1.00 36.46  ? 208 HOH A O   1 
HETATM 1487 O  O   . HOH D 4 .   ? 4.484   -6.165  -0.548  1.00 29.64  ? 209 HOH A O   1 
HETATM 1488 O  O   . HOH D 4 .   ? -13.371 -7.648  -8.031  1.00 44.07  ? 210 HOH A O   1 
HETATM 1489 O  O   . HOH D 4 .   ? 11.884  8.425   -18.318 1.00 30.37  ? 211 HOH A O   1 
HETATM 1490 O  O   . HOH D 4 .   ? 10.159  7.179   -10.641 1.00 28.73  ? 212 HOH A O   1 
HETATM 1491 O  O   . HOH D 4 .   ? -22.475 14.749  18.129  1.00 40.66  ? 213 HOH A O   1 
HETATM 1492 O  O   . HOH D 4 .   ? -7.016  -5.017  17.096  0.50 48.85  ? 214 HOH A O   1 
HETATM 1493 O  O   . HOH D 4 .   ? 2.910   -1.280  8.557   1.00 26.18  ? 215 HOH A O   1 
HETATM 1494 O  O   . HOH D 4 .   ? 5.060   -7.210  6.552   1.00 26.06  ? 216 HOH A O   1 
HETATM 1495 O  O   . HOH D 4 .   ? -2.162  -11.922 5.680   1.00 46.49  ? 217 HOH A O   1 
HETATM 1496 O  O   . HOH D 4 .   ? 13.266  -5.066  17.997  1.00 44.30  ? 218 HOH A O   1 
HETATM 1497 O  O   . HOH D 4 .   ? -17.781 19.312  14.082  1.00 37.65  ? 219 HOH A O   1 
HETATM 1498 O  O   . HOH D 4 .   ? 18.296  2.191   1.614   1.00 48.95  ? 220 HOH A O   1 
HETATM 1499 O  O   . HOH D 4 .   ? 11.880  -9.372  7.562   1.00 36.11  ? 221 HOH A O   1 
HETATM 1500 O  O   . HOH D 4 .   ? 14.689  2.619   -4.008  1.00 22.94  ? 222 HOH A O   1 
HETATM 1501 O  O   . HOH D 4 .   ? 7.749   0.430   6.639   1.00 29.83  ? 223 HOH A O   1 
HETATM 1502 O  O   . HOH D 4 .   ? 20.892  -9.106  -6.762  1.00 49.90  ? 224 HOH A O   1 
HETATM 1503 O  O   . HOH D 4 .   ? 4.337   -16.599 -16.870 1.00 40.05  ? 225 HOH A O   1 
HETATM 1504 O  O   . HOH D 4 .   ? 12.078  -12.209 -2.434  1.00 30.20  ? 226 HOH A O   1 
HETATM 1505 O  O   . HOH D 4 .   ? -1.915  -6.135  11.402  1.00 48.40  ? 227 HOH A O   1 
HETATM 1506 O  O   . HOH D 4 .   ? -3.873  -2.097  -11.038 1.00 26.71  ? 228 HOH A O   1 
HETATM 1507 O  O   . HOH D 4 .   ? 23.093  -1.096  3.595   1.00 56.78  ? 229 HOH A O   1 
HETATM 1508 O  O   . HOH D 4 .   ? 8.200   4.334   10.401  1.00 57.18  ? 230 HOH A O   1 
HETATM 1509 O  O   . HOH D 4 .   ? 5.377   0.201   13.402  1.00 40.04  ? 231 HOH A O   1 
HETATM 1510 O  O   . HOH D 4 .   ? 2.178   -14.624 -7.669  1.00 34.74  ? 232 HOH A O   1 
HETATM 1511 O  O   . HOH D 4 .   ? 14.281  -1.061  -9.270  1.00 31.12  ? 233 HOH A O   1 
HETATM 1512 O  O   . HOH D 4 .   ? -9.626  21.073  6.769   1.00 65.04  ? 234 HOH A O   1 
HETATM 1513 O  O   . HOH D 4 .   ? 8.649   0.936   14.412  1.00 52.46  ? 235 HOH A O   1 
HETATM 1514 O  O   . HOH D 4 .   ? 1.379   -7.092  -22.198 1.00 29.28  ? 236 HOH A O   1 
HETATM 1515 O  O   . HOH D 4 .   ? 3.733   10.864  -1.205  1.00 106.73 ? 237 HOH A O   1 
HETATM 1516 O  O   . HOH D 4 .   ? -0.099  5.959   2.456   1.00 32.39  ? 238 HOH A O   1 
HETATM 1517 O  O   . HOH D 4 .   ? 4.623   -4.559  1.428   1.00 33.33  ? 239 HOH A O   1 
HETATM 1518 O  O   . HOH D 4 .   ? 16.821  4.127   5.408   1.00 50.95  ? 240 HOH A O   1 
HETATM 1519 O  O   . HOH D 4 .   ? 11.585  5.583   8.330   1.00 48.91  ? 241 HOH A O   1 
HETATM 1520 O  O   . HOH D 4 .   ? -11.154 7.693   0.461   1.00 31.95  ? 242 HOH A O   1 
HETATM 1521 O  O   . HOH D 4 .   ? 10.729  7.899   -1.968  1.00 50.47  ? 243 HOH A O   1 
HETATM 1522 O  O   . HOH D 4 .   ? -20.721 2.747   13.175  1.00 37.71  ? 244 HOH A O   1 
HETATM 1523 O  O   . HOH D 4 .   ? 13.802  -6.980  16.257  1.00 43.17  ? 245 HOH A O   1 
HETATM 1524 O  O   . HOH D 4 .   ? -17.917 5.638   17.750  1.00 34.70  ? 246 HOH A O   1 
HETATM 1525 O  O   . HOH D 4 .   ? -15.193 15.255  20.381  1.00 36.69  ? 247 HOH A O   1 
HETATM 1526 O  O   . HOH D 4 .   ? 14.088  -14.841 -5.961  1.00 49.05  ? 248 HOH A O   1 
HETATM 1527 O  O   . HOH D 4 .   ? 11.725  0.535   -23.470 1.00 47.45  ? 249 HOH A O   1 
HETATM 1528 O  O   . HOH D 4 .   ? -5.970  -3.157  -12.134 1.00 44.06  ? 250 HOH A O   1 
HETATM 1529 O  O   . HOH D 4 .   ? -28.054 7.105   10.514  1.00 54.37  ? 251 HOH A O   1 
HETATM 1530 O  O   . HOH D 4 .   ? 10.141  8.465   7.683   1.00 46.40  ? 252 HOH A O   1 
HETATM 1531 O  O   . HOH D 4 .   ? 15.474  -10.571 14.331  1.00 50.04  ? 253 HOH A O   1 
HETATM 1532 O  O   . HOH D 4 .   ? 4.906   -1.809  -12.465 1.00 29.51  ? 254 HOH A O   1 
HETATM 1533 O  O   . HOH D 4 .   ? 21.312  -14.757 -9.305  1.00 52.65  ? 255 HOH A O   1 
HETATM 1534 O  O   . HOH D 4 .   ? -10.435 1.167   -0.724  1.00 53.35  ? 256 HOH A O   1 
HETATM 1535 O  O   . HOH D 4 .   ? -17.626 1.936   17.165  1.00 63.69  ? 257 HOH A O   1 
HETATM 1536 O  O   . HOH D 4 .   ? -5.889  -4.444  14.840  1.00 45.65  ? 258 HOH A O   1 
HETATM 1537 O  O   . HOH D 4 .   ? 2.560   -2.064  -18.139 1.00 47.04  ? 259 HOH A O   1 
HETATM 1538 O  O   . HOH D 4 .   ? 11.986  6.985   -20.167 1.00 48.06  ? 260 HOH A O   1 
HETATM 1539 O  O   . HOH D 4 .   ? -6.315  -9.795  -3.167  1.00 32.17  ? 261 HOH A O   1 
HETATM 1540 O  O   . HOH D 4 .   ? -15.908 -5.744  8.130   1.00 43.75  ? 262 HOH A O   1 
HETATM 1541 O  O   . HOH D 4 .   ? 19.394  -0.006  2.833   1.00 51.51  ? 263 HOH A O   1 
HETATM 1542 O  O   . HOH D 4 .   ? 6.373   -20.705 -9.945  1.00 49.93  ? 264 HOH A O   1 
HETATM 1543 O  O   . HOH D 4 .   ? -16.224 -7.055  -3.647  1.00 51.76  ? 265 HOH A O   1 
HETATM 1544 O  O   . HOH D 4 .   ? 13.964  -12.667 -4.722  1.00 31.24  ? 266 HOH A O   1 
HETATM 1545 O  O   . HOH D 4 .   ? 9.092   6.355   -3.207  1.00 38.39  ? 267 HOH A O   1 
HETATM 1546 O  O   . HOH D 4 .   ? -3.754  -3.058  10.457  1.00 43.97  ? 268 HOH A O   1 
HETATM 1547 O  O   . HOH D 4 .   ? -3.271  -4.542  13.266  1.00 38.81  ? 269 HOH A O   1 
HETATM 1548 O  O   . HOH D 4 .   ? -2.290  -1.168  10.802  1.00 43.41  ? 270 HOH A O   1 
HETATM 1549 O  O   . HOH D 4 .   ? 4.967   -4.999  -2.624  1.00 35.29  ? 271 HOH A O   1 
HETATM 1550 O  O   . HOH D 4 .   ? 7.322   2.938   12.706  1.00 37.31  ? 272 HOH A O   1 
HETATM 1551 O  O   . HOH D 4 .   ? 3.079   -10.329 6.561   0.50 16.85  ? 273 HOH A O   1 
HETATM 1552 O  O   . HOH D 4 .   ? -15.919 -3.679  0.446   1.00 33.95  ? 274 HOH A O   1 
HETATM 1553 O  O   . HOH D 4 .   ? 1.305   10.835  -1.974  1.00 43.07  ? 275 HOH A O   1 
HETATM 1554 O  O   . HOH D 4 .   ? 16.016  -3.393  -7.122  1.00 43.70  ? 276 HOH A O   1 
HETATM 1555 O  O   . HOH D 4 .   ? 3.863   -2.086  0.079   1.00 40.83  ? 277 HOH A O   1 
HETATM 1556 O  O   . HOH D 4 .   ? 0.667   -6.405  -19.675 1.00 33.80  ? 278 HOH A O   1 
HETATM 1557 O  O   . HOH D 4 .   ? 5.171   -9.153  -28.330 1.00 42.86  ? 279 HOH A O   1 
HETATM 1558 O  O   . HOH D 4 .   ? -2.410  -1.288  -12.883 1.00 35.72  ? 280 HOH A O   1 
HETATM 1559 O  O   . HOH D 4 .   ? -15.352 -10.333 11.033  1.00 61.41  ? 281 HOH A O   1 
HETATM 1560 O  O   . HOH D 4 .   ? 15.067  -0.844  -6.487  1.00 44.00  ? 282 HOH A O   1 
HETATM 1561 O  O   . HOH D 4 .   ? -1.880  8.267   -9.117  1.00 65.66  ? 283 HOH A O   1 
HETATM 1562 O  O   . HOH D 4 .   ? 4.605   -5.456  8.455   1.00 44.97  ? 284 HOH A O   1 
HETATM 1563 O  O   . HOH D 4 .   ? 13.422  2.734   -14.817 1.00 45.83  ? 285 HOH A O   1 
HETATM 1564 O  O   . HOH D 4 .   ? -4.490  -9.871  -8.932  1.00 38.30  ? 286 HOH A O   1 
HETATM 1565 O  O   . HOH D 4 .   ? -1.860  10.938  6.759   1.00 52.10  ? 287 HOH A O   1 
HETATM 1566 O  O   . HOH D 4 .   ? 4.210   10.464  -14.352 1.00 38.91  ? 288 HOH A O   1 
HETATM 1567 O  O   . HOH D 4 .   ? -5.491  14.632  16.030  1.00 45.97  ? 289 HOH A O   1 
HETATM 1568 O  O   . HOH D 4 .   ? 15.376  -1.241  -17.060 1.00 39.22  ? 290 HOH A O   1 
HETATM 1569 O  O   . HOH D 4 .   ? -19.176 -6.578  7.048   1.00 48.55  ? 291 HOH A O   1 
HETATM 1570 O  O   . HOH D 4 .   ? 7.573   -10.399 -30.272 1.00 47.26  ? 292 HOH A O   1 
HETATM 1571 O  O   . HOH D 4 .   ? -1.505  8.382   3.458   1.00 39.90  ? 293 HOH A O   1 
HETATM 1572 O  O   . HOH D 4 .   ? 1.089   -8.638  5.992   1.00 52.06  ? 294 HOH A O   1 
HETATM 1573 O  O   . HOH D 4 .   ? -20.106 -5.248  0.664   1.00 65.27  ? 295 HOH A O   1 
HETATM 1574 O  O   . HOH D 4 .   ? 22.784  -12.902 -6.806  1.00 43.55  ? 296 HOH A O   1 
HETATM 1575 O  O   . HOH D 4 .   ? 1.557   -2.163  -1.059  1.00 47.70  ? 297 HOH A O   1 
HETATM 1576 O  O   . HOH D 4 .   ? 14.233  -15.487 -25.143 1.00 49.76  ? 298 HOH A O   1 
HETATM 1577 O  O   . HOH D 4 .   ? 15.670  0.999   -15.799 1.00 45.53  ? 299 HOH A O   1 
HETATM 1578 O  O   . HOH D 4 .   ? 1.115   -15.711 -5.133  1.00 57.70  ? 300 HOH A O   1 
HETATM 1579 O  O   . HOH D 4 .   ? 0.893   -11.004 -23.246 1.00 59.85  ? 301 HOH A O   1 
HETATM 1580 O  O   . HOH D 4 .   ? 5.481   2.564   14.652  1.00 46.14  ? 302 HOH A O   1 
HETATM 1581 O  O   . HOH D 4 .   ? -17.624 -5.729  -0.238  1.00 60.07  ? 303 HOH A O   1 
HETATM 1582 O  O   . HOH D 4 .   ? -13.323 -0.405  15.426  1.00 52.75  ? 304 HOH A O   1 
HETATM 1583 O  O   . HOH D 4 .   ? 18.087  -3.421  14.526  1.00 68.22  ? 305 HOH A O   1 
HETATM 1584 O  O   . HOH D 4 .   ? 22.483  1.938   1.027   1.00 56.29  ? 306 HOH A O   1 
HETATM 1585 O  O   . HOH D 4 .   ? 3.467   -16.970 -14.589 1.00 47.06  ? 307 HOH A O   1 
HETATM 1586 O  O   . HOH D 4 .   ? -18.649 -9.959  8.272   0.50 36.07  ? 308 HOH A O   1 
HETATM 1587 O  O   . HOH D 4 .   ? 14.772  -3.636  -9.617  1.00 43.12  ? 309 HOH A O   1 
HETATM 1588 O  O   . HOH D 4 .   ? -19.448 -3.201  6.983   1.00 79.15  ? 310 HOH A O   1 
HETATM 1589 O  O   . HOH D 4 .   ? 0.527   3.307   3.639   1.00 32.26  ? 311 HOH A O   1 
HETATM 1590 O  O   . HOH D 4 .   ? -17.251 19.878  7.145   1.00 54.15  ? 312 HOH A O   1 
HETATM 1591 O  O   . HOH D 4 .   ? 18.444  -5.890  13.483  0.50 46.83  ? 313 HOH A O   1 
HETATM 1592 O  O   . HOH D 4 .   ? -14.101 -10.498 -1.113  1.00 58.57  ? 314 HOH A O   1 
HETATM 1593 O  O   . HOH D 4 .   ? 14.177  3.648   -12.393 1.00 50.02  ? 315 HOH A O   1 
HETATM 1594 O  O   . HOH D 4 .   ? 15.240  6.323   1.490   1.00 49.51  ? 316 HOH A O   1 
HETATM 1595 O  O   . HOH D 4 .   ? 2.144   -19.340 -13.427 0.50 43.41  ? 317 HOH A O   1 
HETATM 1596 O  O   . HOH D 4 .   ? 11.994  -9.436  10.278  1.00 46.89  ? 318 HOH A O   1 
HETATM 1597 O  O   . HOH D 4 .   ? 1.233   -1.563  -20.594 1.00 46.14  ? 319 HOH A O   1 
HETATM 1598 O  O   . HOH D 4 .   ? -11.583 13.389  25.171  1.00 56.67  ? 320 HOH A O   1 
HETATM 1599 O  O   . HOH D 4 .   ? -0.859  2.292   -14.341 1.00 48.33  ? 321 HOH A O   1 
HETATM 1600 O  O   . HOH D 4 .   ? -2.857  12.938  -10.459 1.00 48.10  ? 322 HOH A O   1 
HETATM 1601 O  O   . HOH D 4 .   ? 9.886   -20.983 -11.953 1.00 47.05  ? 323 HOH A O   1 
HETATM 1602 O  O   . HOH D 4 .   ? -1.755  5.853   -11.936 1.00 66.76  ? 324 HOH A O   1 
HETATM 1603 O  O   . HOH D 4 .   ? 15.151  3.017   -18.499 1.00 54.91  ? 325 HOH A O   1 
HETATM 1604 O  O   . HOH D 4 .   ? 7.088   -4.738  -3.419  1.00 45.74  ? 326 HOH A O   1 
HETATM 1605 O  O   . HOH D 4 .   ? -3.851  11.980  2.574   1.00 63.82  ? 327 HOH A O   1 
HETATM 1606 O  O   . HOH D 4 .   ? -6.023  18.619  11.300  1.00 75.74  ? 328 HOH A O   1 
HETATM 1607 O  O   . HOH D 4 .   ? 16.272  1.387   -5.608  1.00 38.95  ? 329 HOH A O   1 
# 
